data_6US3
# 
_entry.id   6US3 
# 
_audit_conform.dict_name       mmcif_pdbx.dic 
_audit_conform.dict_version    5.380 
_audit_conform.dict_location   http://mmcif.pdb.org/dictionaries/ascii/mmcif_pdbx.dic 
# 
loop_
_database_2.database_id 
_database_2.database_code 
_database_2.pdbx_database_accession 
_database_2.pdbx_DOI 
PDB   6US3         pdb_00006us3 10.2210/pdb6us3/pdb 
WWPDB D_1000245101 ?            ?                   
# 
_pdbx_database_status.status_code                     REL 
_pdbx_database_status.status_code_sf                  REL 
_pdbx_database_status.status_code_mr                  ? 
_pdbx_database_status.entry_id                        6US3 
_pdbx_database_status.recvd_initial_deposition_date   2019-10-24 
_pdbx_database_status.SG_entry                        N 
_pdbx_database_status.deposit_site                    RCSB 
_pdbx_database_status.process_site                    RCSB 
_pdbx_database_status.status_code_cs                  ? 
_pdbx_database_status.methods_development_category    ? 
_pdbx_database_status.pdb_format_compatible           Y 
_pdbx_database_status.status_code_nmr_data            ? 
# 
loop_
_audit_author.name 
_audit_author.pdbx_ordinal 
_audit_author.identifier_ORCID 
'Newby, Z.E.R.' 1 ? 
'Lansdon, E.B.' 2 ? 
# 
_citation.abstract                  ? 
_citation.abstract_id_CAS           ? 
_citation.book_id_ISBN              ? 
_citation.book_publisher            ? 
_citation.book_publisher_city       ? 
_citation.book_title                ? 
_citation.coordinate_linkage        ? 
_citation.country                   US 
_citation.database_id_Medline       ? 
_citation.details                   ? 
_citation.id                        primary 
_citation.journal_abbrev            'Acs Med.Chem.Lett.' 
_citation.journal_id_ASTM           ? 
_citation.journal_id_CSD            ? 
_citation.journal_id_ISSN           1948-5875 
_citation.journal_full              ? 
_citation.journal_issue             ? 
_citation.journal_volume            11 
_citation.language                  ? 
_citation.page_first                358 
_citation.page_last                 364 
_citation.title                     
'Discovery of Potent and Selective MTH1 Inhibitors for Oncology: Enabling Rapid Target (In)Validation.' 
_citation.year                      2020 
_citation.database_id_CSD           ? 
_citation.pdbx_database_id_DOI      10.1021/acsmedchemlett.9b00420 
_citation.pdbx_database_id_PubMed   32184970 
_citation.unpublished_flag          ? 
# 
loop_
_citation_author.citation_id 
_citation_author.name 
_citation_author.ordinal 
_citation_author.identifier_ORCID 
primary 'Farand, J.'               1  ? 
primary 'Kropf, J.E.'              2  ? 
primary 'Blomgren, P.'             3  ? 
primary 'Xu, J.'                   4  ? 
primary 'Schmitt, A.C.'            5  ? 
primary 'Newby, Z.E.'              6  ? 
primary 'Wang, T.'                 7  ? 
primary 'Murakami, E.'             8  ? 
primary 'Barauskas, O.'            9  ? 
primary 'Sudhamsu, J.'             10 ? 
primary 'Feng, J.Y.'               11 ? 
primary 'Niedziela-Majka, A.'      12 ? 
primary 'Schultz, B.E.'            13 ? 
primary 'Schwartz, K.'             14 ? 
primary 'Viatchenko-Karpinski, S.' 15 ? 
primary 'Kornyeyev, D.'            16 ? 
primary 'Kashishian, A.'           17 ? 
primary 'Fan, P.'                  18 ? 
primary 'Chen, X.'                 19 ? 
primary 'Lansdon, E.B.'            20 ? 
primary 'Ports, M.O.'              21 ? 
primary 'Currie, K.S.'             22 ? 
primary 'Watkins, W.J.'            23 ? 
primary 'Notte, G.T.'              24 ? 
# 
_cell.angle_alpha                  90.0 
_cell.angle_alpha_esd              ? 
_cell.angle_beta                   90.0 
_cell.angle_beta_esd               ? 
_cell.angle_gamma                  90.0 
_cell.angle_gamma_esd              ? 
_cell.entry_id                     6US3 
_cell.details                      ? 
_cell.formula_units_Z              ? 
_cell.length_a                     36.333 
_cell.length_a_esd                 ? 
_cell.length_b                     59.868 
_cell.length_b_esd                 ? 
_cell.length_c                     66.523 
_cell.length_c_esd                 ? 
_cell.volume                       144699.768159 
_cell.volume_esd                   ? 
_cell.Z_PDB                        4 
_cell.reciprocal_angle_alpha       ? 
_cell.reciprocal_angle_beta        ? 
_cell.reciprocal_angle_gamma       ? 
_cell.reciprocal_angle_alpha_esd   ? 
_cell.reciprocal_angle_beta_esd    ? 
_cell.reciprocal_angle_gamma_esd   ? 
_cell.reciprocal_length_a          ? 
_cell.reciprocal_length_b          ? 
_cell.reciprocal_length_c          ? 
_cell.reciprocal_length_a_esd      ? 
_cell.reciprocal_length_b_esd      ? 
_cell.reciprocal_length_c_esd      ? 
_cell.pdbx_unique_axis             ? 
# 
_symmetry.entry_id                         6US3 
_symmetry.cell_setting                     ? 
_symmetry.Int_Tables_number                18 
_symmetry.space_group_name_Hall            'P 2 2ab (z,x,y)' 
_symmetry.space_group_name_H-M             'P 2 21 21' 
_symmetry.pdbx_full_space_group_name_H-M   ? 
# 
loop_
_entity.id 
_entity.type 
_entity.src_method 
_entity.pdbx_description 
_entity.formula_weight 
_entity.pdbx_number_of_molecules 
_entity.pdbx_ec 
_entity.pdbx_mutation 
_entity.pdbx_fragment 
_entity.details 
1 polymer     man '7,8-dihydro-8-oxoguanine triphosphatase'                   18253.736 1   3.6.1.55,3.6.1.56 ? ? ? 
2 non-polymer syn 'N-[5-(2,3-dimethylphenyl)-1,6-naphthyridin-7-yl]acetamide' 291.347   1   ?                 ? ? ? 
3 water       nat water                                                       18.015    129 ?                 ? ? ? 
# 
_entity_name_com.entity_id   1 
_entity_name_com.name        
'2-hydroxy-dATP diphosphatase,8-oxo-dGTPase,Nucleoside diphosphate-linked moiety X motif 1,Nudix motif 1' 
# 
_entity_poly.entity_id                      1 
_entity_poly.type                           'polypeptide(L)' 
_entity_poly.nstd_linkage                   no 
_entity_poly.nstd_monomer                   no 
_entity_poly.pdbx_seq_one_letter_code       
;GSHMGASRLYTLVLVLQPQRVLLGMKKRGFGAGRWNGFGGKVQEGETIEDGARRELQEESGLTVDALHKVGQIVFEFVGE
PELMDVHVFCTDSIQGTPVESDEMRPCWFQLDQIPFKDMWPDDSYWFPLLLQKKKFHGYFKFQGQDTILDYTLREVDTV
;
_entity_poly.pdbx_seq_one_letter_code_can   
;GSHMGASRLYTLVLVLQPQRVLLGMKKRGFGAGRWNGFGGKVQEGETIEDGARRELQEESGLTVDALHKVGQIVFEFVGE
PELMDVHVFCTDSIQGTPVESDEMRPCWFQLDQIPFKDMWPDDSYWFPLLLQKKKFHGYFKFQGQDTILDYTLREVDTV
;
_entity_poly.pdbx_strand_id                 A 
_entity_poly.pdbx_target_identifier         ? 
# 
loop_
_entity_poly_seq.entity_id 
_entity_poly_seq.num 
_entity_poly_seq.mon_id 
_entity_poly_seq.hetero 
1 1   GLY n 
1 2   SER n 
1 3   HIS n 
1 4   MET n 
1 5   GLY n 
1 6   ALA n 
1 7   SER n 
1 8   ARG n 
1 9   LEU n 
1 10  TYR n 
1 11  THR n 
1 12  LEU n 
1 13  VAL n 
1 14  LEU n 
1 15  VAL n 
1 16  LEU n 
1 17  GLN n 
1 18  PRO n 
1 19  GLN n 
1 20  ARG n 
1 21  VAL n 
1 22  LEU n 
1 23  LEU n 
1 24  GLY n 
1 25  MET n 
1 26  LYS n 
1 27  LYS n 
1 28  ARG n 
1 29  GLY n 
1 30  PHE n 
1 31  GLY n 
1 32  ALA n 
1 33  GLY n 
1 34  ARG n 
1 35  TRP n 
1 36  ASN n 
1 37  GLY n 
1 38  PHE n 
1 39  GLY n 
1 40  GLY n 
1 41  LYS n 
1 42  VAL n 
1 43  GLN n 
1 44  GLU n 
1 45  GLY n 
1 46  GLU n 
1 47  THR n 
1 48  ILE n 
1 49  GLU n 
1 50  ASP n 
1 51  GLY n 
1 52  ALA n 
1 53  ARG n 
1 54  ARG n 
1 55  GLU n 
1 56  LEU n 
1 57  GLN n 
1 58  GLU n 
1 59  GLU n 
1 60  SER n 
1 61  GLY n 
1 62  LEU n 
1 63  THR n 
1 64  VAL n 
1 65  ASP n 
1 66  ALA n 
1 67  LEU n 
1 68  HIS n 
1 69  LYS n 
1 70  VAL n 
1 71  GLY n 
1 72  GLN n 
1 73  ILE n 
1 74  VAL n 
1 75  PHE n 
1 76  GLU n 
1 77  PHE n 
1 78  VAL n 
1 79  GLY n 
1 80  GLU n 
1 81  PRO n 
1 82  GLU n 
1 83  LEU n 
1 84  MET n 
1 85  ASP n 
1 86  VAL n 
1 87  HIS n 
1 88  VAL n 
1 89  PHE n 
1 90  CYS n 
1 91  THR n 
1 92  ASP n 
1 93  SER n 
1 94  ILE n 
1 95  GLN n 
1 96  GLY n 
1 97  THR n 
1 98  PRO n 
1 99  VAL n 
1 100 GLU n 
1 101 SER n 
1 102 ASP n 
1 103 GLU n 
1 104 MET n 
1 105 ARG n 
1 106 PRO n 
1 107 CYS n 
1 108 TRP n 
1 109 PHE n 
1 110 GLN n 
1 111 LEU n 
1 112 ASP n 
1 113 GLN n 
1 114 ILE n 
1 115 PRO n 
1 116 PHE n 
1 117 LYS n 
1 118 ASP n 
1 119 MET n 
1 120 TRP n 
1 121 PRO n 
1 122 ASP n 
1 123 ASP n 
1 124 SER n 
1 125 TYR n 
1 126 TRP n 
1 127 PHE n 
1 128 PRO n 
1 129 LEU n 
1 130 LEU n 
1 131 LEU n 
1 132 GLN n 
1 133 LYS n 
1 134 LYS n 
1 135 LYS n 
1 136 PHE n 
1 137 HIS n 
1 138 GLY n 
1 139 TYR n 
1 140 PHE n 
1 141 LYS n 
1 142 PHE n 
1 143 GLN n 
1 144 GLY n 
1 145 GLN n 
1 146 ASP n 
1 147 THR n 
1 148 ILE n 
1 149 LEU n 
1 150 ASP n 
1 151 TYR n 
1 152 THR n 
1 153 LEU n 
1 154 ARG n 
1 155 GLU n 
1 156 VAL n 
1 157 ASP n 
1 158 THR n 
1 159 VAL n 
# 
_entity_src_gen.entity_id                          1 
_entity_src_gen.pdbx_src_id                        1 
_entity_src_gen.pdbx_alt_source_flag               sample 
_entity_src_gen.pdbx_seq_type                      'Biological sequence' 
_entity_src_gen.pdbx_beg_seq_num                   1 
_entity_src_gen.pdbx_end_seq_num                   159 
_entity_src_gen.gene_src_common_name               Human 
_entity_src_gen.gene_src_genus                     ? 
_entity_src_gen.pdbx_gene_src_gene                 'NUDT1, MTH1' 
_entity_src_gen.gene_src_species                   ? 
_entity_src_gen.gene_src_strain                    ? 
_entity_src_gen.gene_src_tissue                    ? 
_entity_src_gen.gene_src_tissue_fraction           ? 
_entity_src_gen.gene_src_details                   ? 
_entity_src_gen.pdbx_gene_src_fragment             ? 
_entity_src_gen.pdbx_gene_src_scientific_name      'Homo sapiens' 
_entity_src_gen.pdbx_gene_src_ncbi_taxonomy_id     9606 
_entity_src_gen.pdbx_gene_src_variant              ? 
_entity_src_gen.pdbx_gene_src_cell_line            ? 
_entity_src_gen.pdbx_gene_src_atcc                 ? 
_entity_src_gen.pdbx_gene_src_organ                ? 
_entity_src_gen.pdbx_gene_src_organelle            ? 
_entity_src_gen.pdbx_gene_src_cell                 ? 
_entity_src_gen.pdbx_gene_src_cellular_location    ? 
_entity_src_gen.host_org_common_name               ? 
_entity_src_gen.pdbx_host_org_scientific_name      'Escherichia coli' 
_entity_src_gen.pdbx_host_org_ncbi_taxonomy_id     562 
_entity_src_gen.host_org_genus                     ? 
_entity_src_gen.pdbx_host_org_gene                 ? 
_entity_src_gen.pdbx_host_org_organ                ? 
_entity_src_gen.host_org_species                   ? 
_entity_src_gen.pdbx_host_org_tissue               ? 
_entity_src_gen.pdbx_host_org_tissue_fraction      ? 
_entity_src_gen.pdbx_host_org_strain               ? 
_entity_src_gen.pdbx_host_org_variant              ? 
_entity_src_gen.pdbx_host_org_cell_line            ? 
_entity_src_gen.pdbx_host_org_atcc                 ? 
_entity_src_gen.pdbx_host_org_culture_collection   ? 
_entity_src_gen.pdbx_host_org_cell                 ? 
_entity_src_gen.pdbx_host_org_organelle            ? 
_entity_src_gen.pdbx_host_org_cellular_location    ? 
_entity_src_gen.pdbx_host_org_vector_type          ? 
_entity_src_gen.pdbx_host_org_vector               ? 
_entity_src_gen.host_org_details                   ? 
_entity_src_gen.expression_system_id               ? 
_entity_src_gen.plasmid_name                       ? 
_entity_src_gen.plasmid_details                    ? 
_entity_src_gen.pdbx_description                   ? 
# 
_struct_ref.id                         1 
_struct_ref.db_name                    UNP 
_struct_ref.db_code                    8ODP_HUMAN 
_struct_ref.pdbx_db_accession          P36639 
_struct_ref.pdbx_db_isoform            ? 
_struct_ref.entity_id                  1 
_struct_ref.pdbx_seq_one_letter_code   
;MGASRLYTLVLVLQPQRVLLGMKKRGFGAGRWNGFGGKVQEGETIEDGARRELQEESGLTVDALHKVGQIVFEFVGEPEL
MDVHVFCTDSIQGTPVESDEMRPCWFQLDQIPFKDMWPDDSYWFPLLLQKKKFHGYFKFQGQDTILDYTLREVDTV
;
_struct_ref.pdbx_align_begin           42 
# 
_struct_ref_seq.align_id                      1 
_struct_ref_seq.ref_id                        1 
_struct_ref_seq.pdbx_PDB_id_code              6US3 
_struct_ref_seq.pdbx_strand_id                A 
_struct_ref_seq.seq_align_beg                 4 
_struct_ref_seq.pdbx_seq_align_beg_ins_code   ? 
_struct_ref_seq.seq_align_end                 159 
_struct_ref_seq.pdbx_seq_align_end_ins_code   ? 
_struct_ref_seq.pdbx_db_accession             P36639 
_struct_ref_seq.db_align_beg                  42 
_struct_ref_seq.pdbx_db_align_beg_ins_code    ? 
_struct_ref_seq.db_align_end                  197 
_struct_ref_seq.pdbx_db_align_end_ins_code    ? 
_struct_ref_seq.pdbx_auth_seq_align_beg       1 
_struct_ref_seq.pdbx_auth_seq_align_end       156 
# 
loop_
_struct_ref_seq_dif.align_id 
_struct_ref_seq_dif.pdbx_pdb_id_code 
_struct_ref_seq_dif.mon_id 
_struct_ref_seq_dif.pdbx_pdb_strand_id 
_struct_ref_seq_dif.seq_num 
_struct_ref_seq_dif.pdbx_pdb_ins_code 
_struct_ref_seq_dif.pdbx_seq_db_name 
_struct_ref_seq_dif.pdbx_seq_db_accession_code 
_struct_ref_seq_dif.db_mon_id 
_struct_ref_seq_dif.pdbx_seq_db_seq_num 
_struct_ref_seq_dif.details 
_struct_ref_seq_dif.pdbx_auth_seq_num 
_struct_ref_seq_dif.pdbx_ordinal 
1 6US3 GLY A 1 ? UNP P36639 ? ? 'expression tag' -2 1 
1 6US3 SER A 2 ? UNP P36639 ? ? 'expression tag' -1 2 
1 6US3 HIS A 3 ? UNP P36639 ? ? 'expression tag' 0  3 
# 
loop_
_chem_comp.id 
_chem_comp.type 
_chem_comp.mon_nstd_flag 
_chem_comp.name 
_chem_comp.pdbx_synonyms 
_chem_comp.formula 
_chem_comp.formula_weight 
8JF non-polymer         . 'N-[5-(2,3-dimethylphenyl)-1,6-naphthyridin-7-yl]acetamide' ? 'C18 H17 N3 O'   291.347 
ALA 'L-peptide linking' y ALANINE                                                     ? 'C3 H7 N O2'     89.093  
ARG 'L-peptide linking' y ARGININE                                                    ? 'C6 H15 N4 O2 1' 175.209 
ASN 'L-peptide linking' y ASPARAGINE                                                  ? 'C4 H8 N2 O3'    132.118 
ASP 'L-peptide linking' y 'ASPARTIC ACID'                                             ? 'C4 H7 N O4'     133.103 
CYS 'L-peptide linking' y CYSTEINE                                                    ? 'C3 H7 N O2 S'   121.158 
GLN 'L-peptide linking' y GLUTAMINE                                                   ? 'C5 H10 N2 O3'   146.144 
GLU 'L-peptide linking' y 'GLUTAMIC ACID'                                             ? 'C5 H9 N O4'     147.129 
GLY 'peptide linking'   y GLYCINE                                                     ? 'C2 H5 N O2'     75.067  
HIS 'L-peptide linking' y HISTIDINE                                                   ? 'C6 H10 N3 O2 1' 156.162 
HOH non-polymer         . WATER                                                       ? 'H2 O'           18.015  
ILE 'L-peptide linking' y ISOLEUCINE                                                  ? 'C6 H13 N O2'    131.173 
LEU 'L-peptide linking' y LEUCINE                                                     ? 'C6 H13 N O2'    131.173 
LYS 'L-peptide linking' y LYSINE                                                      ? 'C6 H15 N2 O2 1' 147.195 
MET 'L-peptide linking' y METHIONINE                                                  ? 'C5 H11 N O2 S'  149.211 
PHE 'L-peptide linking' y PHENYLALANINE                                               ? 'C9 H11 N O2'    165.189 
PRO 'L-peptide linking' y PROLINE                                                     ? 'C5 H9 N O2'     115.130 
SER 'L-peptide linking' y SERINE                                                      ? 'C3 H7 N O3'     105.093 
THR 'L-peptide linking' y THREONINE                                                   ? 'C4 H9 N O3'     119.119 
TRP 'L-peptide linking' y TRYPTOPHAN                                                  ? 'C11 H12 N2 O2'  204.225 
TYR 'L-peptide linking' y TYROSINE                                                    ? 'C9 H11 N O3'    181.189 
VAL 'L-peptide linking' y VALINE                                                      ? 'C5 H11 N O2'    117.146 
# 
_exptl.absorpt_coefficient_mu     ? 
_exptl.absorpt_correction_T_max   ? 
_exptl.absorpt_correction_T_min   ? 
_exptl.absorpt_correction_type    ? 
_exptl.absorpt_process_details    ? 
_exptl.entry_id                   6US3 
_exptl.crystals_number            1 
_exptl.details                    ? 
_exptl.method                     'X-RAY DIFFRACTION' 
_exptl.method_details             ? 
# 
_exptl_crystal.colour                      ? 
_exptl_crystal.density_diffrn              ? 
_exptl_crystal.density_Matthews            1.98 
_exptl_crystal.density_method              ? 
_exptl_crystal.density_percent_sol         37.93 
_exptl_crystal.description                 ? 
_exptl_crystal.F_000                       ? 
_exptl_crystal.id                          1 
_exptl_crystal.preparation                 ? 
_exptl_crystal.size_max                    ? 
_exptl_crystal.size_mid                    ? 
_exptl_crystal.size_min                    ? 
_exptl_crystal.size_rad                    ? 
_exptl_crystal.colour_lustre               ? 
_exptl_crystal.colour_modifier             ? 
_exptl_crystal.colour_primary              ? 
_exptl_crystal.density_meas                ? 
_exptl_crystal.density_meas_esd            ? 
_exptl_crystal.density_meas_gt             ? 
_exptl_crystal.density_meas_lt             ? 
_exptl_crystal.density_meas_temp           ? 
_exptl_crystal.density_meas_temp_esd       ? 
_exptl_crystal.density_meas_temp_gt        ? 
_exptl_crystal.density_meas_temp_lt        ? 
_exptl_crystal.pdbx_crystal_image_url      ? 
_exptl_crystal.pdbx_crystal_image_format   ? 
_exptl_crystal.pdbx_mosaicity              ? 
_exptl_crystal.pdbx_mosaicity_esd          ? 
# 
_exptl_crystal_grow.apparatus       ? 
_exptl_crystal_grow.atmosphere      ? 
_exptl_crystal_grow.crystal_id      1 
_exptl_crystal_grow.details         ? 
_exptl_crystal_grow.method          'VAPOR DIFFUSION, HANGING DROP' 
_exptl_crystal_grow.method_ref      ? 
_exptl_crystal_grow.pH              ? 
_exptl_crystal_grow.pressure        ? 
_exptl_crystal_grow.pressure_esd    ? 
_exptl_crystal_grow.seeding         ? 
_exptl_crystal_grow.seeding_ref     ? 
_exptl_crystal_grow.temp            293 
_exptl_crystal_grow.temp_details    ? 
_exptl_crystal_grow.temp_esd        ? 
_exptl_crystal_grow.time            ? 
_exptl_crystal_grow.pdbx_details    '30% PEG 6000, 0.1M sodium acetate pH 4.0, 0.2M lithium sulfate' 
_exptl_crystal_grow.pdbx_pH_range   ? 
# 
_diffrn.ambient_environment              ? 
_diffrn.ambient_temp                     100 
_diffrn.ambient_temp_details             ? 
_diffrn.ambient_temp_esd                 ? 
_diffrn.crystal_id                       1 
_diffrn.crystal_support                  ? 
_diffrn.crystal_treatment                ? 
_diffrn.details                          ? 
_diffrn.id                               1 
_diffrn.ambient_pressure                 ? 
_diffrn.ambient_pressure_esd             ? 
_diffrn.ambient_pressure_gt              ? 
_diffrn.ambient_pressure_lt              ? 
_diffrn.ambient_temp_gt                  ? 
_diffrn.ambient_temp_lt                  ? 
_diffrn.pdbx_serial_crystal_experiment   N 
# 
_diffrn_detector.details                      ? 
_diffrn_detector.detector                     CCD 
_diffrn_detector.diffrn_id                    1 
_diffrn_detector.type                         'ADSC QUANTUM 315r' 
_diffrn_detector.area_resol_mean              ? 
_diffrn_detector.dtime                        ? 
_diffrn_detector.pdbx_frames_total            ? 
_diffrn_detector.pdbx_collection_time_total   ? 
_diffrn_detector.pdbx_collection_date         2014-09-04 
_diffrn_detector.pdbx_frequency               ? 
# 
_diffrn_radiation.collimation                      ? 
_diffrn_radiation.diffrn_id                        1 
_diffrn_radiation.filter_edge                      ? 
_diffrn_radiation.inhomogeneity                    ? 
_diffrn_radiation.monochromator                    ? 
_diffrn_radiation.polarisn_norm                    ? 
_diffrn_radiation.polarisn_ratio                   ? 
_diffrn_radiation.probe                            ? 
_diffrn_radiation.type                             ? 
_diffrn_radiation.xray_symbol                      ? 
_diffrn_radiation.wavelength_id                    1 
_diffrn_radiation.pdbx_monochromatic_or_laue_m_l   M 
_diffrn_radiation.pdbx_wavelength_list             ? 
_diffrn_radiation.pdbx_wavelength                  ? 
_diffrn_radiation.pdbx_diffrn_protocol             'SINGLE WAVELENGTH' 
_diffrn_radiation.pdbx_analyzer                    ? 
_diffrn_radiation.pdbx_scattering_type             x-ray 
# 
_diffrn_radiation_wavelength.id           1 
_diffrn_radiation_wavelength.wavelength   0.97741 
_diffrn_radiation_wavelength.wt           1.0 
# 
_diffrn_source.current                     ? 
_diffrn_source.details                     ? 
_diffrn_source.diffrn_id                   1 
_diffrn_source.power                       ? 
_diffrn_source.size                        ? 
_diffrn_source.source                      SYNCHROTRON 
_diffrn_source.target                      ? 
_diffrn_source.type                        'ALS BEAMLINE 5.0.1' 
_diffrn_source.voltage                     ? 
_diffrn_source.take-off_angle              ? 
_diffrn_source.pdbx_wavelength_list        0.97741 
_diffrn_source.pdbx_wavelength             ? 
_diffrn_source.pdbx_synchrotron_beamline   5.0.1 
_diffrn_source.pdbx_synchrotron_site       ALS 
# 
_reflns.B_iso_Wilson_estimate            12.848321994 
_reflns.entry_id                         6US3 
_reflns.data_reduction_details           ? 
_reflns.data_reduction_method            ? 
_reflns.d_resolution_high                1.47 
_reflns.d_resolution_low                 50 
_reflns.details                          ? 
_reflns.limit_h_max                      ? 
_reflns.limit_h_min                      ? 
_reflns.limit_k_max                      ? 
_reflns.limit_k_min                      ? 
_reflns.limit_l_max                      ? 
_reflns.limit_l_min                      ? 
_reflns.number_all                       ? 
_reflns.number_obs                       25250 
_reflns.observed_criterion               ? 
_reflns.observed_criterion_F_max         ? 
_reflns.observed_criterion_F_min         ? 
_reflns.observed_criterion_I_max         ? 
_reflns.observed_criterion_I_min         ? 
_reflns.observed_criterion_sigma_F       ? 
_reflns.observed_criterion_sigma_I       ? 
_reflns.percent_possible_obs             99.4 
_reflns.R_free_details                   ? 
_reflns.Rmerge_F_all                     ? 
_reflns.Rmerge_F_obs                     ? 
_reflns.Friedel_coverage                 ? 
_reflns.number_gt                        ? 
_reflns.threshold_expression             ? 
_reflns.pdbx_redundancy                  4.9 
_reflns.pdbx_Rmerge_I_obs                0.053 
_reflns.pdbx_Rmerge_I_all                ? 
_reflns.pdbx_Rsym_value                  ? 
_reflns.pdbx_netI_over_av_sigmaI         ? 
_reflns.pdbx_netI_over_sigmaI            23.8 
_reflns.pdbx_res_netI_over_av_sigmaI_2   ? 
_reflns.pdbx_res_netI_over_sigmaI_2      ? 
_reflns.pdbx_chi_squared                 ? 
_reflns.pdbx_scaling_rejects             ? 
_reflns.pdbx_d_res_high_opt              ? 
_reflns.pdbx_d_res_low_opt               ? 
_reflns.pdbx_d_res_opt_method            ? 
_reflns.phase_calculation_details        ? 
_reflns.pdbx_Rrim_I_all                  ? 
_reflns.pdbx_Rpim_I_all                  ? 
_reflns.pdbx_d_opt                       ? 
_reflns.pdbx_number_measured_all         ? 
_reflns.pdbx_diffrn_id                   1 
_reflns.pdbx_ordinal                     1 
_reflns.pdbx_CC_half                     ? 
_reflns.pdbx_CC_star                     ? 
_reflns.pdbx_R_split                     ? 
# 
_reflns_shell.d_res_high                  1.47 
_reflns_shell.d_res_low                   1.50 
_reflns_shell.meanI_over_sigI_all         ? 
_reflns_shell.meanI_over_sigI_obs         ? 
_reflns_shell.number_measured_all         ? 
_reflns_shell.number_measured_obs         ? 
_reflns_shell.number_possible             ? 
_reflns_shell.number_unique_all           ? 
_reflns_shell.number_unique_obs           1256 
_reflns_shell.percent_possible_all        ? 
_reflns_shell.percent_possible_obs        ? 
_reflns_shell.Rmerge_F_all                ? 
_reflns_shell.Rmerge_F_obs                ? 
_reflns_shell.Rmerge_I_all                ? 
_reflns_shell.Rmerge_I_obs                0.514 
_reflns_shell.meanI_over_sigI_gt          ? 
_reflns_shell.meanI_over_uI_all           ? 
_reflns_shell.meanI_over_uI_gt            ? 
_reflns_shell.number_measured_gt          ? 
_reflns_shell.number_unique_gt            ? 
_reflns_shell.percent_possible_gt         ? 
_reflns_shell.Rmerge_F_gt                 ? 
_reflns_shell.Rmerge_I_gt                 ? 
_reflns_shell.pdbx_redundancy             ? 
_reflns_shell.pdbx_Rsym_value             ? 
_reflns_shell.pdbx_chi_squared            ? 
_reflns_shell.pdbx_netI_over_sigmaI_all   ? 
_reflns_shell.pdbx_netI_over_sigmaI_obs   ? 
_reflns_shell.pdbx_Rrim_I_all             ? 
_reflns_shell.pdbx_Rpim_I_all             ? 
_reflns_shell.pdbx_rejects                ? 
_reflns_shell.pdbx_ordinal                1 
_reflns_shell.pdbx_diffrn_id              1 
_reflns_shell.pdbx_CC_half                ? 
_reflns_shell.pdbx_CC_star                ? 
_reflns_shell.pdbx_R_split                ? 
# 
_refine.aniso_B[1][1]                            ? 
_refine.aniso_B[1][2]                            ? 
_refine.aniso_B[1][3]                            ? 
_refine.aniso_B[2][2]                            ? 
_refine.aniso_B[2][3]                            ? 
_refine.aniso_B[3][3]                            ? 
_refine.B_iso_max                                ? 
_refine.B_iso_mean                               16.9610286914 
_refine.B_iso_min                                ? 
_refine.correlation_coeff_Fo_to_Fc               ? 
_refine.correlation_coeff_Fo_to_Fc_free          ? 
_refine.details                                  ? 
_refine.diff_density_max                         ? 
_refine.diff_density_max_esd                     ? 
_refine.diff_density_min                         ? 
_refine.diff_density_min_esd                     ? 
_refine.diff_density_rms                         ? 
_refine.diff_density_rms_esd                     ? 
_refine.entry_id                                 6US3 
_refine.pdbx_refine_id                           'X-RAY DIFFRACTION' 
_refine.ls_abs_structure_details                 ? 
_refine.ls_abs_structure_Flack                   ? 
_refine.ls_abs_structure_Flack_esd               ? 
_refine.ls_abs_structure_Rogers                  ? 
_refine.ls_abs_structure_Rogers_esd              ? 
_refine.ls_d_res_high                            1.47028917623 
_refine.ls_d_res_low                             44.5004320268 
_refine.ls_extinction_coef                       ? 
_refine.ls_extinction_coef_esd                   ? 
_refine.ls_extinction_expression                 ? 
_refine.ls_extinction_method                     ? 
_refine.ls_goodness_of_fit_all                   ? 
_refine.ls_goodness_of_fit_all_esd               ? 
_refine.ls_goodness_of_fit_obs                   ? 
_refine.ls_goodness_of_fit_obs_esd               ? 
_refine.ls_hydrogen_treatment                    ? 
_refine.ls_matrix_type                           ? 
_refine.ls_number_constraints                    ? 
_refine.ls_number_parameters                     ? 
_refine.ls_number_reflns_all                     ? 
_refine.ls_number_reflns_obs                     23974 
_refine.ls_number_reflns_R_free                  2000 
_refine.ls_number_reflns_R_work                  ? 
_refine.ls_number_restraints                     ? 
_refine.ls_percent_reflns_obs                    94.4564831961 
_refine.ls_percent_reflns_R_free                 8.34237090181 
_refine.ls_R_factor_all                          ? 
_refine.ls_R_factor_obs                          0.189437603238 
_refine.ls_R_factor_R_free                       0.222219277267 
_refine.ls_R_factor_R_free_error                 ? 
_refine.ls_R_factor_R_free_error_details         ? 
_refine.ls_R_factor_R_work                       0.1865002798 
_refine.ls_R_Fsqd_factor_obs                     ? 
_refine.ls_R_I_factor_obs                        ? 
_refine.ls_redundancy_reflns_all                 ? 
_refine.ls_redundancy_reflns_obs                 ? 
_refine.ls_restrained_S_all                      ? 
_refine.ls_restrained_S_obs                      ? 
_refine.ls_shift_over_esd_max                    ? 
_refine.ls_shift_over_esd_mean                   ? 
_refine.ls_structure_factor_coef                 ? 
_refine.ls_weighting_details                     ? 
_refine.ls_weighting_scheme                      ? 
_refine.ls_wR_factor_all                         ? 
_refine.ls_wR_factor_obs                         ? 
_refine.ls_wR_factor_R_free                      ? 
_refine.ls_wR_factor_R_work                      ? 
_refine.occupancy_max                            ? 
_refine.occupancy_min                            ? 
_refine.solvent_model_details                    ? 
_refine.solvent_model_param_bsol                 ? 
_refine.solvent_model_param_ksol                 ? 
_refine.pdbx_R_complete                          ? 
_refine.ls_R_factor_gt                           ? 
_refine.ls_goodness_of_fit_gt                    ? 
_refine.ls_goodness_of_fit_ref                   ? 
_refine.ls_shift_over_su_max                     ? 
_refine.ls_shift_over_su_max_lt                  ? 
_refine.ls_shift_over_su_mean                    ? 
_refine.ls_shift_over_su_mean_lt                 ? 
_refine.pdbx_ls_sigma_I                          ? 
_refine.pdbx_ls_sigma_F                          0.250482772498 
_refine.pdbx_ls_sigma_Fsqd                       ? 
_refine.pdbx_data_cutoff_high_absF               ? 
_refine.pdbx_data_cutoff_high_rms_absF           ? 
_refine.pdbx_data_cutoff_low_absF                ? 
_refine.pdbx_isotropic_thermal_model             ? 
_refine.pdbx_ls_cross_valid_method               THROUGHOUT 
_refine.pdbx_method_to_determine_struct          'MOLECULAR REPLACEMENT' 
_refine.pdbx_starting_model                      3ZR0 
_refine.pdbx_stereochemistry_target_values       ? 
_refine.pdbx_R_Free_selection_details            ? 
_refine.pdbx_stereochem_target_val_spec_case     ? 
_refine.pdbx_overall_ESU_R                       ? 
_refine.pdbx_overall_ESU_R_Free                  ? 
_refine.pdbx_solvent_vdw_probe_radii             1.11 
_refine.pdbx_solvent_ion_probe_radii             ? 
_refine.pdbx_solvent_shrinkage_radii             0.9 
_refine.pdbx_real_space_R                        ? 
_refine.pdbx_density_correlation                 ? 
_refine.pdbx_pd_number_of_powder_patterns        ? 
_refine.pdbx_pd_number_of_points                 ? 
_refine.pdbx_pd_meas_number_of_points            ? 
_refine.pdbx_pd_proc_ls_prof_R_factor            ? 
_refine.pdbx_pd_proc_ls_prof_wR_factor           ? 
_refine.pdbx_pd_Marquardt_correlation_coeff      ? 
_refine.pdbx_pd_Fsqrd_R_factor                   ? 
_refine.pdbx_pd_ls_matrix_band_width             ? 
_refine.pdbx_overall_phase_error                 19.9036467953 
_refine.pdbx_overall_SU_R_free_Cruickshank_DPI   ? 
_refine.pdbx_overall_SU_R_free_Blow_DPI          ? 
_refine.pdbx_overall_SU_R_Blow_DPI               ? 
_refine.pdbx_TLS_residual_ADP_flag               ? 
_refine.pdbx_diffrn_id                           1 
_refine.overall_SU_B                             ? 
_refine.overall_SU_ML                            0.135498224058 
_refine.overall_SU_R_Cruickshank_DPI             ? 
_refine.overall_SU_R_free                        ? 
_refine.overall_FOM_free_R_set                   ? 
_refine.overall_FOM_work_R_set                   ? 
_refine.pdbx_average_fsc_overall                 ? 
_refine.pdbx_average_fsc_work                    ? 
_refine.pdbx_average_fsc_free                    ? 
# 
_refine_hist.pdbx_refine_id                   'X-RAY DIFFRACTION' 
_refine_hist.cycle_id                         LAST 
_refine_hist.details                          ? 
_refine_hist.d_res_high                       1.47028917623 
_refine_hist.d_res_low                        44.5004320268 
_refine_hist.number_atoms_solvent             129 
_refine_hist.number_atoms_total               1405 
_refine_hist.number_reflns_all                ? 
_refine_hist.number_reflns_obs                ? 
_refine_hist.number_reflns_R_free             ? 
_refine_hist.number_reflns_R_work             ? 
_refine_hist.R_factor_all                     ? 
_refine_hist.R_factor_obs                     ? 
_refine_hist.R_factor_R_free                  ? 
_refine_hist.R_factor_R_work                  ? 
_refine_hist.pdbx_number_residues_total       ? 
_refine_hist.pdbx_B_iso_mean_ligand           ? 
_refine_hist.pdbx_B_iso_mean_solvent          ? 
_refine_hist.pdbx_number_atoms_protein        1254 
_refine_hist.pdbx_number_atoms_nucleic_acid   0 
_refine_hist.pdbx_number_atoms_ligand         22 
_refine_hist.pdbx_number_atoms_lipid          ? 
_refine_hist.pdbx_number_atoms_carb           ? 
_refine_hist.pdbx_pseudo_atom_details         ? 
# 
loop_
_refine_ls_restr.pdbx_refine_id 
_refine_ls_restr.criterion 
_refine_ls_restr.dev_ideal 
_refine_ls_restr.dev_ideal_target 
_refine_ls_restr.number 
_refine_ls_restr.rejects 
_refine_ls_restr.type 
_refine_ls_restr.weight 
_refine_ls_restr.pdbx_restraint_function 
'X-RAY DIFFRACTION' ? 0.00792189892081 ? 1340 ? f_bond_d           ? ? 
'X-RAY DIFFRACTION' ? 1.19149480946    ? 1820 ? f_angle_d          ? ? 
'X-RAY DIFFRACTION' ? 0.0558516738653  ? 187  ? f_chiral_restr     ? ? 
'X-RAY DIFFRACTION' ? 0.00749587046867 ? 236  ? f_plane_restr      ? ? 
'X-RAY DIFFRACTION' ? 13.5436205918    ? 497  ? f_dihedral_angle_d ? ? 
# 
loop_
_refine_ls_shell.pdbx_refine_id 
_refine_ls_shell.d_res_high 
_refine_ls_shell.d_res_low 
_refine_ls_shell.number_reflns_all 
_refine_ls_shell.number_reflns_obs 
_refine_ls_shell.number_reflns_R_free 
_refine_ls_shell.number_reflns_R_work 
_refine_ls_shell.percent_reflns_obs 
_refine_ls_shell.percent_reflns_R_free 
_refine_ls_shell.R_factor_all 
_refine_ls_shell.R_factor_obs 
_refine_ls_shell.R_factor_R_free 
_refine_ls_shell.R_factor_R_free_error 
_refine_ls_shell.R_factor_R_work 
_refine_ls_shell.redundancy_reflns_all 
_refine_ls_shell.redundancy_reflns_obs 
_refine_ls_shell.wR_factor_all 
_refine_ls_shell.wR_factor_obs 
_refine_ls_shell.wR_factor_R_free 
_refine_ls_shell.wR_factor_R_work 
_refine_ls_shell.pdbx_R_complete 
_refine_ls_shell.pdbx_total_number_of_bins_used 
_refine_ls_shell.pdbx_phase_error 
_refine_ls_shell.pdbx_fsc_work 
_refine_ls_shell.pdbx_fsc_free 
'X-RAY DIFFRACTION' 1.4703 1.5071        . . 122 1347 82.9474872953 . . . 0.268908740206 . 0.21321804493  . . . . . . . . . . . 
'X-RAY DIFFRACTION' 1.5071 1.5478        . . 130 1428 87.5772906127 . . . 0.258626354305 . 0.216858146583 . . . . . . . . . . . 
'X-RAY DIFFRACTION' 1.5478 1.5934        . . 135 1471 89.8712926693 . . . 0.233569579304 . 0.189828446644 . . . . . . . . . . . 
'X-RAY DIFFRACTION' 1.5934 1.6448        . . 137 1503 92.29037704   . . . 0.238493993202 . 0.182446838385 . . . . . . . . . . . 
'X-RAY DIFFRACTION' 1.6448 1.7036        . . 141 1557 94.1763727121 . . . 0.22777468859  . 0.18680176603  . . . . . . . . . . . 
'X-RAY DIFFRACTION' 1.7036 1.7718        . . 142 1559 95.7231288689 . . . 0.234212136028 . 0.185198581812 . . . . . . . . . . . 
'X-RAY DIFFRACTION' 1.7718 1.8524        . . 144 1584 95.8934517203 . . . 0.236638491534 . 0.178771946214 . . . . . . . . . . . 
'X-RAY DIFFRACTION' 1.8524 1.9501        . . 145 1587 96.7057509771 . . . 0.217252937499 . 0.180117190058 . . . . . . . . . . . 
'X-RAY DIFFRACTION' 1.9501 2.0723        . . 147 1623 98.3333333333 . . . 0.21725797653  . 0.17649301634  . . . . . . . . . . . 
'X-RAY DIFFRACTION' 2.0723 2.2323        . . 149 1625 98.0652294085 . . . 0.210519335481 . 0.179645842656 . . . . . . . . . . . 
'X-RAY DIFFRACTION' 2.2323 2.4569        . . 147 1625 97.0427163198 . . . 0.217903735644 . 0.188529087751 . . . . . . . . . . . 
'X-RAY DIFFRACTION' 2.4569 2.8124        . . 150 1640 97.2826086957 . . . 0.226221997517 . 0.200193781913 . . . . . . . . . . . 
'X-RAY DIFFRACTION' 2.8124 3.5431        . . 151 1661 97.9459459459 . . . 0.208048499391 . 0.186223003753 . . . . . . . . . . . 
'X-RAY DIFFRACTION' 3.5431 44.5004320268 . . 160 1764 97.8636826043 . . . 0.220441967915 . 0.183188906254 . . . . . . . . . . . 
# 
_struct.entry_id                     6US3 
_struct.title                        'MTH1 in complex with compound 4' 
_struct.pdbx_model_details           ? 
_struct.pdbx_formula_weight          ? 
_struct.pdbx_formula_weight_method   ? 
_struct.pdbx_model_type_details      ? 
_struct.pdbx_CASP_flag               N 
# 
_struct_keywords.entry_id        6US3 
_struct_keywords.text            'Hydrolase, NUDT1, Nudix hydrolase, inhibitor, HYDROLASE-HYDROLASE INHIBITOR complex' 
_struct_keywords.pdbx_keywords   'HYDROLASE/HYDROLASE INHIBITOR' 
# 
loop_
_struct_asym.id 
_struct_asym.pdbx_blank_PDB_chainid_flag 
_struct_asym.pdbx_modified 
_struct_asym.entity_id 
_struct_asym.details 
A N N 1 ? 
B N N 2 ? 
C N N 3 ? 
# 
loop_
_struct_conf.conf_type_id 
_struct_conf.id 
_struct_conf.pdbx_PDB_helix_id 
_struct_conf.beg_label_comp_id 
_struct_conf.beg_label_asym_id 
_struct_conf.beg_label_seq_id 
_struct_conf.pdbx_beg_PDB_ins_code 
_struct_conf.end_label_comp_id 
_struct_conf.end_label_asym_id 
_struct_conf.end_label_seq_id 
_struct_conf.pdbx_end_PDB_ins_code 
_struct_conf.beg_auth_comp_id 
_struct_conf.beg_auth_asym_id 
_struct_conf.beg_auth_seq_id 
_struct_conf.end_auth_comp_id 
_struct_conf.end_auth_asym_id 
_struct_conf.end_auth_seq_id 
_struct_conf.pdbx_PDB_helix_class 
_struct_conf.details 
_struct_conf.pdbx_PDB_helix_length 
HELX_P HELX_P1 AA1 THR A 47  ? GLY A 61  ? THR A 44  GLY A 58  1 ? 15 
HELX_P HELX_P2 AA2 ASP A 112 ? ILE A 114 ? ASP A 109 ILE A 111 5 ? 3  
HELX_P HELX_P3 AA3 PRO A 115 ? MET A 119 ? PRO A 112 MET A 116 5 ? 5  
HELX_P HELX_P4 AA4 TRP A 120 ? PRO A 121 ? TRP A 117 PRO A 118 5 ? 2  
HELX_P HELX_P5 AA5 ASP A 122 ? GLN A 132 ? ASP A 119 GLN A 129 1 ? 11 
# 
_struct_conf_type.id          HELX_P 
_struct_conf_type.criteria    ? 
_struct_conf_type.reference   ? 
# 
loop_
_struct_sheet.id 
_struct_sheet.type 
_struct_sheet.number_strands 
_struct_sheet.details 
AA1 ? 4 ? 
AA2 ? 7 ? 
AA3 ? 2 ? 
# 
loop_
_struct_sheet_order.sheet_id 
_struct_sheet_order.range_id_1 
_struct_sheet_order.range_id_2 
_struct_sheet_order.offset 
_struct_sheet_order.sense 
AA1 1 2 ? anti-parallel 
AA1 2 3 ? anti-parallel 
AA2 1 2 ? anti-parallel 
AA2 2 3 ? anti-parallel 
AA2 4 5 ? anti-parallel 
AA2 5 6 ? parallel      
AA2 6 7 ? anti-parallel 
AA3 1 2 ? anti-parallel 
# 
loop_
_struct_sheet_range.sheet_id 
_struct_sheet_range.id 
_struct_sheet_range.beg_label_comp_id 
_struct_sheet_range.beg_label_asym_id 
_struct_sheet_range.beg_label_seq_id 
_struct_sheet_range.pdbx_beg_PDB_ins_code 
_struct_sheet_range.end_label_comp_id 
_struct_sheet_range.end_label_asym_id 
_struct_sheet_range.end_label_seq_id 
_struct_sheet_range.pdbx_end_PDB_ins_code 
_struct_sheet_range.beg_auth_comp_id 
_struct_sheet_range.beg_auth_asym_id 
_struct_sheet_range.beg_auth_seq_id 
_struct_sheet_range.end_auth_comp_id 
_struct_sheet_range.end_auth_asym_id 
_struct_sheet_range.end_auth_seq_id 
AA1 1 TRP A 35  ? ASN A 36  ? TRP A 32  ASN A 33  
AA1 2 ARG A 20  ? LYS A 26  ? ARG A 17  LYS A 23  
AA1 3 SER A 7   ? LEU A 16  ? SER A 4   LEU A 13  
AA1 4 MET A 104 ? GLN A 110 ? MET A 101 GLN A 107 
AA2 1 PHE A 38  ? LYS A 41  ? PHE A 35  LYS A 38  
AA2 2 SER A 7   ? LEU A 16  ? SER A 4   LEU A 13  
AA2 3 ARG A 20  ? LYS A 26  ? ARG A 17  LYS A 23  
AA2 4 LEU A 83  ? THR A 91  ? LEU A 80  THR A 88  
AA2 5 HIS A 68  ? PHE A 77  ? HIS A 65  PHE A 74  
AA2 6 LYS A 135 ? GLN A 143 ? LYS A 132 GLN A 140 
AA2 7 THR A 147 ? VAL A 156 ? THR A 144 VAL A 153 
AA3 1 THR A 63  ? VAL A 64  ? THR A 60  VAL A 61  
AA3 2 ILE A 94  ? GLN A 95  ? ILE A 91  GLN A 92  
# 
loop_
_pdbx_struct_sheet_hbond.sheet_id 
_pdbx_struct_sheet_hbond.range_id_1 
_pdbx_struct_sheet_hbond.range_id_2 
_pdbx_struct_sheet_hbond.range_1_label_atom_id 
_pdbx_struct_sheet_hbond.range_1_label_comp_id 
_pdbx_struct_sheet_hbond.range_1_label_asym_id 
_pdbx_struct_sheet_hbond.range_1_label_seq_id 
_pdbx_struct_sheet_hbond.range_1_PDB_ins_code 
_pdbx_struct_sheet_hbond.range_1_auth_atom_id 
_pdbx_struct_sheet_hbond.range_1_auth_comp_id 
_pdbx_struct_sheet_hbond.range_1_auth_asym_id 
_pdbx_struct_sheet_hbond.range_1_auth_seq_id 
_pdbx_struct_sheet_hbond.range_2_label_atom_id 
_pdbx_struct_sheet_hbond.range_2_label_comp_id 
_pdbx_struct_sheet_hbond.range_2_label_asym_id 
_pdbx_struct_sheet_hbond.range_2_label_seq_id 
_pdbx_struct_sheet_hbond.range_2_PDB_ins_code 
_pdbx_struct_sheet_hbond.range_2_auth_atom_id 
_pdbx_struct_sheet_hbond.range_2_auth_comp_id 
_pdbx_struct_sheet_hbond.range_2_auth_asym_id 
_pdbx_struct_sheet_hbond.range_2_auth_seq_id 
AA1 1 2 O ASN A 36  ? O ASN A 33  N GLY A 24  ? N GLY A 21  
AA1 2 3 O LEU A 22  ? O LEU A 19  N VAL A 15  ? N VAL A 12  
AA2 1 2 O GLY A 40  ? O GLY A 37  N THR A 11  ? N THR A 8   
AA2 2 3 N VAL A 15  ? N VAL A 12  O LEU A 22  ? O LEU A 19  
AA2 4 5 O VAL A 86  ? O VAL A 83  N ILE A 73  ? N ILE A 70  
AA2 5 6 N GLU A 76  ? N GLU A 73  O PHE A 142 ? O PHE A 139 
AA2 6 7 N LYS A 141 ? N LYS A 138 O LEU A 149 ? O LEU A 146 
AA3 1 2 N THR A 63  ? N THR A 60  O GLN A 95  ? O GLN A 92  
# 
_struct_site.id                   AC1 
_struct_site.pdbx_evidence_code   Software 
_struct_site.pdbx_auth_asym_id    A 
_struct_site.pdbx_auth_comp_id    8JF 
_struct_site.pdbx_auth_seq_id     201 
_struct_site.pdbx_auth_ins_code   ? 
_struct_site.pdbx_num_residues    10 
_struct_site.details              'binding site for residue 8JF A 201' 
# 
loop_
_struct_site_gen.id 
_struct_site_gen.site_id 
_struct_site_gen.pdbx_num_res 
_struct_site_gen.label_comp_id 
_struct_site_gen.label_asym_id 
_struct_site_gen.label_seq_id 
_struct_site_gen.pdbx_auth_ins_code 
_struct_site_gen.auth_comp_id 
_struct_site_gen.auth_asym_id 
_struct_site_gen.auth_seq_id 
_struct_site_gen.label_atom_id 
_struct_site_gen.label_alt_id 
_struct_site_gen.symmetry 
_struct_site_gen.details 
1  AC1 10 THR A 11  ? THR A 8   . ? 1_555 ? 
2  AC1 10 LEU A 12  ? LEU A 9   . ? 1_555 ? 
3  AC1 10 ASN A 36  ? ASN A 33  . ? 1_555 ? 
4  AC1 10 GLY A 37  ? GLY A 34  . ? 1_555 ? 
5  AC1 10 PHE A 75  ? PHE A 72  . ? 1_555 ? 
6  AC1 10 TRP A 120 ? TRP A 117 . ? 1_555 ? 
7  AC1 10 ASP A 122 ? ASP A 119 . ? 1_555 ? 
8  AC1 10 ASP A 123 ? ASP A 120 . ? 1_555 ? 
9  AC1 10 PHE A 127 ? PHE A 124 . ? 1_555 ? 
10 AC1 10 HOH C .   ? HOH A 310 . ? 1_555 ? 
# 
_atom_sites.entry_id                    6US3 
_atom_sites.Cartn_transf_matrix[1][1]   ? 
_atom_sites.Cartn_transf_matrix[1][2]   ? 
_atom_sites.Cartn_transf_matrix[1][3]   ? 
_atom_sites.Cartn_transf_matrix[2][1]   ? 
_atom_sites.Cartn_transf_matrix[2][2]   ? 
_atom_sites.Cartn_transf_matrix[2][3]   ? 
_atom_sites.Cartn_transf_matrix[3][1]   ? 
_atom_sites.Cartn_transf_matrix[3][2]   ? 
_atom_sites.Cartn_transf_matrix[3][3]   ? 
_atom_sites.Cartn_transf_vector[1]      ? 
_atom_sites.Cartn_transf_vector[2]      ? 
_atom_sites.Cartn_transf_vector[3]      ? 
_atom_sites.fract_transf_matrix[1][1]   0.00947311 
_atom_sites.fract_transf_matrix[1][2]   0.00265490 
_atom_sites.fract_transf_matrix[1][3]   0.02570461 
_atom_sites.fract_transf_matrix[2][1]   -0.01316642 
_atom_sites.fract_transf_matrix[2][2]   -0.00853019 
_atom_sites.fract_transf_matrix[2][3]   0.00573336 
_atom_sites.fract_transf_matrix[3][1]   0.00766734 
_atom_sites.fract_transf_matrix[3][2]   -0.01284231 
_atom_sites.fract_transf_matrix[3][3]   -0.00149929 
_atom_sites.fract_transf_vector[1]      0.243595 
_atom_sites.fract_transf_vector[2]      1.232004 
_atom_sites.fract_transf_vector[3]      3.203821 
_atom_sites.solution_primary            ? 
_atom_sites.solution_secondary          ? 
_atom_sites.solution_hydrogens          ? 
_atom_sites.special_details             ? 
# 
loop_
_atom_type.symbol 
_atom_type.scat_dispersion_real 
_atom_type.scat_dispersion_imag 
_atom_type.scat_Cromer_Mann_a1 
_atom_type.scat_Cromer_Mann_a2 
_atom_type.scat_Cromer_Mann_b1 
_atom_type.scat_Cromer_Mann_b2 
_atom_type.scat_Cromer_Mann_c 
_atom_type.scat_source 
_atom_type.scat_dispersion_source 
C ? ? 3.54356 2.42580 25.62398 1.50364  0.0 
;2-Gaussian fit: Grosse-Kunstleve RW, Sauter NK, Adams PD: Newsletter of the IUCr Commission on Crystallographic Computing 2004, 3, 22-31.
;
? 
N ? ? 4.01032 2.96436 19.97189 1.75589  0.0 
;2-Gaussian fit: Grosse-Kunstleve RW, Sauter NK, Adams PD: Newsletter of the IUCr Commission on Crystallographic Computing 2004, 3, 22-31.
;
? 
O ? ? 4.49882 3.47563 15.80542 1.70748  0.0 
;2-Gaussian fit: Grosse-Kunstleve RW, Sauter NK, Adams PD: Newsletter of the IUCr Commission on Crystallographic Computing 2004, 3, 22-31.
;
? 
S ? ? 9.55732 6.39887 1.23737  29.19336 0.0 
;2-Gaussian fit: Grosse-Kunstleve RW, Sauter NK, Adams PD: Newsletter of the IUCr Commission on Crystallographic Computing 2004, 3, 22-31.
;
? 
# 
loop_
_atom_site.group_PDB 
_atom_site.id 
_atom_site.type_symbol 
_atom_site.label_atom_id 
_atom_site.label_alt_id 
_atom_site.label_comp_id 
_atom_site.label_asym_id 
_atom_site.label_entity_id 
_atom_site.label_seq_id 
_atom_site.pdbx_PDB_ins_code 
_atom_site.Cartn_x 
_atom_site.Cartn_y 
_atom_site.Cartn_z 
_atom_site.occupancy 
_atom_site.B_iso_or_equiv 
_atom_site.pdbx_formal_charge 
_atom_site.auth_seq_id 
_atom_site.auth_comp_id 
_atom_site.auth_asym_id 
_atom_site.auth_atom_id 
_atom_site.pdbx_PDB_model_num 
ATOM   1    N N   . ALA A 1 6   ? -5.63030  18.65936  8.33401   1.000 25.23000 ? 3   ALA A N   1 
ATOM   2    C CA  . ALA A 1 6   ? -4.92546  17.74617  9.22325   1.000 18.91000 ? 3   ALA A CA  1 
ATOM   3    C C   . ALA A 1 6   ? -4.76584  16.36975  8.58490   1.000 20.57000 ? 3   ALA A C   1 
ATOM   4    O O   . ALA A 1 6   ? -4.74154  15.35432  9.28579   1.000 19.70000 ? 3   ALA A O   1 
ATOM   5    C CB  . ALA A 1 6   ? -5.65159  17.62513  10.55696  1.000 20.68000 ? 3   ALA A CB  1 
ATOM   6    N N   . SER A 1 7   ? -4.66174  16.32676  7.25967   1.000 17.92000 ? 4   SER A N   1 
ATOM   7    C CA  . SER A 1 7   ? -4.33781  15.06989  6.58804   1.000 14.82000 ? 4   SER A CA  1 
ATOM   8    C C   . SER A 1 7   ? -3.03492  15.21372  5.80285   1.000 19.54000 ? 4   SER A C   1 
ATOM   9    O O   . SER A 1 7   ? -2.75091  16.25677  5.21890   1.000 24.93000 ? 4   SER A O   1 
ATOM   10   C CB  . SER A 1 7   ? -5.47254  14.60945  5.67146   1.000 24.18000 ? 4   SER A CB  1 
ATOM   11   O OG  . SER A 1 7   ? -5.42008  15.24563  4.41074   1.000 37.19000 ? 4   SER A OG  1 
ATOM   12   N N   . ARG A 1 8   ? -2.23000  14.16249  5.83964   1.000 14.81000 ? 5   ARG A N   1 
ATOM   13   C CA  . ARG A 1 8   ? -0.93779  14.12227  5.17269   1.000 12.73000 ? 5   ARG A CA  1 
ATOM   14   C C   . ARG A 1 8   ? -1.02197  13.15189  4.01048   1.000 12.40000 ? 5   ARG A C   1 
ATOM   15   O O   . ARG A 1 8   ? -1.49421  12.02610  4.17016   1.000 11.25000 ? 5   ARG A O   1 
ATOM   16   C CB  . ARG A 1 8   ? 0.14173   13.66170  6.13621   1.000 13.10000 ? 5   ARG A CB  1 
ATOM   17   C CG  . ARG A 1 8   ? 1.55676   13.67484  5.58017   1.000 19.00000 ? 5   ARG A CG  1 
ATOM   18   C CD  . ARG A 1 8   ? 2.18240   15.06061  5.72257   1.000 26.56000 ? 5   ARG A CD  1 
ATOM   19   N NE  . ARG A 1 8   ? 3.60270   15.00378  5.46198   1.000 42.79000 ? 5   ARG A NE  1 
ATOM   20   C CZ  . ARG A 1 8   ? 4.46564   15.85336  5.98668   1.000 48.79000 ? 5   ARG A CZ  1 
ATOM   21   N NH1 . ARG A 1 8   ? 4.03760   16.79337  6.82470   1.000 47.28000 ? 5   ARG A NH1 1 
ATOM   22   N NH2 . ARG A 1 8   ? 5.75333   15.73436  5.71072   1.000 45.28000 ? 5   ARG A NH2 1 
ATOM   23   N N   . LEU A 1 9   ? -0.54772  13.56782  2.84299   1.000 11.49000 ? 6   LEU A N   1 
ATOM   24   C CA  . LEU A 1 9   ? -0.59191  12.73486  1.65079   1.000 11.00000 ? 6   LEU A CA  1 
ATOM   25   C C   . LEU A 1 9   ? 0.45204   11.62905  1.66294   1.000 9.66000  ? 6   LEU A C   1 
ATOM   26   O O   . LEU A 1 9   ? 1.64658   11.88864  1.85869   1.000 11.37000 ? 6   LEU A O   1 
ATOM   27   C CB  . LEU A 1 9   ? -0.38488  13.59299  0.40226   1.000 13.01000 ? 6   LEU A CB  1 
ATOM   28   C CG  . LEU A 1 9   ? -1.53187  14.44890  -0.10182  1.000 17.86000 ? 6   LEU A CG  1 
ATOM   29   C CD1 . LEU A 1 9   ? -1.00320  15.35145  -1.23897  1.000 14.78000 ? 6   LEU A CD1 1 
ATOM   30   C CD2 . LEU A 1 9   ? -2.69750  13.57529  -0.56495  1.000 17.09000 ? 6   LEU A CD2 1 
ATOM   31   N N   . TYR A 1 10  ? -0.01040  10.40218  1.41508   1.000 8.83000  ? 7   TYR A N   1 
ATOM   32   C CA  . TYR A 1 10  ? 0.83481   9.24113   1.21494   1.000 8.30000  ? 7   TYR A CA  1 
ATOM   33   C C   . TYR A 1 10  ? 0.41508   8.51814   -0.05260  1.000 9.59000  ? 7   TYR A C   1 
ATOM   34   O O   . TYR A 1 10  ? -0.72484  8.63387   -0.49676  1.000 10.45000 ? 7   TYR A O   1 
ATOM   35   C CB  . TYR A 1 10  ? 0.71119   8.24524   2.36557   1.000 9.39000  ? 7   TYR A CB  1 
ATOM   36   C CG  . TYR A 1 10  ? 1.25002   8.71727   3.68473   1.000 7.92000  ? 7   TYR A CG  1 
ATOM   37   C CD1 . TYR A 1 10  ? 0.50769   9.56556   4.48316   1.000 9.84000  ? 7   TYR A CD1 1 
ATOM   38   C CD2 . TYR A 1 10  ? 2.47307   8.27455   4.15666   1.000 9.14000  ? 7   TYR A CD2 1 
ATOM   39   C CE1 . TYR A 1 10  ? 0.98503   9.98666   5.71353   1.000 11.45000 ? 7   TYR A CE1 1 
ATOM   40   C CE2 . TYR A 1 10  ? 2.95883   8.69949   5.37711   1.000 11.77000 ? 7   TYR A CE2 1 
ATOM   41   C CZ  . TYR A 1 10  ? 2.20366   9.55274   6.14763   1.000 11.73000 ? 7   TYR A CZ  1 
ATOM   42   O OH  . TYR A 1 10  ? 2.66055   9.98433   7.36411   1.000 17.75000 ? 7   TYR A OH  1 
ATOM   43   N N   . THR A 1 11  ? 1.32544   7.71355   -0.58660  1.000 9.26000  ? 8   THR A N   1 
ATOM   44   C CA  . THR A 1 11  ? 0.98883   6.78011   -1.66174  1.000 10.13000 ? 8   THR A CA  1 
ATOM   45   C C   . THR A 1 11  ? 1.26223   5.36885   -1.19915  1.000 9.47000  ? 8   THR A C   1 
ATOM   46   O O   . THR A 1 11  ? 2.03479   5.14313   -0.26774  1.000 9.59000  ? 8   THR A O   1 
ATOM   47   C CB  . THR A 1 11  ? 1.79821   7.03717   -2.94275  1.000 11.07000 ? 8   THR A CB  1 
ATOM   48   O OG1 . THR A 1 11  ? 3.20236   6.89030   -2.67520  1.000 14.55000 ? 8   THR A OG1 1 
ATOM   49   C CG2 . THR A 1 11  ? 1.50229   8.42259   -3.48967  1.000 15.25000 ? 8   THR A CG2 1 
ATOM   50   N N   . LEU A 1 12  ? 0.62394   4.41882   -1.87014  1.000 8.89000  ? 9   LEU A N   1 
ATOM   51   C CA  . LEU A 1 12  ? 0.84303   3.01129   -1.61706  1.000 8.76000  ? 9   LEU A CA  1 
ATOM   52   C C   . LEU A 1 12  ? 0.68090   2.28821   -2.93990  1.000 7.99000  ? 9   LEU A C   1 
ATOM   53   O O   . LEU A 1 12  ? -0.33401  2.45346   -3.60014  1.000 8.93000  ? 9   LEU A O   1 
ATOM   54   C CB  . LEU A 1 12  ? -0.14664  2.49420   -0.57468  1.000 8.55000  ? 9   LEU A CB  1 
ATOM   55   C CG  . LEU A 1 12  ? 0.01684   1.02535   -0.19090  1.000 10.21000 ? 9   LEU A CG  1 
ATOM   56   C CD1 . LEU A 1 12  ? 1.34265   0.80457   0.52967   1.000 11.06000 ? 9   LEU A CD1 1 
ATOM   57   C CD2 . LEU A 1 12  ? -1.13616  0.54888   0.67084   1.000 12.23000 ? 9   LEU A CD2 1 
ATOM   58   N N   . VAL A 1 13  ? 1.68056   1.51022   -3.32540  1.000 8.38000  ? 10  VAL A N   1 
ATOM   59   C CA  . VAL A 1 13  ? 1.67017   0.81743   -4.61307  1.000 8.78000  ? 10  VAL A CA  1 
ATOM   60   C C   . VAL A 1 13  ? 1.69693   -0.69274  -4.42412  1.000 9.22000  ? 10  VAL A C   1 
ATOM   61   O O   . VAL A 1 13  ? 2.55306   -1.22251  -3.70948  1.000 9.99000  ? 10  VAL A O   1 
ATOM   62   C CB  . VAL A 1 13  ? 2.87060   1.22130   -5.48265  1.000 7.57000  ? 10  VAL A CB  1 
ATOM   63   C CG1 . VAL A 1 13  ? 2.83393   0.46529   -6.83441  1.000 9.03000  ? 10  VAL A CG1 1 
ATOM   64   C CG2 . VAL A 1 13  ? 2.90164   2.73672   -5.71165  1.000 10.72000 ? 10  VAL A CG2 1 
ATOM   65   N N   . LEU A 1 14  ? 0.75777   -1.37715  -5.07913  1.000 9.11000  ? 11  LEU A N   1 
ATOM   66   C CA  . LEU A 1 14  ? 0.71545   -2.83024  -5.10083  1.000 10.75000 ? 11  LEU A CA  1 
ATOM   67   C C   . LEU A 1 14  ? 1.04915   -3.32374  -6.49628  1.000 10.17000 ? 11  LEU A C   1 
ATOM   68   O O   . LEU A 1 14  ? 0.40067   -2.96135  -7.47253  1.000 11.09000 ? 11  LEU A O   1 
ATOM   69   C CB  . LEU A 1 14  ? -0.66158  -3.36133  -4.68625  1.000 8.92000  ? 11  LEU A CB  1 
ATOM   70   C CG  . LEU A 1 14  ? -1.03774  -3.33582  -3.19898  1.000 11.35000 ? 11  LEU A CG  1 
ATOM   71   C CD1 . LEU A 1 14  ? -0.00658  -4.07959  -2.36291  1.000 18.35000 ? 11  LEU A CD1 1 
ATOM   72   C CD2 . LEU A 1 14  ? -1.20858  -1.92264  -2.71235  1.000 17.51000 ? 11  LEU A CD2 1 
ATOM   73   N N   . VAL A 1 15  ? 2.08203   -4.14532  -6.57900  1.000 9.84000  ? 12  VAL A N   1 
ATOM   74   C CA  . VAL A 1 15  ? 2.46796   -4.79931  -7.81651  1.000 9.94000  ? 12  VAL A CA  1 
ATOM   75   C C   . VAL A 1 15  ? 1.69343   -6.10653  -7.86931  1.000 12.21000 ? 12  VAL A C   1 
ATOM   76   O O   . VAL A 1 15  ? 2.01921   -7.06796  -7.16197  1.000 10.92000 ? 12  VAL A O   1 
ATOM   77   C CB  . VAL A 1 15  ? 3.99122   -5.05196  -7.87852  1.000 12.65000 ? 12  VAL A CB  1 
ATOM   78   C CG1 . VAL A 1 15  ? 4.36374   -5.72338  -9.17567  1.000 15.89000 ? 12  VAL A CG1 1 
ATOM   79   C CG2 . VAL A 1 15  ? 4.74554   -3.72543  -7.70355  1.000 14.91000 ? 12  VAL A CG2 1 
ATOM   80   N N   . LEU A 1 16  ? 0.65253   -6.11978  -8.69749  1.000 12.65000 ? 13  LEU A N   1 
ATOM   81   C CA  . LEU A 1 16  ? -0.30025  -7.21359  -8.72270  1.000 12.78000 ? 13  LEU A CA  1 
ATOM   82   C C   . LEU A 1 16  ? -0.34132  -7.78437  -10.12945 1.000 14.42000 ? 13  LEU A C   1 
ATOM   83   O O   . LEU A 1 16  ? -0.76942  -7.11819  -11.07697 1.000 16.78000 ? 13  LEU A O   1 
ATOM   84   C CB  . LEU A 1 16  ? -1.68563  -6.73852  -8.26656  1.000 13.03000 ? 13  LEU A CB  1 
ATOM   85   C CG  . LEU A 1 16  ? -2.85947  -7.71816  -8.38486  1.000 17.10000 ? 13  LEU A CG  1 
ATOM   86   C CD1 . LEU A 1 16  ? -2.60839  -8.97130  -7.54598  1.000 14.54000 ? 13  LEU A CD1 1 
ATOM   87   C CD2 . LEU A 1 16  ? -4.17196  -7.04218  -7.96348  1.000 19.75000 ? 13  LEU A CD2 1 
ATOM   88   N N   . GLN A 1 17  ? 0.13373   -9.01727  -10.24357 1.000 13.43000 ? 14  GLN A N   1 
ATOM   89   C CA  . GLN A 1 17  ? 0.18683   -9.74016  -11.50014 1.000 14.68000 ? 14  GLN A CA  1 
ATOM   90   C C   . GLN A 1 17  ? -0.90748  -10.79858 -11.43938 1.000 16.04000 ? 14  GLN A C   1 
ATOM   91   O O   . GLN A 1 17  ? -1.48201  -11.01438 -10.37338 1.000 20.98000 ? 14  GLN A O   1 
ATOM   92   C CB  . GLN A 1 17  ? 1.58322   -10.33295 -11.68371 1.000 15.13000 ? 14  GLN A CB  1 
ATOM   93   C CG  . GLN A 1 17  ? 2.64908   -9.24211  -11.72662 1.000 19.35000 ? 14  GLN A CG  1 
ATOM   94   C CD  . GLN A 1 17  ? 4.02487   -9.75678  -12.08306 1.000 15.41000 ? 14  GLN A CD  1 
ATOM   95   O OE1 . GLN A 1 17  ? 4.41307   -10.87081 -11.72452 1.000 19.01000 ? 14  GLN A OE1 1 
ATOM   96   N NE2 . GLN A 1 17  ? 4.77372   -8.94032  -12.81063 1.000 25.71000 ? 14  GLN A NE2 1 
ATOM   97   N N   . PRO A 1 18  ? -1.21441  -11.45695 -12.57313 1.000 16.28000 ? 15  PRO A N   1 
ATOM   98   C CA  . PRO A 1 18  ? -2.38075  -12.34351 -12.58816 1.000 21.13000 ? 15  PRO A CA  1 
ATOM   99   C C   . PRO A 1 18  ? -2.38731  -13.42364 -11.50088 1.000 17.43000 ? 15  PRO A C   1 
ATOM   100  O O   . PRO A 1 18  ? -3.46799  -13.72838 -10.99833 1.000 22.00000 ? 15  PRO A O   1 
ATOM   101  C CB  . PRO A 1 18  ? -2.30246  -12.96888 -13.97973 1.000 16.71000 ? 15  PRO A CB  1 
ATOM   102  C CG  . PRO A 1 18  ? -1.68178  -11.90625 -14.80434 1.000 20.10000 ? 15  PRO A CG  1 
ATOM   103  C CD  . PRO A 1 18  ? -0.62635  -11.31995 -13.91758 1.000 23.07000 ? 15  PRO A CD  1 
ATOM   104  N N   . GLN A 1 19  ? -1.22822  -13.96383 -11.12274 1.000 17.51000 ? 16  GLN A N   1 
ATOM   105  C CA  . GLN A 1 19  ? -1.20041  -15.04001 -10.13419 1.000 18.80000 ? 16  GLN A CA  1 
ATOM   106  C C   . GLN A 1 19  ? -0.48156  -14.69879 -8.82931  1.000 16.07000 ? 16  GLN A C   1 
ATOM   107  O O   . GLN A 1 19  ? -0.42115  -15.51775 -7.92218  1.000 17.12000 ? 16  GLN A O   1 
ATOM   108  C CB  . GLN A 1 19  ? -0.54634  -16.28810 -10.73673 1.000 22.96000 ? 16  GLN A CB  1 
ATOM   109  C CG  . GLN A 1 19  ? -1.33743  -16.93013 -11.85971 1.000 35.07000 ? 16  GLN A CG  1 
ATOM   110  C CD  . GLN A 1 19  ? -2.58628  -17.62038 -11.36136 1.000 37.04000 ? 16  GLN A CD  1 
ATOM   111  O OE1 . GLN A 1 19  ? -3.65498  -17.01877 -11.29197 1.000 44.12000 ? 16  GLN A OE1 1 
ATOM   112  N NE2 . GLN A 1 19  ? -2.45647  -18.89382 -11.00891 1.000 50.41000 ? 16  GLN A NE2 1 
ATOM   113  N N   . ARG A 1 20  ? 0.06762   -13.49697 -8.72540  1.000 13.09000 ? 17  ARG A N   1 
ATOM   114  C CA  . ARG A 1 20  ? 0.88100   -13.19174 -7.55122  1.000 10.39000 ? 17  ARG A CA  1 
ATOM   115  C C   . ARG A 1 20  ? 0.92528   -11.70253 -7.26736  1.000 10.33000 ? 17  ARG A C   1 
ATOM   116  O O   . ARG A 1 20  ? 0.64960   -10.87623 -8.14518  1.000 11.54000 ? 17  ARG A O   1 
ATOM   117  C CB  . ARG A 1 20  ? 2.29847   -13.73109 -7.74380  1.000 13.87000 ? 17  ARG A CB  1 
ATOM   118  C CG  . ARG A 1 20  ? 2.99947   -13.13814 -8.93711  1.000 11.39000 ? 17  ARG A CG  1 
ATOM   119  C CD  . ARG A 1 20  ? 4.36953   -13.74626 -9.13402  1.000 13.60000 ? 17  ARG A CD  1 
ATOM   120  N NE  . ARG A 1 20  ? 5.12992   -12.99719 -10.12764 1.000 14.31000 ? 17  ARG A NE  1 
ATOM   121  C CZ  . ARG A 1 20  ? 6.41186   -13.21822 -10.41129 1.000 14.68000 ? 17  ARG A CZ  1 
ATOM   122  N NH1 . ARG A 1 20  ? 7.07981   -14.17163 -9.77734  1.000 17.71000 ? 17  ARG A NH1 1 
ATOM   123  N NH2 . ARG A 1 20  ? 7.01635   -12.47739 -11.32947 1.000 19.30000 ? 17  ARG A NH2 1 
ATOM   124  N N   . VAL A 1 21  ? 1.27941   -11.36766 -6.02872  1.000 8.28000  ? 18  VAL A N   1 
ATOM   125  C CA  . VAL A 1 21  ? 1.44842   -9.98026  -5.61862  1.000 9.25000  ? 18  VAL A CA  1 
ATOM   126  C C   . VAL A 1 21  ? 2.78626   -9.82830  -4.88102  1.000 8.71000  ? 18  VAL A C   1 
ATOM   127  O O   . VAL A 1 21  ? 3.23750   -10.74454 -4.19995  1.000 9.95000  ? 18  VAL A O   1 
ATOM   128  C CB  . VAL A 1 21  ? 0.25535   -9.52555  -4.73657  1.000 9.28000  ? 18  VAL A CB  1 
ATOM   129  C CG1 . VAL A 1 21  ? 0.19119   -10.32179 -3.43788  1.000 11.13000 ? 18  VAL A CG1 1 
ATOM   130  C CG2 . VAL A 1 21  ? 0.31543   -8.02458  -4.44261  1.000 11.15000 ? 18  VAL A CG2 1 
ATOM   131  N N   . LEU A 1 22  ? 3.43633   -8.68397  -5.06212  1.000 7.82000  ? 19  LEU A N   1 
ATOM   132  C CA  . LEU A 1 22  ? 4.72272   -8.41095  -4.43155  1.000 8.03000  ? 19  LEU A CA  1 
ATOM   133  C C   . LEU A 1 22  ? 4.46949   -7.62039  -3.16390  1.000 8.49000  ? 19  LEU A C   1 
ATOM   134  O O   . LEU A 1 22  ? 3.77051   -6.60298  -3.19127  1.000 10.41000 ? 19  LEU A O   1 
ATOM   135  C CB  . LEU A 1 22  ? 5.63240   -7.62503  -5.36836  1.000 11.51000 ? 19  LEU A CB  1 
ATOM   136  C CG  . LEU A 1 22  ? 7.05883   -7.39247  -4.85803  1.000 9.63000  ? 19  LEU A CG  1 
ATOM   137  C CD1 . LEU A 1 22  ? 7.85972   -8.67066  -4.99334  1.000 10.43000 ? 19  LEU A CD1 1 
ATOM   138  C CD2 . LEU A 1 22  ? 7.72644   -6.26755  -5.64534  1.000 12.21000 ? 19  LEU A CD2 1 
ATOM   139  N N   . LEU A 1 23  ? 5.02087   -8.08991  -2.05728  1.000 8.18000  ? 20  LEU A N   1 
ATOM   140  C CA  . LEU A 1 23  ? 4.94292   -7.35466  -0.81317  1.000 5.81000  ? 20  LEU A CA  1 
ATOM   141  C C   . LEU A 1 23  ? 6.34153   -7.24539  -0.24132  1.000 8.67000  ? 20  LEU A C   1 
ATOM   142  O O   . LEU A 1 23  ? 7.21657   -8.06902  -0.53227  1.000 11.42000 ? 20  LEU A O   1 
ATOM   143  C CB  . LEU A 1 23  ? 3.99913   -8.04442  0.18837   1.000 8.33000  ? 20  LEU A CB  1 
ATOM   144  C CG  . LEU A 1 23  ? 2.54093   -8.16517  -0.24898  1.000 7.84000  ? 20  LEU A CG  1 
ATOM   145  C CD1 . LEU A 1 23  ? 1.75194   -9.10507  0.66889   1.000 8.14000  ? 20  LEU A CD1 1 
ATOM   146  C CD2 . LEU A 1 23  ? 1.91308   -6.78097  -0.30725  1.000 11.11000 ? 20  LEU A CD2 1 
ATOM   147  N N   . GLY A 1 24  ? 6.55655   -6.23005  0.58321   1.000 8.76000  ? 21  GLY A N   1 
ATOM   148  C CA  . GLY A 1 24  ? 7.87188   -6.01438  1.15121   1.000 10.53000 ? 21  GLY A CA  1 
ATOM   149  C C   . GLY A 1 24  ? 7.80483   -6.09512  2.66295   1.000 9.08000  ? 21  GLY A C   1 
ATOM   150  O O   . GLY A 1 24  ? 6.96353   -5.45011  3.29292   1.000 10.13000 ? 21  GLY A O   1 
ATOM   151  N N   . MET A 1 25  ? 8.65012   -6.93126  3.24941   1.000 8.09000  ? 22  MET A N   1 
ATOM   152  C CA  A MET A 1 25  ? 8.76632   -7.00583  4.69299   0.390 9.54000  ? 22  MET A CA  1 
ATOM   153  C CA  B MET A 1 25  ? 8.74656   -6.99519  4.70131   0.610 9.48000  ? 22  MET A CA  1 
ATOM   154  C C   . MET A 1 25  ? 9.57058   -5.81142  5.18228   1.000 10.77000 ? 22  MET A C   1 
ATOM   155  O O   . MET A 1 25  ? 10.74195  -5.68595  4.85434   1.000 9.25000  ? 22  MET A O   1 
ATOM   156  C CB  A MET A 1 25  ? 9.42753   -8.31983  5.09255   0.390 10.60000 ? 22  MET A CB  1 
ATOM   157  C CB  B MET A 1 25  ? 9.36272   -8.32495  5.14588   0.610 10.63000 ? 22  MET A CB  1 
ATOM   158  C CG  A MET A 1 25  ? 9.85283   -8.39306  6.53129   0.390 11.58000 ? 22  MET A CG  1 
ATOM   159  C CG  B MET A 1 25  ? 9.85552   -8.34640  6.58651   0.610 11.56000 ? 22  MET A CG  1 
ATOM   160  S SD  A MET A 1 25  ? 8.49083   -8.31155  7.69082   0.390 13.07000 ? 22  MET A SD  1 
ATOM   161  S SD  B MET A 1 25  ? 8.59190   -8.02347  7.81548   0.610 14.65000 ? 22  MET A SD  1 
ATOM   162  C CE  A MET A 1 25  ? 9.40529   -8.66261  9.17820   0.390 8.66000  ? 22  MET A CE  1 
ATOM   163  C CE  B MET A 1 25  ? 7.42650   -9.34213  7.48603   0.610 9.90000  ? 22  MET A CE  1 
ATOM   164  N N   . LYS A 1 26  ? 8.93408   -4.92793  5.94985   1.000 10.52000 ? 23  LYS A N   1 
ATOM   165  C CA  . LYS A 1 26  ? 9.57539   -3.71603  6.40852   1.000 11.00000 ? 23  LYS A CA  1 
ATOM   166  C C   . LYS A 1 26  ? 10.43606  -4.00654  7.62358   1.000 11.81000 ? 23  LYS A C   1 
ATOM   167  O O   . LYS A 1 26  ? 9.96873   -4.59343  8.59631   1.000 12.55000 ? 23  LYS A O   1 
ATOM   168  C CB  . LYS A 1 26  ? 8.51463   -2.66069  6.72257   1.000 13.42000 ? 23  LYS A CB  1 
ATOM   169  C CG  . LYS A 1 26  ? 9.07852   -1.28075  6.93008   1.000 17.29000 ? 23  LYS A CG  1 
ATOM   170  C CD  . LYS A 1 26  ? 8.01774   -0.22932  6.67598   1.000 25.69000 ? 23  LYS A CD  1 
ATOM   171  C CE  . LYS A 1 26  ? 8.64303   1.14744   6.60315   1.000 20.59000 ? 23  LYS A CE  1 
ATOM   172  N NZ  . LYS A 1 26  ? 7.63305   2.23344   6.45310   1.000 26.60000 ? 23  LYS A NZ  1 
ATOM   173  N N   . LYS A 1 27  ? 11.70088  -3.61426  7.56343   1.000 15.26000 ? 24  LYS A N   1 
ATOM   174  C CA  . LYS A 1 27  ? 12.62655  -3.99511  8.62147   1.000 15.71000 ? 24  LYS A CA  1 
ATOM   175  C C   . LYS A 1 27  ? 12.65455  -3.00076  9.79227   1.000 15.68000 ? 24  LYS A C   1 
ATOM   176  O O   . LYS A 1 27  ? 12.86617  -3.40143  10.93776  1.000 26.00000 ? 24  LYS A O   1 
ATOM   177  C CB  . LYS A 1 27  ? 14.02287  -4.19490  8.02900   1.000 18.70000 ? 24  LYS A CB  1 
ATOM   178  C CG  . LYS A 1 27  ? 14.04346  -5.28197  6.94838   1.000 24.30000 ? 24  LYS A CG  1 
ATOM   179  C CD  . LYS A 1 27  ? 15.46191  -5.57160  6.45661   1.000 23.04000 ? 24  LYS A CD  1 
ATOM   180  C CE  . LYS A 1 27  ? 15.45986  -6.40915  5.18831   1.000 17.68000 ? 24  LYS A CE  1 
ATOM   181  N NZ  . LYS A 1 27  ? 16.85487  -6.71354  4.74311   1.000 21.03000 ? 24  LYS A NZ  1 
ATOM   182  N N   . ARG A 1 28  ? 12.42094  -1.72130  9.51921   1.000 17.57000 ? 25  ARG A N   1 
ATOM   183  C CA  . ARG A 1 28  ? 12.36338  -0.72916  10.59221  1.000 19.37000 ? 25  ARG A CA  1 
ATOM   184  C C   . ARG A 1 28  ? 11.32940  0.36181   10.30702  1.000 26.03000 ? 25  ARG A C   1 
ATOM   185  O O   . ARG A 1 28  ? 10.77075  0.42734   9.21482   1.000 23.11000 ? 25  ARG A O   1 
ATOM   186  C CB  . ARG A 1 28  ? 13.74901  -0.10401  10.82968  1.000 26.62000 ? 25  ARG A CB  1 
ATOM   187  C CG  . ARG A 1 28  ? 14.48970  0.31897   9.57077   1.000 39.08000 ? 25  ARG A CG  1 
ATOM   188  C CD  . ARG A 1 28  ? 16.00252  0.34537   9.79215   1.000 53.65000 ? 25  ARG A CD  1 
ATOM   189  N NE  . ARG A 1 28  ? 16.69030  -0.78110  9.16249   1.000 60.72000 ? 25  ARG A NE  1 
ATOM   190  C CZ  . ARG A 1 28  ? 17.87143  -1.25263  9.55647   1.000 63.05000 ? 25  ARG A CZ  1 
ATOM   191  N NH1 . ARG A 1 28  ? 18.49426  -0.71036  10.59329  1.000 53.76000 ? 25  ARG A NH1 1 
ATOM   192  N NH2 . ARG A 1 28  ? 18.42539  -2.27709  8.92275   1.000 61.52000 ? 25  ARG A NH2 1 
ATOM   193  N N   . GLY A 1 29  ? 11.06350  1.20591   11.30184  1.000 25.56000 ? 26  GLY A N   1 
ATOM   194  C CA  . GLY A 1 29  ? 10.12273  2.30194   11.13917  1.000 27.51000 ? 26  GLY A CA  1 
ATOM   195  C C   . GLY A 1 29  ? 8.65628   1.89653   11.18290  1.000 22.18000 ? 26  GLY A C   1 
ATOM   196  O O   . GLY A 1 29  ? 8.30017   0.86782   11.75661  1.000 21.96000 ? 26  GLY A O   1 
ATOM   197  N N   . PHE A 1 30  ? 7.80382   2.71168   10.56913  1.000 21.71000 ? 27  PHE A N   1 
ATOM   198  C CA  . PHE A 1 30  ? 6.36043   2.51859   10.64668  1.000 22.51000 ? 27  PHE A CA  1 
ATOM   199  C C   . PHE A 1 30  ? 5.89429   1.35196   9.78364   1.000 18.19000 ? 27  PHE A C   1 
ATOM   200  O O   . PHE A 1 30  ? 6.00027   1.39132   8.56484   1.000 27.54000 ? 27  PHE A O   1 
ATOM   201  C CB  . PHE A 1 30  ? 5.63271   3.79325   10.23393  1.000 22.21000 ? 27  PHE A CB  1 
ATOM   202  C CG  . PHE A 1 30  ? 4.22256   3.86729   10.72991  1.000 23.34000 ? 27  PHE A CG  1 
ATOM   203  C CD1 . PHE A 1 30  ? 3.95554   3.94296   12.08505  1.000 29.54000 ? 27  PHE A CD1 1 
ATOM   204  C CD2 . PHE A 1 30  ? 3.16451   3.87053   9.84318   1.000 29.43000 ? 27  PHE A CD2 1 
ATOM   205  C CE1 . PHE A 1 30  ? 2.65813   4.01832   12.54470  1.000 31.13000 ? 27  PHE A CE1 1 
ATOM   206  C CE2 . PHE A 1 30  ? 1.86750   3.94716   10.29399  1.000 20.91000 ? 27  PHE A CE2 1 
ATOM   207  C CZ  . PHE A 1 30  ? 1.60955   4.01842   11.64303  1.000 27.58000 ? 27  PHE A CZ  1 
ATOM   208  N N   . GLY A 1 31  ? 5.36343   0.31921   10.43072  1.000 21.66000 ? 28  GLY A N   1 
ATOM   209  C CA  . GLY A 1 31  ? 4.96335   -0.87999  9.72337   1.000 16.44000 ? 28  GLY A CA  1 
ATOM   210  C C   . GLY A 1 31  ? 6.00781   -1.98239  9.82921   1.000 16.71000 ? 28  GLY A C   1 
ATOM   211  O O   . GLY A 1 31  ? 5.87331   -3.01936  9.18068   1.000 16.61000 ? 28  GLY A O   1 
ATOM   212  N N   . ALA A 1 32  ? 7.05006   -1.75804  10.63079  1.000 16.38000 ? 29  ALA A N   1 
ATOM   213  C CA  . ALA A 1 32  ? 8.13580   -2.73187  10.74883  1.000 18.06000 ? 29  ALA A CA  1 
ATOM   214  C C   . ALA A 1 32  ? 7.58324   -4.06126  11.19899  1.000 11.83000 ? 29  ALA A C   1 
ATOM   215  O O   . ALA A 1 32  ? 6.70351   -4.11397  12.05438  1.000 17.43000 ? 29  ALA A O   1 
ATOM   216  C CB  . ALA A 1 32  ? 9.20066   -2.25756  11.72078  1.000 16.76000 ? 29  ALA A CB  1 
ATOM   217  N N   . GLY A 1 33  ? 8.07060   -5.13675  10.60152  1.000 10.27000 ? 30  GLY A N   1 
ATOM   218  C CA  . GLY A 1 33  ? 7.64107   -6.46145  11.00906  1.000 12.25000 ? 30  GLY A CA  1 
ATOM   219  C C   . GLY A 1 33  ? 6.43272   -6.97698  10.25808  1.000 14.33000 ? 30  GLY A C   1 
ATOM   220  O O   . GLY A 1 33  ? 5.97759   -8.08260  10.49289  1.000 16.72000 ? 30  GLY A O   1 
ATOM   221  N N   . ARG A 1 34  ? 5.91450   -6.16941  9.34309   1.000 9.99000  ? 31  ARG A N   1 
ATOM   222  C CA  . ARG A 1 34  ? 4.76940   -6.56488  8.54890   1.000 9.50000  ? 31  ARG A CA  1 
ATOM   223  C C   . ARG A 1 34  ? 5.09900   -6.54554  7.07094   1.000 6.59000  ? 31  ARG A C   1 
ATOM   224  O O   . ARG A 1 34  ? 6.01255   -5.83638  6.66102   1.000 9.50000  ? 31  ARG A O   1 
ATOM   225  C CB  . ARG A 1 34  ? 3.60294   -5.62126  8.81815   1.000 10.16000 ? 31  ARG A CB  1 
ATOM   226  C CG  . ARG A 1 34  ? 2.83771   -5.98423  10.06920  1.000 12.88000 ? 31  ARG A CG  1 
ATOM   227  C CD  . ARG A 1 34  ? 1.95891   -4.83533  10.53245  1.000 13.89000 ? 31  ARG A CD  1 
ATOM   228  N NE  . ARG A 1 34  ? 1.03210   -5.32104  11.54736  1.000 12.41000 ? 31  ARG A NE  1 
ATOM   229  C CZ  . ARG A 1 34  ? 0.24557   -4.55193  12.28673  1.000 12.94000 ? 31  ARG A CZ  1 
ATOM   230  N NH1 . ARG A 1 34  ? 0.24855   -3.23772  12.13383  1.000 15.53000 ? 31  ARG A NH1 1 
ATOM   231  N NH2 . ARG A 1 34  ? -0.56604  -5.11289  13.17166  1.000 16.24000 ? 31  ARG A NH2 1 
ATOM   232  N N   . TRP A 1 35  ? 4.35286   -7.31086  6.28142   1.000 8.92000  ? 32  TRP A N   1 
ATOM   233  C CA  . TRP A 1 35  ? 4.41220   -7.23183  4.82516   1.000 6.52000  ? 32  TRP A CA  1 
ATOM   234  C C   . TRP A 1 35  ? 3.56402   -6.06950  4.34741   1.000 9.47000  ? 32  TRP A C   1 
ATOM   235  O O   . TRP A 1 35  ? 2.37007   -6.01178  4.62513   1.000 12.93000 ? 32  TRP A O   1 
ATOM   236  C CB  . TRP A 1 35  ? 3.92168   -8.53189  4.18832   1.000 7.16000  ? 32  TRP A CB  1 
ATOM   237  C CG  . TRP A 1 35  ? 4.74298   -9.72586  4.56896   1.000 8.96000  ? 32  TRP A CG  1 
ATOM   238  C CD1 . TRP A 1 35  ? 4.47419   -10.62072 5.56564   1.000 10.52000 ? 32  TRP A CD1 1 
ATOM   239  C CD2 . TRP A 1 35  ? 5.95299   -10.16619 3.95114   1.000 7.75000  ? 32  TRP A CD2 1 
ATOM   240  N NE1 . TRP A 1 35  ? 5.45206   -11.59073 5.61061   1.000 10.78000 ? 32  TRP A NE1 1 
ATOM   241  C CE2 . TRP A 1 35  ? 6.38133   -11.32675 4.63269   1.000 7.98000  ? 32  TRP A CE2 1 
ATOM   242  C CE3 . TRP A 1 35  ? 6.73002   -9.68992  2.89284   1.000 8.94000  ? 32  TRP A CE3 1 
ATOM   243  C CZ2 . TRP A 1 35  ? 7.53993   -12.02084 4.29131   1.000 9.89000  ? 32  TRP A CZ2 1 
ATOM   244  C CZ3 . TRP A 1 35  ? 7.88988   -10.37909 2.55584   1.000 10.73000 ? 32  TRP A CZ3 1 
ATOM   245  C CH2 . TRP A 1 35  ? 8.28118   -11.52581 3.26032   1.000 10.26000 ? 32  TRP A CH2 1 
ATOM   246  N N   . ASN A 1 36  ? 4.20953   -5.15069  3.64842   1.000 10.87000 ? 33  ASN A N   1 
ATOM   247  C CA  . ASN A 1 36  ? 3.62552   -3.89090  3.20566   1.000 11.43000 ? 33  ASN A CA  1 
ATOM   248  C C   . ASN A 1 36  ? 3.67282   -3.82203  1.67458   1.000 10.25000 ? 33  ASN A C   1 
ATOM   249  O O   . ASN A 1 36  ? 4.49253   -4.48860  1.03873   1.000 10.83000 ? 33  ASN A O   1 
ATOM   250  C CB  . ASN A 1 36  ? 4.41234   -2.68359  3.77607   1.000 11.26000 ? 33  ASN A CB  1 
ATOM   251  C CG  . ASN A 1 36  ? 4.26431   -2.49207  5.30881   1.000 13.26000 ? 33  ASN A CG  1 
ATOM   252  O OD1 . ASN A 1 36  ? 3.58624   -1.56121  5.76879   1.000 16.84000 ? 33  ASN A OD1 1 
ATOM   253  N ND2 . ASN A 1 36  ? 4.95595   -3.31929  6.08589   1.000 16.48000 ? 33  ASN A ND2 1 
ATOM   254  N N   . GLY A 1 37  ? 2.83433   -2.98466  1.08227   1.000 10.68000 ? 34  GLY A N   1 
ATOM   255  C CA  . GLY A 1 37  ? 3.09531   -2.51248  -0.26405  1.000 8.30000  ? 34  GLY A CA  1 
ATOM   256  C C   . GLY A 1 37  ? 4.18205   -1.45160  -0.18415  1.000 9.46000  ? 34  GLY A C   1 
ATOM   257  O O   . GLY A 1 37  ? 4.85119   -1.30274  0.83983   1.000 10.89000 ? 34  GLY A O   1 
ATOM   258  N N   . PHE A 1 38  ? 4.36554   -0.71386  -1.26380  1.000 8.43000  ? 35  PHE A N   1 
ATOM   259  C CA  . PHE A 1 38  ? 5.45906   0.24137   -1.33716  1.000 8.25000  ? 35  PHE A CA  1 
ATOM   260  C C   . PHE A 1 38  ? 4.93529   1.65667   -1.41024  1.000 9.32000  ? 35  PHE A C   1 
ATOM   261  O O   . PHE A 1 38  ? 4.18000   2.01364   -2.30481  1.000 10.26000 ? 35  PHE A O   1 
ATOM   262  C CB  . PHE A 1 38  ? 6.34209   -0.09816  -2.53551  1.000 8.65000  ? 35  PHE A CB  1 
ATOM   263  C CG  . PHE A 1 38  ? 6.83816   -1.50699  -2.49894  1.000 9.17000  ? 35  PHE A CG  1 
ATOM   264  C CD1 . PHE A 1 38  ? 7.87656   -1.85968  -1.64704  1.000 9.76000  ? 35  PHE A CD1 1 
ATOM   265  C CD2 . PHE A 1 38  ? 6.24018   -2.49337  -3.27420  1.000 12.35000 ? 35  PHE A CD2 1 
ATOM   266  C CE1 . PHE A 1 38  ? 8.32766   -3.16470  -1.57678  1.000 12.74000 ? 35  PHE A CE1 1 
ATOM   267  C CE2 . PHE A 1 38  ? 6.69215   -3.81284  -3.20597  1.000 11.96000 ? 35  PHE A CE2 1 
ATOM   268  C CZ  . PHE A 1 38  ? 7.74203   -4.13783  -2.36224  1.000 10.60000 ? 35  PHE A CZ  1 
ATOM   269  N N   . GLY A 1 39  ? 5.31153   2.47060   -0.44230  1.000 11.55000 ? 36  GLY A N   1 
ATOM   270  C CA  . GLY A 1 39  ? 4.73348   3.78797   -0.39531  1.000 16.81000 ? 36  GLY A CA  1 
ATOM   271  C C   . GLY A 1 39  ? 5.39998   4.67906   0.61402   1.000 17.84000 ? 36  GLY A C   1 
ATOM   272  O O   . GLY A 1 39  ? 6.35220   4.30469   1.29112   1.000 17.23000 ? 36  GLY A O   1 
ATOM   273  N N   . GLY A 1 40  ? 4.86548   5.87763   0.71826   1.000 9.93000  ? 37  GLY A N   1 
ATOM   274  C CA  . GLY A 1 40  ? 5.43573   6.87793   1.59330   1.000 11.38000 ? 37  GLY A CA  1 
ATOM   275  C C   . GLY A 1 40  ? 4.84257   8.23984   1.30184   1.000 8.16000  ? 37  GLY A C   1 
ATOM   276  O O   . GLY A 1 40  ? 3.83809   8.37015   0.59318   1.000 8.93000  ? 37  GLY A O   1 
ATOM   277  N N   . LYS A 1 41  ? 5.46177   9.26370   1.88444   1.000 10.25000 ? 38  LYS A N   1 
ATOM   278  C CA  . LYS A 1 41  ? 4.94314   10.62728  1.83945   1.000 13.52000 ? 38  LYS A CA  1 
ATOM   279  C C   . LYS A 1 41  ? 5.17916   11.26376  0.48214   1.000 9.06000  ? 38  LYS A C   1 
ATOM   280  O O   . LYS A 1 41  ? 6.23159   11.08901  -0.10824  1.000 13.82000 ? 38  LYS A O   1 
ATOM   281  C CB  . LYS A 1 41  ? 5.60852   11.47494  2.92434   1.000 12.45000 ? 38  LYS A CB  1 
ATOM   282  C CG  . LYS A 1 41  ? 5.34803   10.97522  4.33864   1.000 12.41000 ? 38  LYS A CG  1 
ATOM   283  C CD  . LYS A 1 41  ? 6.10702   11.79564  5.37365   1.000 21.93000 ? 38  LYS A CD  1 
ATOM   284  C CE  . LYS A 1 41  ? 5.60463   11.49083  6.77880   1.000 26.86000 ? 38  LYS A CE  1 
ATOM   285  N NZ  . LYS A 1 41  ? 5.96752   12.57035  7.72958   1.000 40.88000 ? 38  LYS A NZ  1 
ATOM   286  N N   . VAL A 1 42  ? 4.19128   12.00127  0.00124   1.000 12.07000 ? 39  VAL A N   1 
ATOM   287  C CA  . VAL A 1 42  ? 4.33223   12.76687  -1.23371  1.000 11.86000 ? 39  VAL A CA  1 
ATOM   288  C C   . VAL A 1 42  ? 5.09546   14.04299  -0.91226  1.000 12.07000 ? 39  VAL A C   1 
ATOM   289  O O   . VAL A 1 42  ? 4.85268   14.67081  0.12850   1.000 13.86000 ? 39  VAL A O   1 
ATOM   290  C CB  . VAL A 1 42  ? 2.96611   13.10252  -1.84101  1.000 13.81000 ? 39  VAL A CB  1 
ATOM   291  C CG1 . VAL A 1 42  ? 3.11603   13.94199  -3.11152  1.000 13.62000 ? 39  VAL A CG1 1 
ATOM   292  C CG2 . VAL A 1 42  ? 2.18747   11.82065  -2.12192  1.000 12.80000 ? 39  VAL A CG2 1 
ATOM   293  N N   . GLN A 1 43  ? 6.01729   14.41852  -1.79082  1.000 11.60000 ? 40  GLN A N   1 
ATOM   294  C CA  . GLN A 1 43  ? 6.86234   15.58080  -1.52952  1.000 13.76000 ? 40  GLN A CA  1 
ATOM   295  C C   . GLN A 1 43  ? 6.27861   16.88881  -2.06303  1.000 11.54000 ? 40  GLN A C   1 
ATOM   296  O O   . GLN A 1 43  ? 5.33040   16.90418  -2.86300  1.000 10.76000 ? 40  GLN A O   1 
ATOM   297  C CB  . GLN A 1 43  ? 8.24959   15.35156  -2.11668  1.000 12.82000 ? 40  GLN A CB  1 
ATOM   298  C CG  . GLN A 1 43  ? 8.98858   14.21833  -1.42395  1.000 16.76000 ? 40  GLN A CG  1 
ATOM   299  C CD  . GLN A 1 43  ? 10.26448  13.79349  -2.13832  1.000 23.73000 ? 40  GLN A CD  1 
ATOM   300  O OE1 . GLN A 1 43  ? 10.64707  14.36047  -3.16342  1.000 29.30000 ? 40  GLN A OE1 1 
ATOM   301  N NE2 . GLN A 1 43  ? 10.93123  12.77803  -1.59067  1.000 33.29000 ? 40  GLN A NE2 1 
ATOM   302  N N   . GLU A 1 44  ? 6.85298   17.99808  -1.59907  1.000 12.84000 ? 41  GLU A N   1 
ATOM   303  C CA  . GLU A 1 44  ? 6.50592   19.32160  -2.10790  1.000 14.72000 ? 41  GLU A CA  1 
ATOM   304  C C   . GLU A 1 44  ? 6.77783   19.41823  -3.60042  1.000 10.05000 ? 41  GLU A C   1 
ATOM   305  O O   . GLU A 1 44  ? 7.84813   19.02528  -4.07527  1.000 15.40000 ? 41  GLU A O   1 
ATOM   306  C CB  . GLU A 1 44  ? 7.29104   20.40043  -1.34799  1.000 16.17000 ? 41  GLU A CB  1 
ATOM   307  C CG  . GLU A 1 44  ? 6.90750   20.48043  0.11603   1.000 15.00000 ? 41  GLU A CG  1 
ATOM   308  C CD  . GLU A 1 44  ? 8.03884   20.95923  1.00841   1.000 34.62000 ? 41  GLU A CD  1 
ATOM   309  O OE1 . GLU A 1 44  ? 9.20258   21.00547  0.54798   1.000 28.06000 ? 41  GLU A OE1 1 
ATOM   310  O OE2 . GLU A 1 44  ? 7.75999   21.27119  2.18396   1.000 43.34000 ? 41  GLU A OE2 1 
ATOM   311  N N   . GLY A 1 45  ? 5.78246   19.89254  -4.34154  1.000 11.72000 ? 42  GLY A N   1 
ATOM   312  C CA  . GLY A 1 45  ? 5.89637   20.06376  -5.77711  1.000 14.59000 ? 42  GLY A CA  1 
ATOM   313  C C   . GLY A 1 45  ? 5.77519   18.79293  -6.60019  1.000 14.21000 ? 42  GLY A C   1 
ATOM   314  O O   . GLY A 1 45  ? 5.94473   18.81224  -7.81358  1.000 18.63000 ? 42  GLY A O   1 
ATOM   315  N N   . GLU A 1 46  ? 5.48609   17.68217  -5.93350  1.000 13.84000 ? 43  GLU A N   1 
ATOM   316  C CA  . GLU A 1 46  ? 5.43754   16.38704  -6.58810  1.000 17.15000 ? 43  GLU A CA  1 
ATOM   317  C C   . GLU A 1 46  ? 3.99591   15.94546  -6.73930  1.000 14.65000 ? 43  GLU A C   1 
ATOM   318  O O   . GLU A 1 46  ? 3.20827   16.11838  -5.81160  1.000 14.47000 ? 43  GLU A O   1 
ATOM   319  C CB  . GLU A 1 46  ? 6.22565   15.37684  -5.76558  1.000 16.34000 ? 43  GLU A CB  1 
ATOM   320  C CG  . GLU A 1 46  ? 6.24004   13.97946  -6.30540  1.000 15.97000 ? 43  GLU A CG  1 
ATOM   321  C CD  . GLU A 1 46  ? 6.96991   13.02592  -5.38374  1.000 11.07000 ? 43  GLU A CD  1 
ATOM   322  O OE1 . GLU A 1 46  ? 6.60722   12.94249  -4.18785  1.000 14.43000 ? 43  GLU A OE1 1 
ATOM   323  O OE2 . GLU A 1 46  ? 7.89379   12.34622  -5.87567  1.000 15.51000 ? 43  GLU A OE2 1 
ATOM   324  N N   . THR A 1 47  ? 3.63934   15.38668  -7.89717  1.000 14.52000 ? 44  THR A N   1 
ATOM   325  C CA  . THR A 1 47  ? 2.27992   14.86627  -8.05554  1.000 13.27000 ? 44  THR A CA  1 
ATOM   326  C C   . THR A 1 47  ? 2.16217   13.57860  -7.27311  1.000 11.17000 ? 44  THR A C   1 
ATOM   327  O O   . THR A 1 47  ? 3.16233   12.89825  -7.02857  1.000 14.28000 ? 44  THR A O   1 
ATOM   328  C CB  . THR A 1 47  ? 1.89050   14.58758  -9.52469  1.000 14.89000 ? 44  THR A CB  1 
ATOM   329  O OG1 . THR A 1 47  ? 2.66718   13.49536  -10.03325 1.000 15.47000 ? 44  THR A OG1 1 
ATOM   330  C CG2 . THR A 1 47  ? 2.11441   15.82604  -10.37543 1.000 21.84000 ? 44  THR A CG2 1 
ATOM   331  N N   . ILE A 1 48  ? 0.93824   13.23942  -6.89730  1.000 11.33000 ? 45  ILE A N   1 
ATOM   332  C CA  . ILE A 1 48  ? 0.72304   12.00591  -6.16485  1.000 14.73000 ? 45  ILE A CA  1 
ATOM   333  C C   . ILE A 1 48  ? 1.22212   10.80114  -6.96852  1.000 14.15000 ? 45  ILE A C   1 
ATOM   334  O O   . ILE A 1 48  ? 1.93207   9.95768   -6.42993  1.000 11.83000 ? 45  ILE A O   1 
ATOM   335  C CB  . ILE A 1 48  ? -0.74383  11.85692  -5.79304  1.000 13.86000 ? 45  ILE A CB  1 
ATOM   336  C CG1 . ILE A 1 48  ? -1.14283  13.00385  -4.85432  1.000 17.65000 ? 45  ILE A CG1 1 
ATOM   337  C CG2 . ILE A 1 48  ? -0.98948  10.50832  -5.13278  1.000 16.58000 ? 45  ILE A CG2 1 
ATOM   338  C CD1 . ILE A 1 48  ? -2.62293  13.02409  -4.50581  1.000 18.95000 ? 45  ILE A CD1 1 
ATOM   339  N N   . GLU A 1 49  ? 0.91355   10.75627  -8.26247  1.000 14.65000 ? 46  GLU A N   1 
ATOM   340  C CA  . GLU A 1 49  ? 1.36574   9.64745   -9.09516  1.000 15.70000 ? 46  GLU A CA  1 
ATOM   341  C C   . GLU A 1 49  ? 2.88749   9.57826   -9.20234  1.000 12.07000 ? 46  GLU A C   1 
ATOM   342  O O   . GLU A 1 49  ? 3.46408   8.48794   -9.13626  1.000 13.80000 ? 46  GLU A O   1 
ATOM   343  C CB  . GLU A 1 49  ? 0.75462   9.72812   -10.49509 1.000 19.52000 ? 46  GLU A CB  1 
ATOM   344  C CG  . GLU A 1 49  ? 1.12752   8.53008   -11.36002 1.000 27.11000 ? 46  GLU A CG  1 
ATOM   345  C CD  . GLU A 1 49  ? 0.37438   8.48104   -12.67602 1.000 38.71000 ? 46  GLU A CD  1 
ATOM   346  O OE1 . GLU A 1 49  ? -0.43247  9.39942   -12.93822 1.000 35.23000 ? 46  GLU A OE1 1 
ATOM   347  O OE2 . GLU A 1 49  ? 0.60250   7.52425   -13.45040 1.000 36.33000 ? 46  GLU A OE2 1 
ATOM   348  N N   . ASP A 1 50  ? 3.54370   10.72760  -9.36480  1.000 11.44000 ? 47  ASP A N   1 
ATOM   349  C CA  . ASP A 1 50  ? 5.00226   10.73199  -9.40275  1.000 13.68000 ? 47  ASP A CA  1 
ATOM   350  C C   . ASP A 1 50  ? 5.57052   10.24919  -8.07612  1.000 11.80000 ? 47  ASP A C   1 
ATOM   351  O O   . ASP A 1 50  ? 6.57028   9.52724   -8.04878  1.000 12.98000 ? 47  ASP A O   1 
ATOM   352  C CB  . ASP A 1 50  ? 5.54291   12.12247  -9.72527  1.000 12.23000 ? 47  ASP A CB  1 
ATOM   353  C CG  . ASP A 1 50  ? 5.36915   12.48447  -11.18803 1.000 23.40000 ? 47  ASP A CG  1 
ATOM   354  O OD1 . ASP A 1 50  ? 5.09513   11.57414  -12.00058 1.000 25.82000 ? 47  ASP A OD1 1 
ATOM   355  O OD2 . ASP A 1 50  ? 5.51509   13.67316  -11.51984 1.000 24.61000 ? 47  ASP A OD2 1 
ATOM   356  N N   . GLY A 1 51  ? 4.92273   10.65603  -6.98320  1.000 10.49000 ? 48  GLY A N   1 
ATOM   357  C CA  . GLY A 1 51  ? 5.29046   10.18369  -5.65869  1.000 12.67000 ? 48  GLY A CA  1 
ATOM   358  C C   . GLY A 1 51  ? 5.20301   8.67169   -5.55703  1.000 9.67000  ? 48  GLY A C   1 
ATOM   359  O O   . GLY A 1 51  ? 6.09338   8.03652   -4.98759  1.000 11.51000 ? 48  GLY A O   1 
ATOM   360  N N   . ALA A 1 52  ? 4.12972   8.10432   -6.11580  1.000 9.54000  ? 49  ALA A N   1 
ATOM   361  C CA  . ALA A 1 52  ? 3.92750   6.65258   -6.07443  1.000 9.59000  ? 49  ALA A CA  1 
ATOM   362  C C   . ALA A 1 52  ? 5.02182   5.93236   -6.86162  1.000 11.34000 ? 49  ALA A C   1 
ATOM   363  O O   . ALA A 1 52  ? 5.57743   4.94539   -6.40444  1.000 10.91000 ? 49  ALA A O   1 
ATOM   364  C CB  . ALA A 1 52  ? 2.56196   6.29245   -6.61436  1.000 12.34000 ? 49  ALA A CB  1 
ATOM   365  N N   . ARG A 1 53  ? 5.34309   6.45400   -8.04253  1.000 11.01000 ? 50  ARG A N   1 
ATOM   366  C CA  . ARG A 1 53  ? 6.38376   5.85865   -8.86033  1.000 12.09000 ? 50  ARG A CA  1 
ATOM   367  C C   . ARG A 1 53  ? 7.73725   5.90014   -8.14920  1.000 12.10000 ? 50  ARG A C   1 
ATOM   368  O O   . ARG A 1 53  ? 8.50451   4.93069   -8.17336  1.000 12.89000 ? 50  ARG A O   1 
ATOM   369  C CB  . ARG A 1 53  ? 6.46441   6.57755   -10.20421 1.000 14.78000 ? 50  ARG A CB  1 
ATOM   370  C CG  . ARG A 1 53  ? 7.48326   6.00779   -11.16223 1.000 19.81000 ? 50  ARG A CG  1 
ATOM   371  C CD  . ARG A 1 53  ? 7.34412   6.65757   -12.53683 1.000 22.77000 ? 50  ARG A CD  1 
ATOM   372  N NE  . ARG A 1 53  ? 6.00471   6.45516   -13.09090 1.000 27.82000 ? 50  ARG A NE  1 
ATOM   373  C CZ  . ARG A 1 53  ? 5.05227   7.38169   -13.12469 1.000 22.58000 ? 50  ARG A CZ  1 
ATOM   374  N NH1 . ARG A 1 53  ? 5.28101   8.59202   -12.63695 1.000 27.49000 ? 50  ARG A NH1 1 
ATOM   375  N NH2 . ARG A 1 53  ? 3.86972   7.09750   -13.64996 1.000 34.97000 ? 50  ARG A NH2 1 
ATOM   376  N N   . ARG A 1 54  ? 8.01848   7.02789   -7.49774  1.000 10.56000 ? 51  ARG A N   1 
ATOM   377  C CA  . ARG A 1 54  ? 9.26111   7.19973   -6.76565  1.000 11.73000 ? 51  ARG A CA  1 
ATOM   378  C C   . ARG A 1 54  ? 9.36528   6.22883   -5.59661  1.000 10.71000 ? 51  ARG A C   1 
ATOM   379  O O   . ARG A 1 54  ? 10.40916  5.60528   -5.39440  1.000 12.96000 ? 51  ARG A O   1 
ATOM   380  C CB  . ARG A 1 54  ? 9.38504   8.63696   -6.25093  1.000 12.37000 ? 51  ARG A CB  1 
ATOM   381  C CG  . ARG A 1 54  ? 10.61398  8.84170   -5.39941  1.000 11.42000 ? 51  ARG A CG  1 
ATOM   382  C CD  . ARG A 1 54  ? 10.72002  10.26696  -4.87365  1.000 16.00000 ? 51  ARG A CD  1 
ATOM   383  N NE  . ARG A 1 54  ? 9.47175   10.71986  -4.27838  1.000 13.65000 ? 51  ARG A NE  1 
ATOM   384  C CZ  . ARG A 1 54  ? 9.05451   10.39391  -3.05875  1.000 13.03000 ? 51  ARG A CZ  1 
ATOM   385  N NH1 . ARG A 1 54  ? 9.78871   9.60553   -2.28637  1.000 16.41000 ? 51  ARG A NH1 1 
ATOM   386  N NH2 . ARG A 1 54  ? 7.90685   10.86871  -2.60773  1.000 13.98000 ? 51  ARG A NH2 1 
ATOM   387  N N   . GLU A 1 55  ? 8.29079   6.11834   -4.81124  1.000 13.57000 ? 52  GLU A N   1 
ATOM   388  C CA  . GLU A 1 55  ? 8.31154   5.21813   -3.66159  1.000 16.30000 ? 52  GLU A CA  1 
ATOM   389  C C   . GLU A 1 55  ? 8.52540   3.78571   -4.10427  1.000 13.67000 ? 52  GLU A C   1 
ATOM   390  O O   . GLU A 1 55  ? 9.22663   3.03596   -3.44045  1.000 10.83000 ? 52  GLU A O   1 
ATOM   391  C CB  . GLU A 1 55  ? 7.00973   5.28396   -2.86205  1.000 18.64000 ? 52  GLU A CB  1 
ATOM   392  C CG  . GLU A 1 55  ? 6.62865   6.63916   -2.31229  1.000 22.58000 ? 52  GLU A CG  1 
ATOM   393  C CD  . GLU A 1 55  ? 7.49632   7.09571   -1.16411  1.000 29.03000 ? 52  GLU A CD  1 
ATOM   394  O OE1 . GLU A 1 55  ? 8.37252   6.32544   -0.70292  1.000 29.69000 ? 52  GLU A OE1 1 
ATOM   395  O OE2 . GLU A 1 55  ? 7.28840   8.24374   -0.71138  1.000 31.47000 ? 52  GLU A OE2 1 
ATOM   396  N N   . LEU A 1 56  ? 7.87816   3.38154   -5.19561  1.000 13.17000 ? 53  LEU A N   1 
ATOM   397  C CA  . LEU A 1 56  ? 8.05427   1.99909   -5.64775  1.000 10.43000 ? 53  LEU A CA  1 
ATOM   398  C C   . LEU A 1 56  ? 9.52373   1.72683   -5.96738  1.000 11.24000 ? 53  LEU A C   1 
ATOM   399  O O   . LEU A 1 56  ? 10.07591  0.70516   -5.58137  1.000 14.24000 ? 53  LEU A O   1 
ATOM   400  C CB  . LEU A 1 56  ? 7.18131   1.68668   -6.86454  1.000 12.87000 ? 53  LEU A CB  1 
ATOM   401  C CG  . LEU A 1 56  ? 7.34560   0.24508   -7.36189  1.000 12.27000 ? 53  LEU A CG  1 
ATOM   402  C CD1 . LEU A 1 56  ? 6.77135   -0.77034  -6.36332  1.000 12.43000 ? 53  LEU A CD1 1 
ATOM   403  C CD2 . LEU A 1 56  ? 6.70316   0.08637   -8.70628  1.000 14.86000 ? 53  LEU A CD2 1 
ATOM   404  N N   . GLN A 1 57  ? 10.16972  2.66090   -6.65420  1.000 12.08000 ? 54  GLN A N   1 
ATOM   405  C CA  . GLN A 1 57  ? 11.58374  2.48330   -6.99529  1.000 12.66000 ? 54  GLN A CA  1 
ATOM   406  C C   . GLN A 1 57  ? 12.48822  2.47174   -5.75986  1.000 15.18000 ? 54  GLN A C   1 
ATOM   407  O O   . GLN A 1 57  ? 13.28920  1.55667   -5.57615  1.000 17.09000 ? 54  GLN A O   1 
ATOM   408  C CB  . GLN A 1 57  ? 12.01553  3.56767   -7.97954  1.000 14.50000 ? 54  GLN A CB  1 
ATOM   409  C CG  . GLN A 1 57  ? 13.52289  3.72156   -8.14621  1.000 22.47000 ? 54  GLN A CG  1 
ATOM   410  C CD  . GLN A 1 57  ? 14.22339  2.42872   -8.49891  1.000 25.25000 ? 54  GLN A CD  1 
ATOM   411  O OE1 . GLN A 1 57  ? 15.15686  2.00327   -7.80105  1.000 32.24000 ? 54  GLN A OE1 1 
ATOM   412  N NE2 . GLN A 1 57  ? 13.79897  1.80267   -9.59805  1.000 24.76000 ? 54  GLN A NE2 1 
ATOM   413  N N   . GLU A 1 58  ? 12.32509  3.45700   -4.88709  1.000 14.15000 ? 55  GLU A N   1 
ATOM   414  C CA  . GLU A 1 58  ? 13.13878  3.53474   -3.67776  1.000 14.36000 ? 55  GLU A CA  1 
ATOM   415  C C   . GLU A 1 58  ? 13.02853  2.31757   -2.77903  1.000 16.70000 ? 55  GLU A C   1 
ATOM   416  O O   . GLU A 1 58  ? 14.02216  1.88571   -2.17977  1.000 16.95000 ? 55  GLU A O   1 
ATOM   417  C CB  . GLU A 1 58  ? 12.76264  4.77925   -2.87640  1.000 17.41000 ? 55  GLU A CB  1 
ATOM   418  C CG  . GLU A 1 58  ? 13.12419  6.09729   -3.53446  1.000 22.46000 ? 55  GLU A CG  1 
ATOM   419  C CD  . GLU A 1 58  ? 12.66925  7.29031   -2.70516  1.000 26.51000 ? 55  GLU A CD  1 
ATOM   420  O OE1 . GLU A 1 58  ? 12.12070  7.07841   -1.59989  1.000 35.79000 ? 55  GLU A OE1 1 
ATOM   421  O OE2 . GLU A 1 58  ? 12.85332  8.43736   -3.15702  1.000 26.19000 ? 55  GLU A OE2 1 
ATOM   422  N N   . GLU A 1 59  ? 11.82712  1.76272   -2.66656  1.000 12.87000 ? 56  GLU A N   1 
ATOM   423  C CA  . GLU A 1 59  ? 11.60207  0.69384   -1.70015  1.000 13.22000 ? 56  GLU A CA  1 
ATOM   424  C C   . GLU A 1 59  ? 11.71283  -0.72360  -2.26699  1.000 15.49000 ? 56  GLU A C   1 
ATOM   425  O O   . GLU A 1 59  ? 12.03420  -1.66063  -1.53056  1.000 16.52000 ? 56  GLU A O   1 
ATOM   426  C CB  . GLU A 1 59  ? 10.23437  0.86939   -1.03434  1.000 12.59000 ? 56  GLU A CB  1 
ATOM   427  C CG  . GLU A 1 59  ? 10.14084  2.15236   -0.22012  1.000 12.53000 ? 56  GLU A CG  1 
ATOM   428  C CD  . GLU A 1 59  ? 8.83975   2.30945   0.53333   1.000 26.37000 ? 56  GLU A CD  1 
ATOM   429  O OE1 . GLU A 1 59  ? 7.94478   1.45136   0.40892   1.000 14.07000 ? 56  GLU A OE1 1 
ATOM   430  O OE2 . GLU A 1 59  ? 8.71942   3.30898   1.27214   1.000 36.13000 ? 56  GLU A OE2 1 
ATOM   431  N N   . SER A 1 60  ? 11.44494  -0.88585  -3.56060  1.000 12.94000 ? 57  SER A N   1 
ATOM   432  C CA  . SER A 1 60  ? 11.44559  -2.21619  -4.16332  1.000 13.78000 ? 57  SER A CA  1 
ATOM   433  C C   . SER A 1 60  ? 12.50083  -2.40676  -5.24565  1.000 14.35000 ? 57  SER A C   1 
ATOM   434  O O   . SER A 1 60  ? 12.79891  -3.54494  -5.62234  1.000 14.50000 ? 57  SER A O   1 
ATOM   435  C CB  . SER A 1 60  ? 10.07960  -2.53191  -4.77513  1.000 14.59000 ? 57  SER A CB  1 
ATOM   436  O OG  . SER A 1 60  ? 9.94883   -1.92676  -6.04542  1.000 12.44000 ? 57  SER A OG  1 
ATOM   437  N N   . GLY A 1 61  ? 13.03652  -1.30799  -5.77178  1.000 12.56000 ? 58  GLY A N   1 
ATOM   438  C CA  . GLY A 1 61  ? 13.99509  -1.37667  -6.86854  1.000 13.85000 ? 58  GLY A CA  1 
ATOM   439  C C   . GLY A 1 61  ? 13.36514  -1.47107  -8.24880  1.000 13.71000 ? 58  GLY A C   1 
ATOM   440  O O   . GLY A 1 61  ? 14.07613  -1.47529  -9.25884  1.000 15.51000 ? 58  GLY A O   1 
ATOM   441  N N   . LEU A 1 62  ? 12.03695  -1.54245  -8.29374  1.000 13.01000 ? 59  LEU A N   1 
ATOM   442  C CA  . LEU A 1 62  ? 11.29863  -1.71749  -9.54757  1.000 11.92000 ? 59  LEU A CA  1 
ATOM   443  C C   . LEU A 1 62  ? 10.93736  -0.39163  -10.19917 1.000 12.38000 ? 59  LEU A C   1 
ATOM   444  O O   . LEU A 1 62  ? 10.60368  0.58953   -9.53188  1.000 15.10000 ? 59  LEU A O   1 
ATOM   445  C CB  . LEU A 1 62  ? 10.01550  -2.51189  -9.31493  1.000 13.66000 ? 59  LEU A CB  1 
ATOM   446  C CG  . LEU A 1 62  ? 10.12176  -3.94353  -8.82076  1.000 11.33000 ? 59  LEU A CG  1 
ATOM   447  C CD1 . LEU A 1 62  ? 8.71766   -4.52713  -8.68631  1.000 14.15000 ? 59  LEU A CD1 1 
ATOM   448  C CD2 . LEU A 1 62  ? 10.95032  -4.76884  -9.78611  1.000 15.98000 ? 59  LEU A CD2 1 
ATOM   449  N N   . THR A 1 63  ? 10.97599  -0.39114  -11.51976 1.000 12.53000 ? 60  THR A N   1 
ATOM   450  C CA  . THR A 1 63  ? 10.52614  0.73790   -12.31219 1.000 12.77000 ? 60  THR A CA  1 
ATOM   451  C C   . THR A 1 63  ? 9.12499   0.46685   -12.82464 1.000 15.17000 ? 60  THR A C   1 
ATOM   452  O O   . THR A 1 63  ? 8.89712   -0.53853  -13.50947 1.000 14.33000 ? 60  THR A O   1 
ATOM   453  C CB  . THR A 1 63  ? 11.47947  0.98008   -13.49160 1.000 14.87000 ? 60  THR A CB  1 
ATOM   454  O OG1 . THR A 1 63  ? 12.80158  1.21079   -12.98761 1.000 15.12000 ? 60  THR A OG1 1 
ATOM   455  C CG2 . THR A 1 63  ? 11.03210  2.18225   -14.28607 1.000 15.99000 ? 60  THR A CG2 1 
ATOM   456  N N   . VAL A 1 64  ? 8.17434   1.33886   -12.49262 1.000 18.09000 ? 61  VAL A N   1 
ATOM   457  C CA  . VAL A 1 64  ? 6.80815   1.11857   -12.98037 1.000 15.89000 ? 61  VAL A CA  1 
ATOM   458  C C   . VAL A 1 64  ? 6.67042   1.79281   -14.30662 1.000 24.41000 ? 61  VAL A C   1 
ATOM   459  O O   . VAL A 1 64  ? 7.38249   2.70964   -14.60806 1.000 23.81000 ? 61  VAL A O   1 
ATOM   460  C CB  . VAL A 1 64  ? 5.75100   1.43772   -11.90633 1.000 18.07000 ? 61  VAL A CB  1 
ATOM   461  C CG1 . VAL A 1 64  ? 5.84592   2.83062   -11.43095 1.000 19.91000 ? 61  VAL A CG1 1 
ATOM   462  C CG2 . VAL A 1 64  ? 4.33967   1.11848   -12.40898 1.000 21.36000 ? 61  VAL A CG2 1 
ATOM   463  N N   . ASP A 1 65  ? 5.77283   1.27362   -15.12143 1.000 29.41000 ? 62  ASP A N   1 
ATOM   464  C CA  . ASP A 1 65  ? 5.43379   1.84577   -16.41220 1.000 40.73000 ? 62  ASP A CA  1 
ATOM   465  C C   . ASP A 1 65  ? 4.03309   2.44755   -16.18729 1.000 35.13000 ? 62  ASP A C   1 
ATOM   466  O O   . ASP A 1 65  ? 3.86905   3.61822   -15.91474 1.000 40.36000 ? 62  ASP A O   1 
ATOM   467  C CB  . ASP A 1 65  ? 5.43692   0.81687   -17.49882 1.000 43.17000 ? 62  ASP A CB  1 
ATOM   468  C CG  . ASP A 1 65  ? 6.78853   0.15174   -17.66270 1.000 48.86000 ? 62  ASP A CG  1 
ATOM   469  O OD1 . ASP A 1 65  ? 6.87420   -0.94662  -18.24362 1.000 46.59000 ? 62  ASP A OD1 1 
ATOM   470  O OD2 . ASP A 1 65  ? 7.78903   0.73786   -17.22573 1.000 49.08000 ? 62  ASP A OD2 1 
ATOM   471  N N   . ALA A 1 66  ? 3.01291   1.61531   -16.28107 1.000 29.49000 ? 63  ALA A N   1 
ATOM   472  C CA  . ALA A 1 66  ? 1.63840   2.04938   -16.09988 1.000 29.43000 ? 63  ALA A CA  1 
ATOM   473  C C   . ALA A 1 66  ? 1.26152   1.96796   -14.59273 1.000 19.72000 ? 63  ALA A C   1 
ATOM   474  O O   . ALA A 1 66  ? 1.49457   0.93857   -13.97804 1.000 27.73000 ? 63  ALA A O   1 
ATOM   475  C CB  . ALA A 1 66  ? 0.67681   1.20992   -16.93512 1.000 30.96000 ? 63  ALA A CB  1 
ATOM   476  N N   . LEU A 1 67  ? 0.71012   3.03942   -14.03763 1.000 19.02000 ? 64  LEU A N   1 
ATOM   477  C CA  . LEU A 1 67  ? 0.12248   3.04423   -12.70263 1.000 22.35000 ? 64  LEU A CA  1 
ATOM   478  C C   . LEU A 1 67  ? -1.37718  3.29956   -12.78343 1.000 20.48000 ? 64  LEU A C   1 
ATOM   479  O O   . LEU A 1 67  ? -1.82640  4.17704   -13.52334 1.000 24.76000 ? 64  LEU A O   1 
ATOM   480  C CB  . LEU A 1 67  ? 0.77184   4.11708   -11.84388 1.000 28.60000 ? 64  LEU A CB  1 
ATOM   481  C CG  . LEU A 1 67  ? 1.97693   3.78225   -10.96425 1.000 23.00000 ? 64  LEU A CG  1 
ATOM   482  C CD1 . LEU A 1 67  ? 2.33443   4.96531   -10.07571 1.000 28.91000 ? 64  LEU A CD1 1 
ATOM   483  C CD2 . LEU A 1 67  ? 1.76668   2.53410   -10.11112 1.000 23.29000 ? 64  LEU A CD2 1 
ATOM   484  N N   . HIS A 1 68  ? -2.14650  2.56557   -11.99473 1.000 13.88000 ? 65  HIS A N   1 
ATOM   485  C CA  . HIS A 1 68  ? -3.59499  2.70779   -11.99812 1.000 15.55000 ? 65  HIS A CA  1 
ATOM   486  C C   . HIS A 1 68  ? -4.10212  3.06693   -10.60947 1.000 13.75000 ? 65  HIS A C   1 
ATOM   487  O O   . HIS A 1 68  ? -3.71067  2.44967   -9.62673  1.000 13.10000 ? 65  HIS A O   1 
ATOM   488  C CB  . HIS A 1 68  ? -4.25839  1.41924   -12.48463 1.000 16.96000 ? 65  HIS A CB  1 
ATOM   489  C CG  . HIS A 1 68  ? -3.73314  0.95131   -13.80127 1.000 25.95000 ? 65  HIS A CG  1 
ATOM   490  N ND1 . HIS A 1 68  ? -4.13511  1.50895   -14.99883 1.000 27.72000 ? 65  HIS A ND1 1 
ATOM   491  C CD2 . HIS A 1 68  ? -2.81142  0.01105   -14.11772 1.000 31.56000 ? 65  HIS A CD2 1 
ATOM   492  C CE1 . HIS A 1 68  ? -3.48987  0.92498   -15.99114 1.000 29.75000 ? 65  HIS A CE1 1 
ATOM   493  N NE2 . HIS A 1 68  ? -2.68219  0.00870   -15.48212 1.000 34.22000 ? 65  HIS A NE2 1 
ATOM   494  N N   . LYS A 1 69  ? -4.96155  4.07404   -10.53702 1.000 16.93000 ? 66  LYS A N   1 
ATOM   495  C CA  . LYS A 1 69  ? -5.57087  4.46428   -9.27560  1.000 15.18000 ? 66  LYS A CA  1 
ATOM   496  C C   . LYS A 1 69  ? -6.56840  3.41825   -8.84598  1.000 17.01000 ? 66  LYS A C   1 
ATOM   497  O O   . LYS A 1 69  ? -7.46214  3.07561   -9.61941  1.000 18.21000 ? 66  LYS A O   1 
ATOM   498  C CB  . LYS A 1 69  ? -6.26155  5.82331   -9.41948  1.000 17.90000 ? 66  LYS A CB  1 
ATOM   499  C CG  . LYS A 1 69  ? -5.30670  6.98038   -9.55467  1.000 21.64000 ? 66  LYS A CG  1 
ATOM   500  C CD  . LYS A 1 69  ? -6.05106  8.29516   -9.72452  1.000 27.14000 ? 66  LYS A CD  1 
ATOM   501  C CE  . LYS A 1 69  ? -6.74666  8.37082   -11.07245 1.000 33.60000 ? 66  LYS A CE  1 
ATOM   502  N NZ  . LYS A 1 69  ? -7.38396  9.70403   -11.28366 1.000 37.35000 ? 66  LYS A NZ  1 
ATOM   503  N N   . VAL A 1 70  ? -6.43564  2.88432   -7.63411  1.000 10.01000 ? 67  VAL A N   1 
ATOM   504  C CA  . VAL A 1 70  ? -7.42733  1.91849   -7.19993  1.000 13.79000 ? 67  VAL A CA  1 
ATOM   505  C C   . VAL A 1 70  ? -8.15536  2.29261   -5.92629  1.000 10.39000 ? 67  VAL A C   1 
ATOM   506  O O   . VAL A 1 70  ? -9.26414  1.81866   -5.70213  1.000 12.66000 ? 67  VAL A O   1 
ATOM   507  C CB  . VAL A 1 70  ? -6.82439  0.52517   -7.04052  1.000 20.63000 ? 67  VAL A CB  1 
ATOM   508  C CG1 . VAL A 1 70  ? -6.32107  0.06261   -8.38496  1.000 23.13000 ? 67  VAL A CG1 1 
ATOM   509  C CG2 . VAL A 1 70  ? -5.72755  0.53493   -6.03666  1.000 15.80000 ? 67  VAL A CG2 1 
ATOM   510  N N   . GLY A 1 71  ? -7.58548  3.15678   -5.10022  1.000 8.81000  ? 68  GLY A N   1 
ATOM   511  C CA  . GLY A 1 71  ? -8.32263  3.51615   -3.90735  1.000 9.34000  ? 68  GLY A CA  1 
ATOM   512  C C   . GLY A 1 71  ? -7.78809  4.71060   -3.16340  1.000 7.92000  ? 68  GLY A C   1 
ATOM   513  O O   . GLY A 1 71  ? -6.70959  5.21834   -3.47090  1.000 7.69000  ? 68  GLY A O   1 
ATOM   514  N N   . GLN A 1 72  ? -8.56169  5.15291   -2.17554  1.000 9.52000  ? 69  GLN A N   1 
ATOM   515  C CA  . GLN A 1 72  ? -8.12013  6.17689   -1.24908  1.000 9.21000  ? 69  GLN A CA  1 
ATOM   516  C C   . GLN A 1 72  ? -8.50168  5.67491   0.11691   1.000 8.12000  ? 69  GLN A C   1 
ATOM   517  O O   . GLN A 1 72  ? -9.65694  5.28445   0.32066   1.000 10.10000 ? 69  GLN A O   1 
ATOM   518  C CB  . GLN A 1 72  ? -8.75993  7.52897   -1.55447  1.000 9.94000  ? 69  GLN A CB  1 
ATOM   519  C CG  . GLN A 1 72  ? -8.25073  8.65346   -0.70187  1.000 11.72000 ? 69  GLN A CG  1 
ATOM   520  C CD  . GLN A 1 72  ? -8.98861  9.95096   -0.96119  1.000 25.42000 ? 69  GLN A CD  1 
ATOM   521  O OE1 . GLN A 1 72  ? -10.05577 9.96143   -1.57548  1.000 33.29000 ? 69  GLN A OE1 1 
ATOM   522  N NE2 . GLN A 1 72  ? -8.41356  11.05602  -0.50776  1.000 21.84000 ? 69  GLN A NE2 1 
ATOM   523  N N   . ILE A 1 73  ? -7.54978  5.62668   1.03670   1.000 6.85000  ? 70  ILE A N   1 
ATOM   524  C CA  . ILE A 1 73  ? -7.85828  5.22434   2.40403   1.000 8.09000  ? 70  ILE A CA  1 
ATOM   525  C C   . ILE A 1 73  ? -7.33369  6.25205   3.37231   1.000 9.86000  ? 70  ILE A C   1 
ATOM   526  O O   . ILE A 1 73  ? -6.17338  6.62815   3.30737   1.000 9.36000  ? 70  ILE A O   1 
ATOM   527  C CB  . ILE A 1 73  ? -7.24963  3.86668   2.79856   1.000 7.05000  ? 70  ILE A CB  1 
ATOM   528  C CG1 . ILE A 1 73  ? -7.58018  2.78320   1.77631   1.000 10.71000 ? 70  ILE A CG1 1 
ATOM   529  C CG2 . ILE A 1 73  ? -7.76101  3.45952   4.18227   1.000 13.21000 ? 70  ILE A CG2 1 
ATOM   530  C CD1 . ILE A 1 73  ? -6.76788  1.51176   1.94234   1.000 11.37000 ? 70  ILE A CD1 1 
ATOM   531  N N   . VAL A 1 74  ? -8.18925  6.69902   4.27211   1.000 8.42000  ? 71  VAL A N   1 
ATOM   532  C CA  . VAL A 1 74  ? -7.77182  7.60280   5.32267   1.000 6.63000  ? 71  VAL A CA  1 
ATOM   533  C C   . VAL A 1 74  ? -7.58700  6.81565   6.60361   1.000 9.24000  ? 71  VAL A C   1 
ATOM   534  O O   . VAL A 1 74  ? -8.47214  6.04149   6.99372   1.000 9.25000  ? 71  VAL A O   1 
ATOM   535  C CB  . VAL A 1 74  ? -8.79834  8.71821   5.52795   1.000 9.98000  ? 71  VAL A CB  1 
ATOM   536  C CG1 . VAL A 1 74  ? -8.42505  9.56418   6.73780   1.000 10.21000 ? 71  VAL A CG1 1 
ATOM   537  C CG2 . VAL A 1 74  ? -8.94313  9.57058   4.26407   1.000 12.41000 ? 71  VAL A CG2 1 
ATOM   538  N N   . PHE A 1 75  ? -6.41882  6.94648   7.22604   1.000 9.10000  ? 72  PHE A N   1 
ATOM   539  C CA  . PHE A 1 75  ? -6.15830  6.30855   8.51829   1.000 8.27000  ? 72  PHE A CA  1 
ATOM   540  C C   . PHE A 1 75  ? -6.10458  7.32974   9.63079   1.000 8.15000  ? 72  PHE A C   1 
ATOM   541  O O   . PHE A 1 75  ? -5.45507  8.36858   9.49828   1.000 7.71000  ? 72  PHE A O   1 
ATOM   542  C CB  . PHE A 1 75  ? -4.84086  5.53048   8.49538   1.000 9.60000  ? 72  PHE A CB  1 
ATOM   543  C CG  . PHE A 1 75  ? -4.84032  4.39251   7.53769   1.000 7.10000  ? 72  PHE A CG  1 
ATOM   544  C CD1 . PHE A 1 75  ? -5.57826  3.25698   7.81558   1.000 8.06000  ? 72  PHE A CD1 1 
ATOM   545  C CD2 . PHE A 1 75  ? -4.12204  4.45865   6.34316   1.000 10.58000 ? 72  PHE A CD2 1 
ATOM   546  C CE1 . PHE A 1 75  ? -5.59246  2.19640   6.92171   1.000 8.63000  ? 72  PHE A CE1 1 
ATOM   547  C CE2 . PHE A 1 75  ? -4.12839  3.38831   5.45277   1.000 9.67000  ? 72  PHE A CE2 1 
ATOM   548  C CZ  . PHE A 1 75  ? -4.85815  2.25436   5.74889   1.000 9.45000  ? 72  PHE A CZ  1 
ATOM   549  N N   . GLU A 1 76  ? -6.78778  7.01682   10.72224  1.000 8.90000  ? 73  GLU A N   1 
ATOM   550  C CA  . GLU A 1 76  ? -6.75394  7.79366   11.94119  1.000 7.33000  ? 73  GLU A CA  1 
ATOM   551  C C   . GLU A 1 76  ? -6.13199  6.93423   13.02888  1.000 8.03000  ? 73  GLU A C   1 
ATOM   552  O O   . GLU A 1 76  ? -6.53480  5.78962   13.20347  1.000 10.20000 ? 73  GLU A O   1 
ATOM   553  C CB  . GLU A 1 76  ? -8.15792  8.21240   12.34362  1.000 9.14000  ? 73  GLU A CB  1 
ATOM   554  C CG  . GLU A 1 76  ? -8.17930  8.90508   13.66014  1.000 9.98000  ? 73  GLU A CG  1 
ATOM   555  C CD  . GLU A 1 76  ? -9.57187  9.23188   14.10641  1.000 15.13000 ? 73  GLU A CD  1 
ATOM   556  O OE1 . GLU A 1 76  ? -10.48172 9.30882   13.25596  1.000 19.95000 ? 73  GLU A OE1 1 
ATOM   557  O OE2 . GLU A 1 76  ? -9.74979  9.40284   15.32143  1.000 15.56000 ? 73  GLU A OE2 1 
ATOM   558  N N   . PHE A 1 77  ? -5.14863  7.46944   13.74404  1.000 8.53000  ? 74  PHE A N   1 
ATOM   559  C CA  . PHE A 1 77  ? -4.62967  6.80658   14.93719  1.000 8.08000  ? 74  PHE A CA  1 
ATOM   560  C C   . PHE A 1 77  ? -5.06647  7.64183   16.12654  1.000 8.98000  ? 74  PHE A C   1 
ATOM   561  O O   . PHE A 1 77  ? -4.76146  8.83160   16.18785  1.000 11.92000 ? 74  PHE A O   1 
ATOM   562  C CB  . PHE A 1 77  ? -3.10614  6.64715   14.86009  1.000 11.71000 ? 74  PHE A CB  1 
ATOM   563  C CG  . PHE A 1 77  ? -2.67494  5.66438   13.82296  1.000 9.87000  ? 74  PHE A CG  1 
ATOM   564  C CD1 . PHE A 1 77  ? -2.45277  6.07059   12.52238  1.000 10.24000 ? 74  PHE A CD1 1 
ATOM   565  C CD2 . PHE A 1 77  ? -2.55117  4.31901   14.13901  1.000 12.54000 ? 74  PHE A CD2 1 
ATOM   566  C CE1 . PHE A 1 77  ? -2.08246  5.14605   11.55735  1.000 15.13000 ? 74  PHE A CE1 1 
ATOM   567  C CE2 . PHE A 1 77  ? -2.18732  3.40019   13.18220  1.000 13.48000 ? 74  PHE A CE2 1 
ATOM   568  C CZ  . PHE A 1 77  ? -1.95303  3.81498   11.89018  1.000 15.64000 ? 74  PHE A CZ  1 
ATOM   569  N N   . VAL A 1 78  ? -5.82724  7.04546   17.04350  1.000 11.99000 ? 75  VAL A N   1 
ATOM   570  C CA  . VAL A 1 78  ? -6.28717  7.82435   18.18616  1.000 12.55000 ? 75  VAL A CA  1 
ATOM   571  C C   . VAL A 1 78  ? -5.05150  8.34265   18.94286  1.000 14.87000 ? 75  VAL A C   1 
ATOM   572  O O   . VAL A 1 78  ? -4.03691  7.66463   19.06084  1.000 16.80000 ? 75  VAL A O   1 
ATOM   573  C CB  . VAL A 1 78  ? -7.22972  7.00112   19.09396  1.000 19.64000 ? 75  VAL A CB  1 
ATOM   574  C CG1 . VAL A 1 78  ? -8.47806  6.61449   18.31763  1.000 22.50000 ? 75  VAL A CG1 1 
ATOM   575  C CG2 . VAL A 1 78  ? -6.53868  5.77608   19.63610  1.000 20.06000 ? 75  VAL A CG2 1 
ATOM   576  N N   . GLY A 1 79  ? -5.11109  9.59982   19.35963  1.000 21.53000 ? 76  GLY A N   1 
ATOM   577  C CA  . GLY A 1 79  ? -3.97722  10.21326  20.02409  1.000 20.54000 ? 76  GLY A CA  1 
ATOM   578  C C   . GLY A 1 79  ? -2.95115  10.84292  19.09587  1.000 26.20000 ? 76  GLY A C   1 
ATOM   579  O O   . GLY A 1 79  ? -1.95070  11.39199  19.55917  1.000 24.97000 ? 76  GLY A O   1 
ATOM   580  N N   . GLU A 1 80  ? -3.18322  10.75288  17.78802  1.000 16.08000 ? 77  GLU A N   1 
ATOM   581  C CA  . GLU A 1 80  ? -2.31864  11.39436  16.79496  1.000 13.17000 ? 77  GLU A CA  1 
ATOM   582  C C   . GLU A 1 80  ? -3.11301  12.39725  15.95300  1.000 13.79000 ? 77  GLU A C   1 
ATOM   583  O O   . GLU A 1 80  ? -4.13102  12.05606  15.35371  1.000 13.10000 ? 77  GLU A O   1 
ATOM   584  C CB  . GLU A 1 80  ? -1.65689  10.34977  15.89232  1.000 14.48000 ? 77  GLU A CB  1 
ATOM   585  C CG  . GLU A 1 80  ? -0.81365  9.32707   16.66262  1.000 17.42000 ? 77  GLU A CG  1 
ATOM   586  C CD  . GLU A 1 80  ? 0.01461   8.42258   15.76231  1.000 38.04000 ? 77  GLU A CD  1 
ATOM   587  O OE1 . GLU A 1 80  ? 0.11817   8.70774   14.55114  1.000 40.90000 ? 77  GLU A OE1 1 
ATOM   588  O OE2 . GLU A 1 80  ? 0.57275   7.42725   16.27403  1.000 44.66000 ? 77  GLU A OE2 1 
ATOM   589  N N   . PRO A 1 81  ? -2.65622  13.65212  15.91203  1.000 10.19000 ? 78  PRO A N   1 
ATOM   590  C CA  . PRO A 1 81  ? -3.42924  14.68099  15.20729  1.000 11.48000 ? 78  PRO A CA  1 
ATOM   591  C C   . PRO A 1 81  ? -3.52395  14.48130  13.69632  1.000 10.62000 ? 78  PRO A C   1 
ATOM   592  O O   . PRO A 1 81  ? -4.55600  14.80579  13.10840  1.000 10.18000 ? 78  PRO A O   1 
ATOM   593  C CB  . PRO A 1 81  ? -2.66830  15.98090  15.52391  1.000 14.59000 ? 78  PRO A CB  1 
ATOM   594  C CG  . PRO A 1 81  ? -1.30473  15.53982  15.96850  1.000 27.04000 ? 78  PRO A CG  1 
ATOM   595  C CD  . PRO A 1 81  ? -1.52912  14.21906  16.66945  1.000 15.33000 ? 78  PRO A CD  1 
ATOM   596  N N   . GLU A 1 82  ? -2.46837  13.98201  13.06442  1.000 12.43000 ? 79  GLU A N   1 
ATOM   597  C CA  . GLU A 1 82  ? -2.47003  13.94911  11.61329  1.000 12.67000 ? 79  GLU A CA  1 
ATOM   598  C C   . GLU A 1 82  ? -3.07566  12.65781  11.07472  1.000 12.37000 ? 79  GLU A C   1 
ATOM   599  O O   . GLU A 1 82  ? -2.72263  11.57078  11.50338  1.000 12.53000 ? 79  GLU A O   1 
ATOM   600  C CB  . GLU A 1 82  ? -1.05576  14.13368  11.06873  1.000 15.80000 ? 79  GLU A CB  1 
ATOM   601  C CG  . GLU A 1 82  ? -1.02566  14.49720  9.59279   1.000 19.41000 ? 79  GLU A CG  1 
ATOM   602  C CD  . GLU A 1 82  ? -1.39428  15.95545  9.31355   1.000 37.97000 ? 79  GLU A CD  1 
ATOM   603  O OE1 . GLU A 1 82  ? -1.77031  16.69216  10.25405  1.000 35.13000 ? 79  GLU A OE1 1 
ATOM   604  O OE2 . GLU A 1 82  ? -1.30715  16.36628  8.13508   1.000 36.28000 ? 79  GLU A OE2 1 
ATOM   605  N N   . LEU A 1 83  ? -4.01030  12.80837  10.14871  1.000 11.09000 ? 80  LEU A N   1 
ATOM   606  C CA  . LEU A 1 83  ? -4.57446  11.67759  9.41980   1.000 9.05000  ? 80  LEU A CA  1 
ATOM   607  C C   . LEU A 1 83  ? -3.63550  11.32347  8.28158   1.000 11.49000 ? 80  LEU A C   1 
ATOM   608  O O   . LEU A 1 83  ? -3.00323  12.20587  7.71651   1.000 12.64000 ? 80  LEU A O   1 
ATOM   609  C CB  . LEU A 1 83  ? -5.93990  12.02907  8.86095   1.000 9.71000  ? 80  LEU A CB  1 
ATOM   610  C CG  . LEU A 1 83  ? -6.99728  12.51810  9.85220   1.000 10.93000 ? 80  LEU A CG  1 
ATOM   611  C CD1 . LEU A 1 83  ? -8.27766  12.81430  9.08889   1.000 13.24000 ? 80  LEU A CD1 1 
ATOM   612  C CD2 . LEU A 1 83  ? -7.24044  11.49522  10.97366  1.000 10.65000 ? 80  LEU A CD2 1 
ATOM   613  N N   . MET A 1 84  ? -3.54894  10.04230  7.93765   1.000 8.30000  ? 81  MET A N   1 
ATOM   614  C CA  . MET A 1 84  ? -2.88378  9.62149   6.71235   1.000 9.99000  ? 81  MET A CA  1 
ATOM   615  C C   . MET A 1 84  ? -3.89828  9.53497   5.59399   1.000 9.79000  ? 81  MET A C   1 
ATOM   616  O O   . MET A 1 84  ? -4.86425  8.79298   5.68612   1.000 10.63000 ? 81  MET A O   1 
ATOM   617  C CB  . MET A 1 84  ? -2.20632  8.26808   6.88086   1.000 9.24000  ? 81  MET A CB  1 
ATOM   618  C CG  . MET A 1 84  ? -1.22709  8.20012   8.02924   1.000 10.74000 ? 81  MET A CG  1 
ATOM   619  S SD  . MET A 1 84  ? -0.57539  6.52752   8.24343   1.000 14.23000 ? 81  MET A SD  1 
ATOM   620  C CE  . MET A 1 84  ? 0.35281   6.29750   6.72909   1.000 13.28000 ? 81  MET A CE  1 
ATOM   621  N N   . ASP A 1 85  ? -3.66359  10.27085  4.52136   1.000 9.33000  ? 82  ASP A N   1 
ATOM   622  C CA  . ASP A 1 85  ? -4.51474  10.23508  3.35254   1.000 9.30000  ? 82  ASP A CA  1 
ATOM   623  C C   . ASP A 1 85  ? -3.78123  9.45141   2.28622   1.000 10.09000 ? 82  ASP A C   1 
ATOM   624  O O   . ASP A 1 85  ? -2.92999  9.99792   1.58734   1.000 9.38000  ? 82  ASP A O   1 
ATOM   625  C CB  . ASP A 1 85  ? -4.82529  11.65789  2.89174   1.000 11.01000 ? 82  ASP A CB  1 
ATOM   626  C CG  . ASP A 1 85  ? -5.63006  11.70405  1.61921   1.000 17.91000 ? 82  ASP A CG  1 
ATOM   627  O OD1 . ASP A 1 85  ? -6.10998  10.65209  1.15735   1.000 15.08000 ? 82  ASP A OD1 1 
ATOM   628  O OD2 . ASP A 1 85  ? -5.80176  12.81834  1.08235   1.000 23.61000 ? 82  ASP A OD2 1 
ATOM   629  N N   . VAL A 1 86  ? -4.09977  8.16818   2.17424   1.000 8.74000  ? 83  VAL A N   1 
ATOM   630  C CA  . VAL A 1 86  ? -3.29364  7.25937   1.36819   1.000 7.36000  ? 83  VAL A CA  1 
ATOM   631  C C   . VAL A 1 86  ? -3.92903  7.00341   0.02054   1.000 8.74000  ? 83  VAL A C   1 
ATOM   632  O O   . VAL A 1 86  ? -5.04875  6.51831   -0.07669  1.000 9.65000  ? 83  VAL A O   1 
ATOM   633  C CB  . VAL A 1 86  ? -3.08799  5.91094   2.08911   1.000 7.77000  ? 83  VAL A CB  1 
ATOM   634  C CG1 . VAL A 1 86  ? -2.17312  5.01297   1.27506   1.000 11.69000 ? 83  VAL A CG1 1 
ATOM   635  C CG2 . VAL A 1 86  ? -2.50872  6.12471   3.48108   1.000 9.02000  ? 83  VAL A CG2 1 
ATOM   636  N N   . HIS A 1 87  ? -3.20780  7.36393   -1.02345  1.000 9.74000  ? 84  HIS A N   1 
ATOM   637  C CA  . HIS A 1 87  ? -3.64979  7.10021   -2.37840  1.000 7.98000  ? 84  HIS A CA  1 
ATOM   638  C C   . HIS A 1 87  ? -3.03451  5.80773   -2.85927  1.000 8.25000  ? 84  HIS A C   1 
ATOM   639  O O   . HIS A 1 87  ? -1.80510  5.68810   -2.94665  1.000 8.27000  ? 84  HIS A O   1 
ATOM   640  C CB  . HIS A 1 87  ? -3.28357  8.27033   -3.28952  1.000 9.47000  ? 84  HIS A CB  1 
ATOM   641  C CG  . HIS A 1 87  ? -4.05232  9.51450   -2.95911  1.000 9.68000  ? 84  HIS A CG  1 
ATOM   642  N ND1 . HIS A 1 87  ? -4.97308  10.05826  -3.83340  1.000 15.73000 ? 84  HIS A ND1 1 
ATOM   643  C CD2 . HIS A 1 87  ? -4.07602  10.26514  -1.85009  1.000 14.00000 ? 84  HIS A CD2 1 
ATOM   644  C CE1 . HIS A 1 87  ? -5.50919  11.12220  -3.26602  1.000 16.01000 ? 84  HIS A CE1 1 
ATOM   645  N NE2 . HIS A 1 87  ? -4.99763  11.27945  -2.06705  1.000 15.88000 ? 84  HIS A NE2 1 
ATOM   646  N N   . VAL A 1 88  ? -3.90571  4.83049   -3.09470  1.000 8.98000  ? 85  VAL A N   1 
ATOM   647  C CA  . VAL A 1 88  ? -3.49195  3.47585   -3.45205  1.000 7.67000  ? 85  VAL A CA  1 
ATOM   648  C C   . VAL A 1 88  ? -3.49074  3.25361   -4.95107  1.000 9.62000  ? 85  VAL A C   1 
ATOM   649  O O   . VAL A 1 88  ? -4.43858  3.61769   -5.64799  1.000 8.05000  ? 85  VAL A O   1 
ATOM   650  C CB  . VAL A 1 88  ? -4.39985  2.42537   -2.77660  1.000 7.82000  ? 85  VAL A CB  1 
ATOM   651  C CG1 . VAL A 1 88  ? -3.82724  1.02000   -2.96990  1.000 10.34000 ? 85  VAL A CG1 1 
ATOM   652  C CG2 . VAL A 1 88  ? -4.52791  2.75875   -1.28408  1.000 8.71000  ? 85  VAL A CG2 1 
ATOM   653  N N   . PHE A 1 89  ? -2.40112  2.66836   -5.43460  1.000 7.83000  ? 86  PHE A N   1 
ATOM   654  C CA  . PHE A 1 89  ? -2.21818  2.40104   -6.85138  1.000 8.33000  ? 86  PHE A CA  1 
ATOM   655  C C   . PHE A 1 89  ? -1.88416  0.95691   -7.07052  1.000 10.49000 ? 86  PHE A C   1 
ATOM   656  O O   . PHE A 1 89  ? -1.33146  0.29205   -6.19904  1.000 9.17000  ? 86  PHE A O   1 
ATOM   657  C CB  . PHE A 1 89  ? -1.08891  3.24409   -7.45528  1.000 8.56000  ? 86  PHE A CB  1 
ATOM   658  C CG  . PHE A 1 89  ? -1.32787  4.72716   -7.41439  1.000 11.00000 ? 86  PHE A CG  1 
ATOM   659  C CD1 . PHE A 1 89  ? -1.04994  5.44825   -6.27428  1.000 10.70000 ? 86  PHE A CD1 1 
ATOM   660  C CD2 . PHE A 1 89  ? -1.80148  5.40009   -8.53214  1.000 12.69000 ? 86  PHE A CD2 1 
ATOM   661  C CE1 . PHE A 1 89  ? -1.25000  6.81228   -6.22794  1.000 13.20000 ? 86  PHE A CE1 1 
ATOM   662  C CE2 . PHE A 1 89  ? -1.99961  6.77612   -8.49845  1.000 13.40000 ? 86  PHE A CE2 1 
ATOM   663  C CZ  . PHE A 1 89  ? -1.72872  7.48046   -7.34117  1.000 14.45000 ? 86  PHE A CZ  1 
ATOM   664  N N   . CYS A 1 90  ? -2.17470  0.47141   -8.26779  1.000 11.46000 ? 87  CYS A N   1 
ATOM   665  C CA  A CYS A 1 90  ? -1.83315  -0.87800  -8.67830  0.370 12.78000 ? 87  CYS A CA  1 
ATOM   666  C CA  C CYS A 1 90  ? -1.69885  -0.84841  -8.62592  0.630 12.83000 ? 87  CYS A CA  1 
ATOM   667  C C   . CYS A 1 90  ? -1.07269  -0.82604  -10.00683 1.000 11.76000 ? 87  CYS A C   1 
ATOM   668  O O   . CYS A 1 90  ? -1.28827  0.08465   -10.79880 1.000 12.67000 ? 87  CYS A O   1 
ATOM   669  C CB  A CYS A 1 90  ? -3.10234  -1.71882  -8.80899  0.370 17.19000 ? 87  CYS A CB  1 
ATOM   670  C CB  C CYS A 1 90  ? -2.82499  -1.86775  -8.57138  0.630 16.71000 ? 87  CYS A CB  1 
ATOM   671  S SG  A CYS A 1 90  ? -2.84510  -3.49721  -8.83361  0.370 18.85000 ? 87  CYS A SG  1 
ATOM   672  S SG  C CYS A 1 90  ? -3.92869  -1.74559  -9.94826  0.630 17.21000 ? 87  CYS A SG  1 
ATOM   673  N N   . THR A 1 91  ? -0.22767  -1.81569  -10.25244 1.000 10.43000 ? 88  THR A N   1 
ATOM   674  C CA  . THR A 1 91  ? 0.40609   -1.97983  -11.54086 1.000 15.27000 ? 88  THR A CA  1 
ATOM   675  C C   . THR A 1 91  ? 0.64891   -3.46315  -11.80051 1.000 16.68000 ? 88  THR A C   1 
ATOM   676  O O   . THR A 1 91  ? 0.92568   -4.23452  -10.87631 1.000 13.92000 ? 88  THR A O   1 
ATOM   677  C CB  . THR A 1 91  ? 1.72956   -1.21817  -11.62759 1.000 15.34000 ? 88  THR A CB  1 
ATOM   678  O OG1 . THR A 1 91  ? 2.29421   -1.40967  -12.93483 1.000 21.99000 ? 88  THR A OG1 1 
ATOM   679  C CG2 . THR A 1 91  ? 2.70991   -1.71029  -10.56001 1.000 14.88000 ? 88  THR A CG2 1 
ATOM   680  N N   . ASP A 1 92  ? 0.54427   -3.86147  -13.06459 1.000 19.65000 ? 89  ASP A N   1 
ATOM   681  C CA  . ASP A 1 92  ? 0.93041   -5.20204  -13.47317 1.000 22.28000 ? 89  ASP A CA  1 
ATOM   682  C C   . ASP A 1 92  ? 2.13873   -5.11320  -14.39129 1.000 25.29000 ? 89  ASP A C   1 
ATOM   683  O O   . ASP A 1 92  ? 2.68224   -6.12913  -14.82074 1.000 39.74000 ? 89  ASP A O   1 
ATOM   684  C CB  . ASP A 1 92  ? -0.22124  -5.92129  -14.18440 1.000 25.35000 ? 89  ASP A CB  1 
ATOM   685  C CG  . ASP A 1 92  ? -0.75402  -5.14709  -15.38931 1.000 32.22000 ? 89  ASP A CG  1 
ATOM   686  O OD1 . ASP A 1 92  ? -0.04661  -4.26804  -15.93247 1.000 36.74000 ? 89  ASP A OD1 1 
ATOM   687  O OD2 . ASP A 1 92  ? -1.89414  -5.43480  -15.80779 1.000 50.05000 ? 89  ASP A OD2 1 
ATOM   688  N N   . SER A 1 93  ? 2.54847   -3.88472  -14.68738 1.000 22.20000 ? 90  SER A N   1 
ATOM   689  C CA  . SER A 1 93  ? 3.54601   -3.63077  -15.72155 1.000 25.14000 ? 90  SER A CA  1 
ATOM   690  C C   . SER A 1 93  ? 4.80274   -3.00477  -15.13793 1.000 23.23000 ? 90  SER A C   1 
ATOM   691  O O   . SER A 1 93  ? 4.84770   -1.78593  -14.91098 1.000 24.61000 ? 90  SER A O   1 
ATOM   692  C CB  . SER A 1 93  ? 2.96912   -2.72024  -16.79579 1.000 37.97000 ? 90  SER A CB  1 
ATOM   693  O OG  . SER A 1 93  ? 2.52654   -1.48293  -16.26259 1.000 40.66000 ? 90  SER A OG  1 
ATOM   694  N N   . ILE A 1 94  ? 5.81027   -3.83144  -14.87564 1.000 19.43000 ? 91  ILE A N   1 
ATOM   695  C CA  A ILE A 1 94  ? 7.01343   -3.36597  -14.19359 0.580 16.71000 ? 91  ILE A CA  1 
ATOM   696  C CA  B ILE A 1 94  ? 7.01366   -3.36819  -14.19344 0.420 16.75000 ? 91  ILE A CA  1 
ATOM   697  C C   . ILE A 1 94  ? 8.30267   -3.80788  -14.89398 1.000 17.39000 ? 91  ILE A C   1 
ATOM   698  O O   . ILE A 1 94  ? 8.30626   -4.74708  -15.65382 1.000 19.99000 ? 91  ILE A O   1 
ATOM   699  C CB  A ILE A 1 94  ? 7.07849   -3.86734  -12.72457 0.580 18.62000 ? 91  ILE A CB  1 
ATOM   700  C CB  B ILE A 1 94  ? 7.07868   -3.87314  -12.72404 0.420 18.63000 ? 91  ILE A CB  1 
ATOM   701  C CG1 A ILE A 1 94  ? 6.79708   -5.36739  -12.65437 0.580 24.13000 ? 91  ILE A CG1 1 
ATOM   702  C CG1 B ILE A 1 94  ? 6.79076   -5.37347  -12.65463 0.420 24.09000 ? 91  ILE A CG1 1 
ATOM   703  C CG2 A ILE A 1 94  ? 6.08652   -3.14081  -11.85904 0.580 21.52000 ? 91  ILE A CG2 1 
ATOM   704  C CG2 B ILE A 1 94  ? 6.09515   -3.14122  -11.85147 0.420 21.49000 ? 91  ILE A CG2 1 
ATOM   705  C CD1 A ILE A 1 94  ? 7.98077   -6.23049  -12.36223 0.580 25.02000 ? 91  ILE A CD1 1 
ATOM   706  C CD1 B ILE A 1 94  ? 7.97095   -6.24316  -12.35409 0.420 24.98000 ? 91  ILE A CD1 1 
ATOM   707  N N   . GLN A 1 95  ? 9.39535   -3.10501  -14.60476 1.000 13.81000 ? 92  GLN A N   1 
ATOM   708  C CA  . GLN A 1 95  ? 10.77962  -3.38216  -15.05738 1.000 14.43000 ? 92  GLN A CA  1 
ATOM   709  C C   . GLN A 1 95  ? 11.71027  -3.54322  -13.91145 1.000 16.65000 ? 92  GLN A C   1 
ATOM   710  O O   . GLN A 1 95  ? 11.56114  -2.89201  -12.88299 1.000 13.69000 ? 92  GLN A O   1 
ATOM   711  C CB  . GLN A 1 95  ? 11.27336  -2.28023  -15.99560 1.000 16.84000 ? 92  GLN A CB  1 
ATOM   712  C CG  . GLN A 1 95  ? 10.87282  -2.54418  -17.49750 1.000 30.20000 ? 92  GLN A CG  1 
ATOM   713  C CD  . GLN A 1 95  ? 10.79583  -1.30591  -18.31121 1.000 29.34000 ? 92  GLN A CD  1 
ATOM   714  O OE1 . GLN A 1 95  ? 9.67644   -0.97615  -18.64906 1.000 66.53000 ? 92  GLN A OE1 1 
ATOM   715  N NE2 . GLN A 1 95  ? 11.87188  -0.43110  -18.36662 1.000 60.75000 ? 92  GLN A NE2 1 
ATOM   716  N N   . GLY A 1 96  ? 12.73168  -4.36133  -14.10273 1.000 19.90000 ? 93  GLY A N   1 
ATOM   717  C CA  . GLY A 1 96  ? 13.65192  -4.61095  -13.01342 1.000 20.61000 ? 93  GLY A CA  1 
ATOM   718  C C   . GLY A 1 96  ? 13.24947  -5.85429  -12.24200 1.000 17.14000 ? 93  GLY A C   1 
ATOM   719  O O   . GLY A 1 96  ? 12.22514  -6.45456  -12.53917 1.000 16.41000 ? 93  GLY A O   1 
ATOM   720  N N   . THR A 1 97  ? 14.05797  -6.24280  -11.26634 1.000 15.73000 ? 94  THR A N   1 
ATOM   721  C CA  . THR A 1 97  ? 13.73762  -7.33030  -10.35711 1.000 13.20000 ? 94  THR A CA  1 
ATOM   722  C C   . THR A 1 97  ? 13.77823  -6.72161  -8.97659  1.000 11.59000 ? 94  THR A C   1 
ATOM   723  O O   . THR A 1 97  ? 14.53459  -5.77681  -8.72976  1.000 14.87000 ? 94  THR A O   1 
ATOM   724  C CB  . THR A 1 97  ? 14.71856  -8.49808  -10.49736 1.000 22.34000 ? 94  THR A CB  1 
ATOM   725  O OG1 . THR A 1 97  ? 16.04069  -8.00596  -10.27736 1.000 29.16000 ? 94  THR A OG1 1 
ATOM   726  C CG2 . THR A 1 97  ? 14.62587  -9.07912  -11.90972 1.000 24.80000 ? 94  THR A CG2 1 
ATOM   727  N N   . PRO A 1 98  ? 12.94183  -7.23566  -8.07881  1.000 11.60000 ? 95  PRO A N   1 
ATOM   728  C CA  . PRO A 1 98  ? 12.87368  -6.68003  -6.72983  1.000 13.24000 ? 95  PRO A CA  1 
ATOM   729  C C   . PRO A 1 98  ? 14.22014  -6.74952  -6.01643  1.000 13.62000 ? 95  PRO A C   1 
ATOM   730  O O   . PRO A 1 98  ? 14.93441  -7.74767  -6.10590  1.000 15.48000 ? 95  PRO A O   1 
ATOM   731  C CB  . PRO A 1 98  ? 11.83730  -7.57003  -6.04074  1.000 15.23000 ? 95  PRO A CB  1 
ATOM   732  C CG  . PRO A 1 98  ? 11.01029  -8.11904  -7.15152  1.000 16.59000 ? 95  PRO A CG  1 
ATOM   733  C CD  . PRO A 1 98  ? 11.96614  -8.31898  -8.28084  1.000 12.25000 ? 95  PRO A CD  1 
ATOM   734  N N   . VAL A 1 99  ? 14.53885  -5.66674  -5.31953  1.000 12.38000 ? 96  VAL A N   1 
ATOM   735  C CA  . VAL A 1 99  ? 15.79784  -5.51379  -4.59259  1.000 12.36000 ? 96  VAL A CA  1 
ATOM   736  C C   . VAL A 1 99  ? 15.55802  -5.59859  -3.08742  1.000 12.87000 ? 96  VAL A C   1 
ATOM   737  O O   . VAL A 1 99  ? 14.71574  -4.86515  -2.55831  1.000 14.97000 ? 96  VAL A O   1 
ATOM   738  C CB  . VAL A 1 99  ? 16.45369  -4.15602  -4.93812  1.000 15.64000 ? 96  VAL A CB  1 
ATOM   739  C CG1 . VAL A 1 99  ? 17.69303  -3.91416  -4.10070  1.000 20.90000 ? 96  VAL A CG1 1 
ATOM   740  C CG2 . VAL A 1 99  ? 16.78646  -4.08591  -6.42356  1.000 21.62000 ? 96  VAL A CG2 1 
ATOM   741  N N   . GLU A 1 100 ? 16.26474  -6.48738  -2.38770  1.000 11.30000 ? 97  GLU A N   1 
ATOM   742  C CA  . GLU A 1 100 ? 16.25968  -6.44854  -0.93150  1.000 9.80000  ? 97  GLU A CA  1 
ATOM   743  C C   . GLU A 1 100 ? 17.27140  -5.42013  -0.44584  1.000 9.31000  ? 97  GLU A C   1 
ATOM   744  O O   . GLU A 1 100 ? 18.41885  -5.38968  -0.89435  1.000 11.38000 ? 97  GLU A O   1 
ATOM   745  C CB  . GLU A 1 100 ? 16.58063  -7.80031  -0.27414  1.000 14.55000 ? 97  GLU A CB  1 
ATOM   746  C CG  . GLU A 1 100 ? 16.71646  -7.65035  1.25143   1.000 12.61000 ? 97  GLU A CG  1 
ATOM   747  C CD  . GLU A 1 100 ? 16.78858  -8.95390  2.01800   1.000 17.27000 ? 97  GLU A CD  1 
ATOM   748  O OE1 . GLU A 1 100 ? 17.03167  -9.98822  1.39279   1.000 18.68000 ? 97  GLU A OE1 1 
ATOM   749  O OE2 . GLU A 1 100 ? 16.61704  -8.92355  3.25697   1.000 19.37000 ? 97  GLU A OE2 1 
ATOM   750  N N   . SER A 1 101 ? 16.83089  -4.56505  0.46444   1.000 9.68000  ? 98  SER A N   1 
ATOM   751  C CA  . SER A 1 101 ? 17.68396  -3.55702  1.06528   1.000 9.32000  ? 98  SER A CA  1 
ATOM   752  C C   . SER A 1 101 ? 17.65873  -3.64058  2.58439   1.000 13.33000 ? 98  SER A C   1 
ATOM   753  O O   . SER A 1 101 ? 16.97065  -4.47962  3.16448   1.000 14.15000 ? 98  SER A O   1 
ATOM   754  C CB  . SER A 1 101 ? 17.23483  -2.16458  0.63727   1.000 11.63000 ? 98  SER A CB  1 
ATOM   755  O OG  . SER A 1 101 ? 15.95635  -1.88260  1.18853   1.000 13.46000 ? 98  SER A OG  1 
ATOM   756  N N   . ASP A 1 102 ? 18.38356  -2.72968  3.22111   1.000 13.71000 ? 99  ASP A N   1 
ATOM   757  C CA  . ASP A 1 102 ? 18.38218  -2.60709  4.67052   1.000 20.88000 ? 99  ASP A CA  1 
ATOM   758  C C   . ASP A 1 102 ? 16.98105  -2.31472  5.19738   1.000 20.49000 ? 99  ASP A C   1 
ATOM   759  O O   . ASP A 1 102 ? 16.68520  -2.56887  6.36272   1.000 28.69000 ? 99  ASP A O   1 
ATOM   760  C CB  . ASP A 1 102 ? 19.34786  -1.49275  5.11716   1.000 19.29000 ? 99  ASP A CB  1 
ATOM   761  C CG  . ASP A 1 102 ? 18.93438  -0.09188  4.60876   1.000 18.81000 ? 99  ASP A CG  1 
ATOM   762  O OD1 . ASP A 1 102 ? 18.36361  0.03878   3.49824   1.000 16.81000 ? 99  ASP A OD1 1 
ATOM   763  O OD2 . ASP A 1 102 ? 19.18979  0.90114   5.32969   1.000 24.59000 ? 99  ASP A OD2 1 
ATOM   764  N N   . GLU A 1 103 ? 16.12618  -1.76451  4.34417   1.000 14.09000 ? 100 GLU A N   1 
ATOM   765  C CA  . GLU A 1 103 ? 14.83073  -1.27481  4.78387   1.000 17.20000 ? 100 GLU A CA  1 
ATOM   766  C C   . GLU A 1 103 ? 13.69038  -2.22699  4.45124   1.000 17.21000 ? 100 GLU A C   1 
ATOM   767  O O   . GLU A 1 103 ? 12.66816  -2.23259  5.13691   1.000 17.42000 ? 100 GLU A O   1 
ATOM   768  C CB  . GLU A 1 103 ? 14.55120  0.09299   4.16098   1.000 19.00000 ? 100 GLU A CB  1 
ATOM   769  C CG  . GLU A 1 103 ? 15.49197  1.19635   4.62437   1.000 37.45000 ? 100 GLU A CG  1 
ATOM   770  C CD  . GLU A 1 103 ? 15.16022  1.70626   6.01954   1.000 42.95000 ? 100 GLU A CD  1 
ATOM   771  O OE1 . GLU A 1 103 ? 14.17441  1.21786   6.61532   1.000 44.74000 ? 100 GLU A OE1 1 
ATOM   772  O OE2 . GLU A 1 103 ? 15.88910  2.59083   6.52151   1.000 42.54000 ? 100 GLU A OE2 1 
ATOM   773  N N   . MET A 1 104 ? 13.86845  -3.03633  3.41131   1.000 11.86000 ? 101 MET A N   1 
ATOM   774  C CA  . MET A 1 104 ? 12.74975  -3.78703  2.85715   1.000 11.78000 ? 101 MET A CA  1 
ATOM   775  C C   . MET A 1 104 ? 13.18027  -5.11262  2.24650   1.000 10.96000 ? 101 MET A C   1 
ATOM   776  O O   . MET A 1 104 ? 14.14267  -5.13849  1.48440   1.000 12.54000 ? 101 MET A O   1 
ATOM   777  C CB  . MET A 1 104 ? 12.07131  -2.94726  1.77946   1.000 15.80000 ? 101 MET A CB  1 
ATOM   778  C CG  . MET A 1 104 ? 10.70033  -3.41761  1.40390   1.000 18.97000 ? 101 MET A CG  1 
ATOM   779  S SD  . MET A 1 104 ? 9.49432   -2.99394  2.67618   1.000 19.50000 ? 101 MET A SD  1 
ATOM   780  C CE  . MET A 1 104 ? 9.21674   -1.25858  2.33370   1.000 27.34000 ? 101 MET A CE  1 
ATOM   781  N N   . ARG A 1 105 ? 12.45752  -6.19116  2.54502   1.000 10.76000 ? 102 ARG A N   1 
ATOM   782  C CA  . ARG A 1 105 ? 12.69799  -7.48611  1.89309   1.000 9.98000  ? 102 ARG A CA  1 
ATOM   783  C C   . ARG A 1 105 ? 11.47474  -7.86061  1.04095   1.000 10.68000 ? 102 ARG A C   1 
ATOM   784  O O   . ARG A 1 105 ? 10.45926  -8.30208  1.57429   1.000 9.99000  ? 102 ARG A O   1 
ATOM   785  C CB  . ARG A 1 105 ? 13.00019  -8.55367  2.94774   1.000 11.38000 ? 102 ARG A CB  1 
ATOM   786  C CG  . ARG A 1 105 ? 13.17154  -9.99466  2.44130   1.000 11.58000 ? 102 ARG A CG  1 
ATOM   787  C CD  . ARG A 1 105 ? 13.69063  -10.91285 3.54620   1.000 14.23000 ? 102 ARG A CD  1 
ATOM   788  N NE  . ARG A 1 105 ? 12.77295  -11.10879 4.67236   1.000 14.47000 ? 102 ARG A NE  1 
ATOM   789  C CZ  . ARG A 1 105 ? 11.89859  -12.11034 4.76932   1.000 15.96000 ? 102 ARG A CZ  1 
ATOM   790  N NH1 . ARG A 1 105 ? 11.80889  -13.01735 3.80819   1.000 17.15000 ? 102 ARG A NH1 1 
ATOM   791  N NH2 . ARG A 1 105 ? 11.10939  -12.20489 5.83445   1.000 17.90000 ? 102 ARG A NH2 1 
ATOM   792  N N   . PRO A 1 106 ? 11.54479  -7.64507  -0.28667  1.000 11.26000 ? 103 PRO A N   1 
ATOM   793  C CA  . PRO A 1 106 ? 10.42106  -8.02833  -1.15638  1.000 12.17000 ? 103 PRO A CA  1 
ATOM   794  C C   . PRO A 1 106 ? 10.28935  -9.53965  -1.39717  1.000 13.99000 ? 103 PRO A C   1 
ATOM   795  O O   . PRO A 1 106 ? 11.27269  -10.25923 -1.56425  1.000 18.87000 ? 103 PRO A O   1 
ATOM   796  C CB  . PRO A 1 106 ? 10.72939  -7.30491  -2.47757  1.000 12.95000 ? 103 PRO A CB  1 
ATOM   797  C CG  . PRO A 1 106 ? 11.65648  -6.16918  -2.09066  1.000 18.40000 ? 103 PRO A CG  1 
ATOM   798  C CD  . PRO A 1 106 ? 12.49320  -6.74442  -0.97548  1.000 12.82000 ? 103 PRO A CD  1 
ATOM   799  N N   . CYS A 1 107 ? 9.04823   -10.01164 -1.39534  1.000 9.95000  ? 104 CYS A N   1 
ATOM   800  C CA  A CYS A 1 107 ? 8.73851   -11.39492 -1.75829  0.720 9.67000  ? 104 CYS A CA  1 
ATOM   801  C CA  B CYS A 1 107 ? 8.74220   -11.38977 -1.73341  0.280 9.78000  ? 104 CYS A CA  1 
ATOM   802  C C   . CYS A 1 107 ? 7.44885   -11.44610 -2.54119  1.000 8.49000  ? 104 CYS A C   1 
ATOM   803  O O   . CYS A 1 107 ? 6.53302   -10.66158 -2.29434  1.000 9.12000  ? 104 CYS A O   1 
ATOM   804  C CB  A CYS A 1 107 ? 8.59673   -12.29227 -0.53190  0.720 12.02000 ? 104 CYS A CB  1 
ATOM   805  C CB  B CYS A 1 107 ? 8.62212   -12.22988 -0.46526  0.280 12.03000 ? 104 CYS A CB  1 
ATOM   806  S SG  A CYS A 1 107 ? 10.12297  -12.61791 0.34728   0.720 15.81000 ? 104 CYS A SG  1 
ATOM   807  S SG  B CYS A 1 107 ? 8.57125   -13.99963 -0.73592  0.280 21.66000 ? 104 CYS A SG  1 
ATOM   808  N N   . TRP A 1 108 ? 7.38930   -12.37983 -3.49033  1.000 10.57000 ? 105 TRP A N   1 
ATOM   809  C CA  . TRP A 1 108 ? 6.17233   -12.66258 -4.24398  1.000 10.74000 ? 105 TRP A CA  1 
ATOM   810  C C   . TRP A 1 108 ? 5.29630   -13.61865 -3.44227  1.000 11.00000 ? 105 TRP A C   1 
ATOM   811  O O   . TRP A 1 108 ? 5.79729   -14.56474 -2.82250  1.000 16.03000 ? 105 TRP A O   1 
ATOM   812  C CB  . TRP A 1 108 ? 6.49803   -13.27753 -5.60252  1.000 11.15000 ? 105 TRP A CB  1 
ATOM   813  C CG  . TRP A 1 108 ? 7.13399   -12.34744 -6.55720  1.000 11.02000 ? 105 TRP A CG  1 
ATOM   814  C CD1 . TRP A 1 108 ? 8.45173   -12.31451 -6.90811  1.000 14.41000 ? 105 TRP A CD1 1 
ATOM   815  C CD2 . TRP A 1 108 ? 6.49137   -11.32363 -7.31376  1.000 9.22000  ? 105 TRP A CD2 1 
ATOM   816  N NE1 . TRP A 1 108 ? 8.67205   -11.32488 -7.83141  1.000 14.20000 ? 105 TRP A NE1 1 
ATOM   817  C CE2 . TRP A 1 108 ? 7.47999   -10.69244 -8.09557  1.000 12.99000 ? 105 TRP A CE2 1 
ATOM   818  C CE3 . TRP A 1 108 ? 5.17219   -10.85880 -7.39384  1.000 8.90000  ? 105 TRP A CE3 1 
ATOM   819  C CZ2 . TRP A 1 108 ? 7.19256   -9.64469  -8.96516  1.000 13.09000 ? 105 TRP A CZ2 1 
ATOM   820  C CZ3 . TRP A 1 108 ? 4.88410   -9.81410  -8.26073  1.000 11.20000 ? 105 TRP A CZ3 1 
ATOM   821  C CH2 . TRP A 1 108 ? 5.89101   -9.22129  -9.03140  1.000 13.90000 ? 105 TRP A CH2 1 
ATOM   822  N N   . PHE A 1 109 ? 3.99019   -13.36930 -3.45459  1.000 9.87000  ? 106 PHE A N   1 
ATOM   823  C CA  . PHE A 1 109 ? 3.00671   -14.25369 -2.83376  1.000 9.90000  ? 106 PHE A CA  1 
ATOM   824  C C   . PHE A 1 109 ? 1.93689   -14.66639 -3.82738  1.000 10.65000 ? 106 PHE A C   1 
ATOM   825  O O   . PHE A 1 109 ? 1.36405   -13.81804 -4.51872  1.000 10.93000 ? 106 PHE A O   1 
ATOM   826  C CB  . PHE A 1 109 ? 2.33444   -13.57764 -1.63541  1.000 10.42000 ? 106 PHE A CB  1 
ATOM   827  C CG  . PHE A 1 109 ? 3.28064   -13.28364 -0.50796  1.000 10.15000 ? 106 PHE A CG  1 
ATOM   828  C CD1 . PHE A 1 109 ? 4.03128   -12.11468 -0.50594  1.000 9.15000  ? 106 PHE A CD1 1 
ATOM   829  C CD2 . PHE A 1 109 ? 3.43872   -14.18770 0.53473   1.000 10.31000 ? 106 PHE A CD2 1 
ATOM   830  C CE1 . PHE A 1 109 ? 4.91679   -11.84892 0.51295   1.000 9.72000  ? 106 PHE A CE1 1 
ATOM   831  C CE2 . PHE A 1 109 ? 4.32333   -13.92921 1.56114   1.000 8.59000  ? 106 PHE A CE2 1 
ATOM   832  C CZ  . PHE A 1 109 ? 5.06526   -12.75172 1.55584   1.000 10.19000 ? 106 PHE A CZ  1 
ATOM   833  N N   . GLN A 1 110 ? 1.65876   -15.96776 -3.88813  1.000 13.39000 ? 107 GLN A N   1 
ATOM   834  C CA  . GLN A 1 110 ? 0.49923   -16.43714 -4.62440  1.000 13.77000 ? 107 GLN A CA  1 
ATOM   835  C C   . GLN A 1 110 ? -0.73956  -15.83522 -3.98376  1.000 14.02000 ? 107 GLN A C   1 
ATOM   836  O O   . GLN A 1 110 ? -0.76592  -15.61280 -2.77530  1.000 13.71000 ? 107 GLN A O   1 
ATOM   837  C CB  . GLN A 1 110 ? 0.42187   -17.96396 -4.61486  1.000 15.65000 ? 107 GLN A CB  1 
ATOM   838  C CG  . GLN A 1 110 ? 1.63192   -18.63996 -5.21906  1.000 18.69000 ? 107 GLN A CG  1 
ATOM   839  C CD  . GLN A 1 110 ? 1.79539   -18.33173 -6.69240  1.000 30.80000 ? 107 GLN A CD  1 
ATOM   840  O OE1 . GLN A 1 110 ? 0.90102   -18.60408 -7.49963  1.000 34.69000 ? 107 GLN A OE1 1 
ATOM   841  N NE2 . GLN A 1 110 ? 2.93640   -17.75240 -7.05281  1.000 34.08000 ? 107 GLN A NE2 1 
ATOM   842  N N   . LEU A 1 111 ? -1.77189  -15.58344 -4.78250  1.000 12.69000 ? 108 LEU A N   1 
ATOM   843  C CA  . LEU A 1 111 ? -2.90079  -14.78457 -4.30441  1.000 12.57000 ? 108 LEU A CA  1 
ATOM   844  C C   . LEU A 1 111 ? -3.68555  -15.46353 -3.18378  1.000 16.31000 ? 108 LEU A C   1 
ATOM   845  O O   . LEU A 1 111 ? -4.29628  -14.79103 -2.36216  1.000 18.48000 ? 108 LEU A O   1 
ATOM   846  C CB  . LEU A 1 111 ? -3.82805  -14.43356 -5.46585  1.000 14.70000 ? 108 LEU A CB  1 
ATOM   847  C CG  . LEU A 1 111 ? -3.12627  -13.60508 -6.53709  1.000 13.91000 ? 108 LEU A CG  1 
ATOM   848  C CD1 . LEU A 1 111 ? -4.12333  -13.16983 -7.61405  1.000 21.56000 ? 108 LEU A CD1 1 
ATOM   849  C CD2 . LEU A 1 111 ? -2.44154  -12.39765 -5.91836  1.000 15.15000 ? 108 LEU A CD2 1 
ATOM   850  N N   . ASP A 1 112 ? -3.61809  -16.78924 -3.11347  1.000 17.14000 ? 109 ASP A N   1 
ATOM   851  C CA  . ASP A 1 112 ? -4.27468  -17.51760 -2.03711  1.000 21.44000 ? 109 ASP A CA  1 
ATOM   852  C C   . ASP A 1 112 ? -3.37092  -17.67431 -0.81534  1.000 23.99000 ? 109 ASP A C   1 
ATOM   853  O O   . ASP A 1 112 ? -3.77412  -18.27010 0.18071   1.000 24.58000 ? 109 ASP A O   1 
ATOM   854  C CB  . ASP A 1 112 ? -4.73192  -18.89569 -2.52718  1.000 21.07000 ? 109 ASP A CB  1 
ATOM   855  C CG  . ASP A 1 112 ? -5.98543  -18.83174 -3.39954  1.000 31.37000 ? 109 ASP A CG  1 
ATOM   856  O OD1 . ASP A 1 112 ? -6.42093  -17.72811 -3.80060  1.000 27.26000 ? 109 ASP A OD1 1 
ATOM   857  O OD2 . ASP A 1 112 ? -6.54170  -19.91061 -3.68057  1.000 35.23000 ? 109 ASP A OD2 1 
ATOM   858  N N   . GLN A 1 113 ? -2.14895  -17.14295 -0.89226  1.000 14.63000 ? 110 GLN A N   1 
ATOM   859  C CA  . GLN A 1 113 ? -1.19670  -17.26066 0.21338   1.000 17.45000 ? 110 GLN A CA  1 
ATOM   860  C C   . GLN A 1 113 ? -0.73439  -15.88829 0.71823   1.000 13.41000 ? 110 GLN A C   1 
ATOM   861  O O   . GLN A 1 113 ? 0.34427   -15.74174 1.28958   1.000 14.34000 ? 110 GLN A O   1 
ATOM   862  C CB  . GLN A 1 113 ? 0.00522   -18.10938 -0.20616  1.000 17.35000 ? 110 GLN A CB  1 
ATOM   863  C CG  . GLN A 1 113 ? -0.34324  -19.58717 -0.35875  1.000 22.72000 ? 110 GLN A CG  1 
ATOM   864  C CD  . GLN A 1 113 ? 0.81379   -20.42097 -0.86501  1.000 28.26000 ? 110 GLN A CD  1 
ATOM   865  O OE1 . GLN A 1 113 ? 1.57201   -19.99478 -1.74096  1.000 32.52000 ? 110 GLN A OE1 1 
ATOM   866  N NE2 . GLN A 1 113 ? 0.95296   -21.62366 -0.31881  1.000 39.47000 ? 110 GLN A NE2 1 
ATOM   867  N N   . ILE A 1 114 ? -1.58327  -14.88933 0.54350   1.000 12.54000 ? 111 ILE A N   1 
ATOM   868  C CA  . ILE A 1 114 ? -1.27500  -13.54968 1.04212   1.000 10.59000 ? 111 ILE A CA  1 
ATOM   869  C C   . ILE A 1 114 ? -1.25439  -13.58364 2.57133   1.000 9.69000  ? 111 ILE A C   1 
ATOM   870  O O   . ILE A 1 114 ? -2.18138  -14.09717 3.19193   1.000 11.87000 ? 111 ILE A O   1 
ATOM   871  C CB  . ILE A 1 114 ? -2.29206  -12.54661 0.51350   1.000 11.12000 ? 111 ILE A CB  1 
ATOM   872  C CG1 . ILE A 1 114 ? -2.11750  -12.40682 -1.00435  1.000 13.43000 ? 111 ILE A CG1 1 
ATOM   873  C CG2 . ILE A 1 114 ? -2.12215  -11.19910 1.18971   1.000 11.50000 ? 111 ILE A CG2 1 
ATOM   874  C CD1 . ILE A 1 114 ? -3.19151  -11.59114 -1.66287  1.000 14.67000 ? 111 ILE A CD1 1 
ATOM   875  N N   . PRO A 1 115 ? -0.16178  -13.10554 3.18146   1.000 10.16000 ? 112 PRO A N   1 
ATOM   876  C CA  . PRO A 1 115 ? 0.03847   -13.32784 4.61574   1.000 10.40000 ? 112 PRO A CA  1 
ATOM   877  C C   . PRO A 1 115 ? -0.67678  -12.32003 5.50977   1.000 9.72000  ? 112 PRO A C   1 
ATOM   878  O O   . PRO A 1 115 ? -0.00465  -11.56639 6.23141   1.000 10.86000 ? 112 PRO A O   1 
ATOM   879  C CB  . PRO A 1 115 ? 1.55599   -13.19715 4.77001   1.000 10.77000 ? 112 PRO A CB  1 
ATOM   880  C CG  . PRO A 1 115 ? 1.93161   -12.20549 3.71111   1.000 9.88000  ? 112 PRO A CG  1 
ATOM   881  C CD  . PRO A 1 115 ? 1.01862   -12.49339 2.54081   1.000 9.73000  ? 112 PRO A CD  1 
ATOM   882  N N   . PHE A 1 116 ? -2.00773  -12.32939 5.48087   1.000 9.61000  ? 113 PHE A N   1 
ATOM   883  C CA  . PHE A 1 116 ? -2.78705  -11.31167 6.19298   1.000 11.48000 ? 113 PHE A CA  1 
ATOM   884  C C   . PHE A 1 116 ? -2.51034  -11.22279 7.68900   1.000 8.67000  ? 113 PHE A C   1 
ATOM   885  O O   . PHE A 1 116 ? -2.63821  -10.15233 8.28300   1.000 12.66000 ? 113 PHE A O   1 
ATOM   886  C CB  . PHE A 1 116 ? -4.28244  -11.54119 5.96580   1.000 12.09000 ? 113 PHE A CB  1 
ATOM   887  C CG  . PHE A 1 116 ? -4.72163  -11.19194 4.58827   1.000 10.42000 ? 113 PHE A CG  1 
ATOM   888  C CD1 . PHE A 1 116 ? -4.67989  -9.87536  4.15209   1.000 10.31000 ? 113 PHE A CD1 1 
ATOM   889  C CD2 . PHE A 1 116 ? -5.12084  -12.17294 3.70066   1.000 11.83000 ? 113 PHE A CD2 1 
ATOM   890  C CE1 . PHE A 1 116 ? -5.06362  -9.54074  2.86270   1.000 11.87000 ? 113 PHE A CE1 1 
ATOM   891  C CE2 . PHE A 1 116 ? -5.50810  -11.85089 2.41066   1.000 13.11000 ? 113 PHE A CE2 1 
ATOM   892  C CZ  . PHE A 1 116 ? -5.47233  -10.53589 1.98754   1.000 13.08000 ? 113 PHE A CZ  1 
ATOM   893  N N   . LYS A 1 117 ? -2.12493  -12.33477 8.30640   1.000 13.29000 ? 114 LYS A N   1 
ATOM   894  C CA  . LYS A 1 117 ? -1.86354  -12.30028 9.73874   1.000 18.10000 ? 114 LYS A CA  1 
ATOM   895  C C   . LYS A 1 117 ? -0.60854  -11.49557 10.08611  1.000 14.01000 ? 114 LYS A C   1 
ATOM   896  O O   . LYS A 1 117 ? -0.46439  -11.02451 11.21996  1.000 16.50000 ? 114 LYS A O   1 
ATOM   897  C CB  . LYS A 1 117 ? -1.76415  -13.72068 10.29210  1.000 25.48000 ? 114 LYS A CB  1 
ATOM   898  C CG  . LYS A 1 117 ? -3.06300  -14.50142 10.17685  1.000 32.57000 ? 114 LYS A CG  1 
ATOM   899  C CD  . LYS A 1 117 ? -4.25958  -13.65261 10.60297  1.000 35.29000 ? 114 LYS A CD  1 
ATOM   900  C CE  . LYS A 1 117 ? -5.56720  -14.11704 9.95932   1.000 37.20000 ? 114 LYS A CE  1 
ATOM   901  N NZ  . LYS A 1 117 ? -6.09106  -13.16735 8.93108   1.000 39.87000 ? 114 LYS A NZ  1 
ATOM   902  N N   . ASP A 1 118 ? 0.26143   -11.28216 9.09779   1.000 11.02000 ? 115 ASP A N   1 
ATOM   903  C CA  . ASP A 1 118 ? 1.46103   -10.48658 9.31019   1.000 10.30000 ? 115 ASP A CA  1 
ATOM   904  C C   . ASP A 1 118 ? 1.43626   -9.25415  8.41253   1.000 10.96000 ? 115 ASP A C   1 
ATOM   905  O O   . ASP A 1 118 ? 2.46872   -8.81890  7.90891   1.000 9.53000  ? 115 ASP A O   1 
ATOM   906  C CB  . ASP A 1 118 ? 2.71393   -11.32392 9.05379   1.000 12.73000 ? 115 ASP A CB  1 
ATOM   907  C CG  . ASP A 1 118 ? 3.97876   -10.62556 9.51024   1.000 26.36000 ? 115 ASP A CG  1 
ATOM   908  O OD1 . ASP A 1 118 ? 3.87990   -9.71895  10.37280  1.000 19.09000 ? 115 ASP A OD1 1 
ATOM   909  O OD2 . ASP A 1 118 ? 5.06907   -10.96448 8.99566   1.000 26.18000 ? 115 ASP A OD2 1 
ATOM   910  N N   . MET A 1 119 ? 0.23905   -8.71956  8.21819   1.000 8.58000  ? 116 MET A N   1 
ATOM   911  C CA  . MET A 1 119 ? 0.01085   -7.48362  7.47330   1.000 9.33000  ? 116 MET A CA  1 
ATOM   912  C C   . MET A 1 119 ? -0.80659  -6.53185  8.33476   1.000 10.66000 ? 116 MET A C   1 
ATOM   913  O O   . MET A 1 119 ? -1.40435  -6.95896  9.32728   1.000 10.72000 ? 116 MET A O   1 
ATOM   914  C CB  . MET A 1 119 ? -0.72354  -7.77000  6.17063   1.000 8.49000  ? 116 MET A CB  1 
ATOM   915  C CG  . MET A 1 119 ? 0.14102   -8.50185  5.15024   1.000 9.78000  ? 116 MET A CG  1 
ATOM   916  S SD  . MET A 1 119 ? -0.74593  -9.28573  3.77957   1.000 9.73000  ? 116 MET A SD  1 
ATOM   917  C CE  . MET A 1 119 ? -1.15094  -7.86861  2.76419   1.000 11.73000 ? 116 MET A CE  1 
ATOM   918  N N   . TRP A 1 120 ? -0.86055  -5.25306  7.96345   1.000 7.62000  ? 117 TRP A N   1 
ATOM   919  C CA  . TRP A 1 120 ? -1.75289  -4.33178  8.66292   1.000 7.91000  ? 117 TRP A CA  1 
ATOM   920  C C   . TRP A 1 120 ? -3.16026  -4.89937  8.65345   1.000 9.15000  ? 117 TRP A C   1 
ATOM   921  O O   . TRP A 1 120 ? -3.59768  -5.45243  7.64471   1.000 9.23000  ? 117 TRP A O   1 
ATOM   922  C CB  . TRP A 1 120 ? -1.74041  -2.95833  8.01108   1.000 8.59000  ? 117 TRP A CB  1 
ATOM   923  C CG  . TRP A 1 120 ? -0.53865  -2.14825  8.29079   1.000 8.59000  ? 117 TRP A CG  1 
ATOM   924  C CD1 . TRP A 1 120 ? 0.62178   -2.11681  7.57934   1.000 11.06000 ? 117 TRP A CD1 1 
ATOM   925  C CD2 . TRP A 1 120 ? -0.38613  -1.22054  9.36583   1.000 8.39000  ? 117 TRP A CD2 1 
ATOM   926  N NE1 . TRP A 1 120 ? 1.50135   -1.22444  8.15345   1.000 13.05000 ? 117 TRP A NE1 1 
ATOM   927  C CE2 . TRP A 1 120 ? 0.90399   -0.66127  9.24805   1.000 11.30000 ? 117 TRP A CE2 1 
ATOM   928  C CE3 . TRP A 1 120 ? -1.21746  -0.80732  10.40796  1.000 10.96000 ? 117 TRP A CE3 1 
ATOM   929  C CZ2 . TRP A 1 120 ? 1.37924   0.29465   10.14771  1.000 15.15000 ? 117 TRP A CZ2 1 
ATOM   930  C CZ3 . TRP A 1 120 ? -0.74245  0.13956   11.29364  1.000 12.32000 ? 117 TRP A CZ3 1 
ATOM   931  C CH2 . TRP A 1 120 ? 0.54386   0.67363   11.16167  1.000 13.20000 ? 117 TRP A CH2 1 
ATOM   932  N N   . PRO A 1 121 ? -3.87262  -4.77048  9.78175   1.000 6.87000  ? 118 PRO A N   1 
ATOM   933  C CA  . PRO A 1 121 ? -5.16098  -5.47097  9.84493   1.000 6.23000  ? 118 PRO A CA  1 
ATOM   934  C C   . PRO A 1 121 ? -6.20988  -4.99918  8.83149   1.000 8.48000  ? 118 PRO A C   1 
ATOM   935  O O   . PRO A 1 121 ? -7.09739  -5.76802  8.45205   1.000 10.86000 ? 118 PRO A O   1 
ATOM   936  C CB  . PRO A 1 121 ? -5.64915  -5.20320  11.28101  1.000 13.16000 ? 118 PRO A CB  1 
ATOM   937  C CG  . PRO A 1 121 ? -4.75457  -4.18558  11.85164  1.000 20.49000 ? 118 PRO A CG  1 
ATOM   938  C CD  . PRO A 1 121 ? -3.45733  -4.20148  11.07218  1.000 8.90000  ? 118 PRO A CD  1 
ATOM   939  N N   . ASP A 1 122 ? -6.10671  -3.76475  8.37044   1.000 7.28000  ? 119 ASP A N   1 
ATOM   940  C CA  . ASP A 1 122 ? -7.09371  -3.25446  7.43407   1.000 7.99000  ? 119 ASP A CA  1 
ATOM   941  C C   . ASP A 1 122 ? -6.97100  -3.93250  6.06906   1.000 8.15000  ? 119 ASP A C   1 
ATOM   942  O O   . ASP A 1 122 ? -7.93455  -3.92895  5.29202   1.000 8.05000  ? 119 ASP A O   1 
ATOM   943  C CB  . ASP A 1 122 ? -6.94749  -1.73322  7.28302   1.000 5.98000  ? 119 ASP A CB  1 
ATOM   944  C CG  . ASP A 1 122 ? -5.53880  -1.32288  6.92172   1.000 7.91000  ? 119 ASP A CG  1 
ATOM   945  O OD1 . ASP A 1 122 ? -4.67428  -1.39440  7.82471   1.000 8.02000  ? 119 ASP A OD1 1 
ATOM   946  O OD2 . ASP A 1 122 ? -5.28607  -0.92706  5.76620   1.000 8.61000  ? 119 ASP A OD2 1 
ATOM   947  N N   . ASP A 1 123 ? -5.78880  -4.48040  5.76920   1.000 7.98000  ? 120 ASP A N   1 
ATOM   948  C CA  . ASP A 1 123 ? -5.56501  -5.10348  4.47047   1.000 6.45000  ? 120 ASP A CA  1 
ATOM   949  C C   . ASP A 1 123 ? -6.57937  -6.20398  4.19774   1.000 7.43000  ? 120 ASP A C   1 
ATOM   950  O O   . ASP A 1 123 ? -7.00955  -6.38387  3.06748   1.000 8.63000  ? 120 ASP A O   1 
ATOM   951  C CB  . ASP A 1 123 ? -4.15727  -5.69959  4.36337   1.000 7.91000  ? 120 ASP A CB  1 
ATOM   952  C CG  . ASP A 1 123 ? -3.06865  -4.64580  4.30304   1.000 9.68000  ? 120 ASP A CG  1 
ATOM   953  O OD1 . ASP A 1 123 ? -3.37305  -3.43312  4.14970   1.000 9.81000  ? 120 ASP A OD1 1 
ATOM   954  O OD2 . ASP A 1 123 ? -1.89128  -5.06073  4.37348   1.000 11.28000 ? 120 ASP A OD2 1 
ATOM   955  N N   . SER A 1 124 ? -6.94273  -6.94146  5.23764   1.000 8.58000  ? 121 SER A N   1 
ATOM   956  C CA  . SER A 1 124 ? -7.91310  -8.02397  5.11602   1.000 10.24000 ? 121 SER A CA  1 
ATOM   957  C C   . SER A 1 124 ? -9.25069  -7.54088  4.55472   1.000 10.93000 ? 121 SER A C   1 
ATOM   958  O O   . SER A 1 124 ? -9.97675  -8.31860  3.92397   1.000 10.08000 ? 121 SER A O   1 
ATOM   959  C CB  . SER A 1 124 ? -8.14149  -8.66845  6.49061   1.000 13.99000 ? 121 SER A CB  1 
ATOM   960  O OG  . SER A 1 124 ? -6.96971  -9.33394  6.92413   1.000 21.28000 ? 121 SER A OG  1 
ATOM   961  N N   . TYR A 1 125 ? -9.56881  -6.26593  4.80047   1.000 8.71000  ? 122 TYR A N   1 
ATOM   962  C CA  . TYR A 1 125 ? -10.81031 -5.66311  4.34665   1.000 8.93000  ? 122 TYR A CA  1 
ATOM   963  C C   . TYR A 1 125 ? -10.78018 -5.20621  2.89317   1.000 9.65000  ? 122 TYR A C   1 
ATOM   964  O O   . TYR A 1 125 ? -11.72074 -5.47437  2.13466   1.000 9.70000  ? 122 TYR A O   1 
ATOM   965  C CB  . TYR A 1 125 ? -11.18871 -4.46468  5.24033   1.000 9.09000  ? 122 TYR A CB  1 
ATOM   966  C CG  . TYR A 1 125 ? -11.60733 -4.85129  6.63163   1.000 12.90000 ? 122 TYR A CG  1 
ATOM   967  C CD1 . TYR A 1 125 ? -12.94310 -5.08364  6.92412   1.000 20.56000 ? 122 TYR A CD1 1 
ATOM   968  C CD2 . TYR A 1 125 ? -10.67875 -5.00629  7.64492   1.000 14.52000 ? 122 TYR A CD2 1 
ATOM   969  C CE1 . TYR A 1 125 ? -13.34303 -5.45602  8.19891   1.000 28.03000 ? 122 TYR A CE1 1 
ATOM   970  C CE2 . TYR A 1 125 ? -11.06522 -5.37329  8.93240   1.000 14.72000 ? 122 TYR A CE2 1 
ATOM   971  C CZ  . TYR A 1 125 ? -12.40049 -5.59717  9.19492   1.000 23.69000 ? 122 TYR A CZ  1 
ATOM   972  O OH  . TYR A 1 125 ? -12.80196 -5.96455  10.45906  1.000 30.59000 ? 122 TYR A OH  1 
ATOM   973  N N   . TRP A 1 126 ? -9.72377  -4.50193  2.48357   1.000 9.01000  ? 123 TRP A N   1 
ATOM   974  C CA  . TRP A 1 126 ? -9.72325  -3.94566  1.13033   1.000 7.94000  ? 123 TRP A CA  1 
ATOM   975  C C   . TRP A 1 126 ? -8.91327  -4.72702  0.09448   1.000 10.44000 ? 123 TRP A C   1 
ATOM   976  O O   . TRP A 1 126 ? -9.14366  -4.54528  -1.09644  1.000 9.76000  ? 123 TRP A O   1 
ATOM   977  C CB  . TRP A 1 126 ? -9.25934  -2.47647  1.14490   1.000 8.68000  ? 123 TRP A CB  1 
ATOM   978  C CG  . TRP A 1 126 ? -7.88845  -2.19886  1.71708   1.000 8.97000  ? 123 TRP A CG  1 
ATOM   979  C CD1 . TRP A 1 126 ? -7.59072  -1.88300  3.01059   1.000 7.66000  ? 123 TRP A CD1 1 
ATOM   980  C CD2 . TRP A 1 126 ? -6.65687  -2.17442  0.99834   1.000 6.83000  ? 123 TRP A CD2 1 
ATOM   981  N NE1 . TRP A 1 126 ? -6.23129  -1.68275  3.14420   1.000 8.59000  ? 123 TRP A NE1 1 
ATOM   982  C CE2 . TRP A 1 126 ? -5.63522  -1.86960  1.92770   1.000 7.43000  ? 123 TRP A CE2 1 
ATOM   983  C CE3 . TRP A 1 126 ? -6.30356  -2.42765  -0.32957  1.000 8.17000  ? 123 TRP A CE3 1 
ATOM   984  C CZ2 . TRP A 1 126 ? -4.29165  -1.76044  1.55725   1.000 8.60000  ? 123 TRP A CZ2 1 
ATOM   985  C CZ3 . TRP A 1 126 ? -4.98071  -2.32510  -0.69920  1.000 8.01000  ? 123 TRP A CZ3 1 
ATOM   986  C CH2 . TRP A 1 126 ? -3.98734  -2.00251  0.24410   1.000 8.96000  ? 123 TRP A CH2 1 
ATOM   987  N N   . PHE A 1 127 ? -8.00872  -5.60814  0.51705   1.000 10.24000 ? 124 PHE A N   1 
ATOM   988  C CA  . PHE A 1 127 ? -7.34607  -6.45965  -0.48081  1.000 11.55000 ? 124 PHE A CA  1 
ATOM   989  C C   . PHE A 1 127 ? -8.30264  -7.27250  -1.33778  1.000 12.86000 ? 124 PHE A C   1 
ATOM   990  O O   . PHE A 1 127 ? -8.04643  -7.38435  -2.53851  1.000 12.76000 ? 124 PHE A O   1 
ATOM   991  C CB  . PHE A 1 127 ? -6.35883  -7.43085  0.16365   1.000 13.27000 ? 124 PHE A CB  1 
ATOM   992  C CG  . PHE A 1 127 ? -4.93641  -7.03617  -0.02336  1.000 12.09000 ? 124 PHE A CG  1 
ATOM   993  C CD1 . PHE A 1 127 ? -4.47871  -5.84138  0.49511   1.000 19.87000 ? 124 PHE A CD1 1 
ATOM   994  C CD2 . PHE A 1 127 ? -4.04818  -7.86726  -0.69423  1.000 18.31000 ? 124 PHE A CD2 1 
ATOM   995  C CE1 . PHE A 1 127 ? -3.17383  -5.46510  0.34583   1.000 17.51000 ? 124 PHE A CE1 1 
ATOM   996  C CE2 . PHE A 1 127 ? -2.71490  -7.48875  -0.84779  1.000 17.45000 ? 124 PHE A CE2 1 
ATOM   997  C CZ  . PHE A 1 127 ? -2.28936  -6.28441  -0.32488  1.000 18.39000 ? 124 PHE A CZ  1 
ATOM   998  N N   . PRO A 1 128 ? -9.37607  -7.85767  -0.75218  1.000 12.64000 ? 125 PRO A N   1 
ATOM   999  C CA  . PRO A 1 128 ? -10.31584 -8.57945  -1.62154  1.000 12.52000 ? 125 PRO A CA  1 
ATOM   1000 C C   . PRO A 1 128 ? -10.83598 -7.72391  -2.76670  1.000 13.63000 ? 125 PRO A C   1 
ATOM   1001 O O   . PRO A 1 128 ? -11.07925 -8.23854  -3.86381  1.000 14.71000 ? 125 PRO A O   1 
ATOM   1002 C CB  . PRO A 1 128 ? -11.45098 -8.96314  -0.67103  1.000 12.92000 ? 125 PRO A CB  1 
ATOM   1003 C CG  . PRO A 1 128 ? -10.75277 -9.16268  0.63842   1.000 14.66000 ? 125 PRO A CG  1 
ATOM   1004 C CD  . PRO A 1 128 ? -9.69519  -8.08276  0.67677   1.000 11.79000 ? 125 PRO A CD  1 
ATOM   1005 N N   . LEU A 1 129 ? -10.98539 -6.42719  -2.52648  1.000 10.63000 ? 126 LEU A N   1 
ATOM   1006 C CA  . LEU A 1 129 ? -11.50184 -5.52838  -3.55219  1.000 10.90000 ? 126 LEU A CA  1 
ATOM   1007 C C   . LEU A 1 129 ? -10.43005 -5.27854  -4.60259  1.000 11.33000 ? 126 LEU A C   1 
ATOM   1008 O O   . LEU A 1 129 ? -10.69204 -5.35514  -5.80764  1.000 11.34000 ? 126 LEU A O   1 
ATOM   1009 C CB  . LEU A 1 129 ? -11.96498 -4.21139  -2.92435  1.000 9.85000  ? 126 LEU A CB  1 
ATOM   1010 C CG  . LEU A 1 129 ? -13.03534 -4.32963  -1.84095  1.000 12.85000 ? 126 LEU A CG  1 
ATOM   1011 C CD1 . LEU A 1 129 ? -13.38586 -2.94434  -1.27237  1.000 12.68000 ? 126 LEU A CD1 1 
ATOM   1012 C CD2 . LEU A 1 129 ? -14.26967 -5.00128  -2.40028  1.000 21.43000 ? 126 LEU A CD2 1 
ATOM   1013 N N   . LEU A 1 130 ? -9.21783  -4.98509  -4.13525  1.000 10.88000 ? 127 LEU A N   1 
ATOM   1014 C CA  . LEU A 1 130 ? -8.04469  -4.83981  -4.99484  1.000 11.39000 ? 127 LEU A CA  1 
ATOM   1015 C C   . LEU A 1 130 ? -7.87010  -6.02519  -5.94967  1.000 11.11000 ? 127 LEU A C   1 
ATOM   1016 O O   . LEU A 1 130 ? -7.65171  -5.83729  -7.16420  1.000 14.55000 ? 127 LEU A O   1 
ATOM   1017 C CB  . LEU A 1 130 ? -6.79320  -4.67923  -4.13101  1.000 13.40000 ? 127 LEU A CB  1 
ATOM   1018 C CG  . LEU A 1 130 ? -5.45355  -4.71628  -4.85324  1.000 18.82000 ? 127 LEU A CG  1 
ATOM   1019 C CD1 . LEU A 1 130 ? -5.16035  -3.35750  -5.46783  1.000 18.49000 ? 127 LEU A CD1 1 
ATOM   1020 C CD2 . LEU A 1 130 ? -4.34298  -5.15842  -3.89878  1.000 21.82000 ? 127 LEU A CD2 1 
ATOM   1021 N N   . LEU A 1 131 ? -8.01736  -7.23560  -5.40847  1.000 12.12000 ? 128 LEU A N   1 
ATOM   1022 C CA  . LEU A 1 131 ? -7.77813  -8.45960  -6.17327  1.000 9.41000  ? 128 LEU A CA  1 
ATOM   1023 C C   . LEU A 1 131 ? -8.81579  -8.64689  -7.25877  1.000 16.25000 ? 128 LEU A C   1 
ATOM   1024 O O   . LEU A 1 131 ? -8.52008  -9.23376  -8.30935  1.000 18.70000 ? 128 LEU A O   1 
ATOM   1025 C CB  . LEU A 1 131 ? -7.77235  -9.68290  -5.25028  1.000 12.89000 ? 128 LEU A CB  1 
ATOM   1026 C CG  . LEU A 1 131 ? -6.62320  -9.78595  -4.23584  1.000 13.21000 ? 128 LEU A CG  1 
ATOM   1027 C CD1 . LEU A 1 131 ? -6.73656  -11.05502 -3.40984  1.000 17.84000 ? 128 LEU A CD1 1 
ATOM   1028 C CD2 . LEU A 1 131 ? -5.27149  -9.70566  -4.91897  1.000 17.55000 ? 128 LEU A CD2 1 
ATOM   1029 N N   . GLN A 1 132 ? -10.02843 -8.15610  -7.02639  1.000 13.48000 ? 129 GLN A N   1 
ATOM   1030 C CA  . GLN A 1 132 ? -11.08074 -8.27657  -8.03737  1.000 12.98000 ? 129 GLN A CA  1 
ATOM   1031 C C   . GLN A 1 132 ? -11.26098 -6.99799  -8.86215  1.000 14.76000 ? 129 GLN A C   1 
ATOM   1032 O O   . GLN A 1 132 ? -12.30554 -6.78639  -9.48948  1.000 15.58000 ? 129 GLN A O   1 
ATOM   1033 C CB  . GLN A 1 132 ? -12.40809 -8.69535  -7.38822  1.000 13.36000 ? 129 GLN A CB  1 
ATOM   1034 C CG  . GLN A 1 132 ? -12.39934 -10.16341 -6.93037  1.000 12.79000 ? 129 GLN A CG  1 
ATOM   1035 C CD  . GLN A 1 132 ? -13.70183 -10.63278 -6.30230  1.000 16.02000 ? 129 GLN A CD  1 
ATOM   1036 O OE1 . GLN A 1 132 ? -14.58858 -9.83226  -5.97359  1.000 15.86000 ? 129 GLN A OE1 1 
ATOM   1037 N NE2 . GLN A 1 132 ? -13.82340 -11.95194 -6.13195  1.000 13.71000 ? 129 GLN A NE2 1 
ATOM   1038 N N   . LYS A 1 133 ? -10.21537 -6.17360  -8.88187  1.000 13.34000 ? 130 LYS A N   1 
ATOM   1039 C CA  . LYS A 1 133 ? -10.14883 -4.97098  -9.71908  1.000 13.80000 ? 130 LYS A CA  1 
ATOM   1040 C C   . LYS A 1 133 ? -11.23362 -3.95274  -9.41055  1.000 15.61000 ? 130 LYS A C   1 
ATOM   1041 O O   . LYS A 1 133 ? -11.72655 -3.24654  -10.31046 1.000 16.55000 ? 130 LYS A O   1 
ATOM   1042 C CB  . LYS A 1 133 ? -10.22009 -5.35299  -11.20273 1.000 25.48000 ? 130 LYS A CB  1 
ATOM   1043 C CG  . LYS A 1 133 ? -9.14055  -6.33292  -11.65570 1.000 28.27000 ? 130 LYS A CG  1 
ATOM   1044 C CD  . LYS A 1 133 ? -7.79539  -6.02861  -11.01255 1.000 33.14000 ? 130 LYS A CD  1 
ATOM   1045 C CE  . LYS A 1 133 ? -7.06856  -7.30603  -10.64094 1.000 35.38000 ? 130 LYS A CE  1 
ATOM   1046 N NZ  . LYS A 1 133 ? -7.28659  -8.38648  -11.64502 1.000 38.50000 ? 130 LYS A NZ  1 
ATOM   1047 N N   . LYS A 1 134 ? -11.60928 -3.87659  -8.14391  1.000 11.54000 ? 131 LYS A N   1 
ATOM   1048 C CA  . LYS A 1 134 ? -12.57099 -2.89267  -7.69409  1.000 12.58000 ? 131 LYS A CA  1 
ATOM   1049 C C   . LYS A 1 134 ? -11.84458 -1.66080  -7.16178  1.000 14.24000 ? 131 LYS A C   1 
ATOM   1050 O O   . LYS A 1 134 ? -10.69792 -1.74947  -6.71433  1.000 19.23000 ? 131 LYS A O   1 
ATOM   1051 C CB  . LYS A 1 134 ? -13.47668 -3.48900  -6.62630  1.000 14.89000 ? 131 LYS A CB  1 
ATOM   1052 C CG  . LYS A 1 134 ? -14.23563 -4.71311  -7.09068  1.000 20.87000 ? 131 LYS A CG  1 
ATOM   1053 C CD  . LYS A 1 134 ? -15.15758 -4.37005  -8.23719  1.000 23.00000 ? 131 LYS A CD  1 
ATOM   1054 C CE  . LYS A 1 134 ? -15.83124 -5.61119  -8.76122  1.000 27.79000 ? 131 LYS A CE  1 
ATOM   1055 N NZ  . LYS A 1 134 ? -16.81145 -5.29640  -9.83302  1.000 30.55000 ? 131 LYS A NZ  1 
ATOM   1056 N N   . LYS A 1 135 ? -12.49515 -0.51096  -7.25385  1.000 11.15000 ? 132 LYS A N   1 
ATOM   1057 C CA  . LYS A 1 135 ? -11.97280 0.72761   -6.69949  1.000 10.76000 ? 132 LYS A CA  1 
ATOM   1058 C C   . LYS A 1 135 ? -12.72983 1.05048   -5.42593  1.000 9.93000  ? 132 LYS A C   1 
ATOM   1059 O O   . LYS A 1 135 ? -13.89183 0.66891   -5.28271  1.000 10.71000 ? 132 LYS A O   1 
ATOM   1060 C CB  . LYS A 1 135 ? -12.09371 1.86370   -7.70489  1.000 11.20000 ? 132 LYS A CB  1 
ATOM   1061 C CG  . LYS A 1 135 ? -11.23185 1.67149   -8.95991  1.000 14.37000 ? 132 LYS A CG  1 
ATOM   1062 C CD  . LYS A 1 135 ? -11.57716 2.72203   -9.99904  1.000 21.88000 ? 132 LYS A CD  1 
ATOM   1063 C CE  . LYS A 1 135 ? -10.68911 2.64391   -11.22517 1.000 35.74000 ? 132 LYS A CE  1 
ATOM   1064 N NZ  . LYS A 1 135 ? -11.05856 3.70647   -12.19991 1.000 48.67000 ? 132 LYS A NZ  1 
ATOM   1065 N N   . PHE A 1 136 ? -12.08405 1.75585   -4.49579  1.000 8.37000  ? 133 PHE A N   1 
ATOM   1066 C CA  . PHE A 1 136 ? -12.68694 1.92845   -3.18214  1.000 9.35000  ? 133 PHE A CA  1 
ATOM   1067 C C   . PHE A 1 136 ? -12.23692 3.19256   -2.46456  1.000 9.31000  ? 133 PHE A C   1 
ATOM   1068 O O   . PHE A 1 136 ? -11.18157 3.75825   -2.76523  1.000 8.06000  ? 133 PHE A O   1 
ATOM   1069 C CB  . PHE A 1 136 ? -12.38732 0.69793   -2.30888  1.000 11.87000 ? 133 PHE A CB  1 
ATOM   1070 C CG  . PHE A 1 136 ? -10.92554 0.41441   -2.15017  1.000 11.69000 ? 133 PHE A CG  1 
ATOM   1071 C CD1 . PHE A 1 136 ? -10.17694 1.05643   -1.17428  1.000 10.54000 ? 133 PHE A CD1 1 
ATOM   1072 C CD2 . PHE A 1 136 ? -10.30468 -0.49743  -2.97543  1.000 11.91000 ? 133 PHE A CD2 1 
ATOM   1073 C CE1 . PHE A 1 136 ? -8.82207  0.80521   -1.04697  1.000 11.94000 ? 133 PHE A CE1 1 
ATOM   1074 C CE2 . PHE A 1 136 ? -8.95070  -0.76517  -2.85143  1.000 18.10000 ? 133 PHE A CE2 1 
ATOM   1075 C CZ  . PHE A 1 136 ? -8.20853  -0.10256  -1.87424  1.000 13.86000 ? 133 PHE A CZ  1 
ATOM   1076 N N   . HIS A 1 137 ? -13.08946 3.62635   -1.53667  1.000 8.82000  ? 134 HIS A N   1 
ATOM   1077 C CA  . HIS A 1 137 ? -12.77203 4.63086   -0.53676  1.000 10.27000 ? 134 HIS A CA  1 
ATOM   1078 C C   . HIS A 1 137 ? -12.92035 3.99121   0.82496   1.000 9.54000  ? 134 HIS A C   1 
ATOM   1079 O O   . HIS A 1 137 ? -13.95744 3.38559   1.11982   1.000 10.66000 ? 134 HIS A O   1 
ATOM   1080 C CB  . HIS A 1 137 ? -13.70253 5.84053   -0.63786  1.000 9.79000  ? 134 HIS A CB  1 
ATOM   1081 C CG  . HIS A 1 137 ? -13.43036 6.72423   -1.81237  1.000 10.77000 ? 134 HIS A CG  1 
ATOM   1082 N ND1 . HIS A 1 137 ? -14.23538 7.79975   -2.12789  1.000 20.13000 ? 134 HIS A ND1 1 
ATOM   1083 C CD2 . HIS A 1 137 ? -12.44847 6.70391   -2.74284  1.000 12.18000 ? 134 HIS A CD2 1 
ATOM   1084 C CE1 . HIS A 1 137 ? -13.76443 8.39770   -3.20695  1.000 19.48000 ? 134 HIS A CE1 1 
ATOM   1085 N NE2 . HIS A 1 137 ? -12.67749 7.75227   -3.59975  1.000 16.47000 ? 134 HIS A NE2 1 
ATOM   1086 N N   . GLY A 1 138 ? -11.90924 4.13391   1.67537   1.000 8.62000  ? 135 GLY A N   1 
ATOM   1087 C CA  . GLY A 1 138 ? -11.98138 3.58713   3.01226   1.000 12.58000 ? 135 GLY A CA  1 
ATOM   1088 C C   . GLY A 1 138 ? -11.52471 4.56006   4.07227   1.000 11.24000 ? 135 GLY A C   1 
ATOM   1089 O O   . GLY A 1 138 ? -10.81527 5.53438   3.78620   1.000 8.51000  ? 135 GLY A O   1 
ATOM   1090 N N   . TYR A 1 139 ? -11.92933 4.27124   5.30911   1.000 8.41000  ? 136 TYR A N   1 
ATOM   1091 C CA  . TYR A 1 139 ? -11.49493 5.00755   6.48742   1.000 8.68000  ? 136 TYR A CA  1 
ATOM   1092 C C   . TYR A 1 139 ? -11.32875 4.00601   7.58430   1.000 6.87000  ? 136 TYR A C   1 
ATOM   1093 O O   . TYR A 1 139 ? -12.26558 3.25205   7.84789   1.000 10.96000 ? 136 TYR A O   1 
ATOM   1094 C CB  . TYR A 1 139 ? -12.52494 6.05806   6.89985   1.000 13.36000 ? 136 TYR A CB  1 
ATOM   1095 C CG  . TYR A 1 139 ? -12.39152 6.48699   8.33968   1.000 17.45000 ? 136 TYR A CG  1 
ATOM   1096 C CD1 . TYR A 1 139 ? -11.44294 7.40877   8.71400   1.000 16.52000 ? 136 TYR A CD1 1 
ATOM   1097 C CD2 . TYR A 1 139 ? -13.21130 5.95324   9.33081   1.000 18.53000 ? 136 TYR A CD2 1 
ATOM   1098 C CE1 . TYR A 1 139 ? -11.30956 7.81617   10.03722  1.000 11.90000 ? 136 TYR A CE1 1 
ATOM   1099 C CE2 . TYR A 1 139 ? -13.08341 6.34536   10.65655  1.000 20.40000 ? 136 TYR A CE2 1 
ATOM   1100 C CZ  . TYR A 1 139 ? -12.12430 7.27962   10.99787  1.000 20.17000 ? 136 TYR A CZ  1 
ATOM   1101 O OH  . TYR A 1 139 ? -11.97291 7.69204   12.30001  1.000 27.95000 ? 136 TYR A OH  1 
ATOM   1102 N N   . PHE A 1 140 ? -10.16610 3.99469   8.23308   1.000 5.43000  ? 137 PHE A N   1 
ATOM   1103 C CA  . PHE A 1 140 ? -9.93506  3.09999   9.35820   1.000 7.61000  ? 137 PHE A CA  1 
ATOM   1104 C C   . PHE A 1 140 ? -9.43505  3.88651   10.55211  1.000 10.20000 ? 137 PHE A C   1 
ATOM   1105 O O   . PHE A 1 140 ? -8.44836  4.61501   10.44088  1.000 8.48000  ? 137 PHE A O   1 
ATOM   1106 C CB  . PHE A 1 140 ? -8.93421  2.00596   8.98885   1.000 9.18000  ? 137 PHE A CB  1 
ATOM   1107 C CG  . PHE A 1 140 ? -9.45106  1.05772   7.94098   1.000 8.63000  ? 137 PHE A CG  1 
ATOM   1108 C CD1 . PHE A 1 140 ? -9.38268  1.38350   6.59295   1.000 8.80000  ? 137 PHE A CD1 1 
ATOM   1109 C CD2 . PHE A 1 140 ? -10.03169 -0.15284  8.30248   1.000 7.95000  ? 137 PHE A CD2 1 
ATOM   1110 C CE1 . PHE A 1 140 ? -9.88263  0.50193   5.62191   1.000 9.18000  ? 137 PHE A CE1 1 
ATOM   1111 C CE2 . PHE A 1 140 ? -10.54353 -1.02066  7.33333   1.000 8.68000  ? 137 PHE A CE2 1 
ATOM   1112 C CZ  . PHE A 1 140 ? -10.47257 -0.68833  6.01259   1.000 7.92000  ? 137 PHE A CZ  1 
ATOM   1113 N N   . LYS A 1 141 ? -10.12293 3.73273   11.68024  1.000 8.66000  ? 138 LYS A N   1 
ATOM   1114 C CA  . LYS A 1 141 ? -9.70081  4.31144   12.94252  1.000 8.35000  ? 138 LYS A CA  1 
ATOM   1115 C C   . LYS A 1 141 ? -9.01159  3.24422   13.76777  1.000 7.99000  ? 138 LYS A C   1 
ATOM   1116 O O   . LYS A 1 141 ? -9.63010  2.22712   14.12325  1.000 9.71000  ? 138 LYS A O   1 
ATOM   1117 C CB  . LYS A 1 141 ? -10.90256 4.87714   13.70175  1.000 9.40000  ? 138 LYS A CB  1 
ATOM   1118 C CG  . LYS A 1 141 ? -10.52240 5.58639   14.99492  1.000 10.34000 ? 138 LYS A CG  1 
ATOM   1119 C CD  . LYS A 1 141 ? -11.73488 5.91536   15.85214  1.000 11.72000 ? 138 LYS A CD  1 
ATOM   1120 C CE  . LYS A 1 141 ? -12.80574 6.72189   15.13772  1.000 29.57000 ? 138 LYS A CE  1 
ATOM   1121 N NZ  . LYS A 1 141 ? -14.00890 6.90966   16.01894  1.000 28.60000 ? 138 LYS A NZ  1 
ATOM   1122 N N   . PHE A 1 142 ? -7.74091  3.48133   14.06412  1.000 7.99000  ? 139 PHE A N   1 
ATOM   1123 C CA  . PHE A 1 142 ? -6.89295  2.56485   14.81101  1.000 7.72000  ? 139 PHE A CA  1 
ATOM   1124 C C   . PHE A 1 142 ? -6.64880  3.01776   16.24075  1.000 9.87000  ? 139 PHE A C   1 
ATOM   1125 O O   . PHE A 1 142 ? -6.51874  4.21636   16.50481  1.000 10.53000 ? 139 PHE A O   1 
ATOM   1126 C CB  . PHE A 1 142 ? -5.52146  2.45282   14.13190  1.000 7.59000  ? 139 PHE A CB  1 
ATOM   1127 C CG  . PHE A 1 142 ? -5.44158  1.42563   13.05216  1.000 7.19000  ? 139 PHE A CG  1 
ATOM   1128 C CD1 . PHE A 1 142 ? -5.89500  1.69025   11.77534  1.000 7.79000  ? 139 PHE A CD1 1 
ATOM   1129 C CD2 . PHE A 1 142 ? -4.87077  0.19352   13.31062  1.000 10.38000 ? 139 PHE A CD2 1 
ATOM   1130 C CE1 . PHE A 1 142 ? -5.80071  0.73273   10.77410  1.000 8.92000  ? 139 PHE A CE1 1 
ATOM   1131 C CE2 . PHE A 1 142 ? -4.77397  -0.76986  12.31227  1.000 10.35000 ? 139 PHE A CE2 1 
ATOM   1132 C CZ  . PHE A 1 142 ? -5.23366  -0.49204  11.04068  1.000 8.92000  ? 139 PHE A CZ  1 
ATOM   1133 N N   . GLN A 1 143 ? -6.52016  2.05542   17.14077  1.000 8.73000  ? 140 GLN A N   1 
ATOM   1134 C CA  . GLN A 1 143 ? -5.91141  2.31332   18.43593  1.000 13.59000 ? 140 GLN A CA  1 
ATOM   1135 C C   . GLN A 1 143 ? -4.61916  1.52284   18.47070  1.000 13.57000 ? 140 GLN A C   1 
ATOM   1136 O O   . GLN A 1 143 ? -4.63136  0.29396   18.46721  1.000 16.32000 ? 140 GLN A O   1 
ATOM   1137 C CB  . GLN A 1 143 ? -6.84232  1.91762   19.58117  1.000 15.95000 ? 140 GLN A CB  1 
ATOM   1138 C CG  . GLN A 1 143 ? -6.27137  2.24428   20.97632  1.000 18.40000 ? 140 GLN A CG  1 
ATOM   1139 C CD  . GLN A 1 143 ? -7.12726  1.69759   22.10416  1.000 32.96000 ? 140 GLN A CD  1 
ATOM   1140 O OE1 . GLN A 1 143 ? -7.15670  0.48924   22.34796  1.000 35.03000 ? 140 GLN A OE1 1 
ATOM   1141 N NE2 . GLN A 1 143 ? -7.83906  2.58547   22.78981  1.000 40.79000 ? 140 GLN A NE2 1 
ATOM   1142 N N   . GLY A 1 144 ? -3.50038  2.23847   18.48344  1.000 11.45000 ? 141 GLY A N   1 
ATOM   1143 C CA  . GLY A 1 144 ? -2.20502  1.60746   18.31107  1.000 14.78000 ? 141 GLY A CA  1 
ATOM   1144 C C   . GLY A 1 144 ? -2.13285  1.01249   16.91863  1.000 12.58000 ? 141 GLY A C   1 
ATOM   1145 O O   . GLY A 1 144 ? -2.87440  1.43422   16.02087  1.000 15.99000 ? 141 GLY A O   1 
ATOM   1146 N N   . GLN A 1 145 ? -1.26536  0.03187   16.72055  1.000 13.71000 ? 142 GLN A N   1 
ATOM   1147 C CA  . GLN A 1 145 ? -1.09210  -0.49482  15.37053  1.000 13.76000 ? 142 GLN A CA  1 
ATOM   1148 C C   . GLN A 1 145 ? -1.82214  -1.80685  15.09517  1.000 13.37000 ? 142 GLN A C   1 
ATOM   1149 O O   . GLN A 1 145 ? -1.76533  -2.33026  13.98367  1.000 11.78000 ? 142 GLN A O   1 
ATOM   1150 C CB  . GLN A 1 145 ? 0.39814   -0.65179  15.07203  1.000 20.72000 ? 142 GLN A CB  1 
ATOM   1151 C CG  . GLN A 1 145 ? 1.13486   0.67285   15.09307  1.000 22.21000 ? 142 GLN A CG  1 
ATOM   1152 C CD  . GLN A 1 145 ? 2.61503   0.52595   14.82722  1.000 26.09000 ? 142 GLN A CD  1 
ATOM   1153 O OE1 . GLN A 1 145 ? 3.02277   0.07227   13.76014  1.000 34.49000 ? 142 GLN A OE1 1 
ATOM   1154 N NE2 . GLN A 1 145 ? 3.43197   0.92380   15.79778  1.000 42.58000 ? 142 GLN A NE2 1 
ATOM   1155 N N   . ASP A 1 146 ? -2.54377  -2.32764  16.08626  1.000 11.09000 ? 143 ASP A N   1 
ATOM   1156 C CA  . ASP A 1 146 ? -3.13377  -3.65317  15.96091  1.000 12.13000 ? 143 ASP A CA  1 
ATOM   1157 C C   . ASP A 1 146 ? -4.65053  -3.69341  15.99832  1.000 12.65000 ? 143 ASP A C   1 
ATOM   1158 O O   . ASP A 1 146 ? -5.24009  -4.69187  15.60025  1.000 17.50000 ? 143 ASP A O   1 
ATOM   1159 C CB  . ASP A 1 146 ? -2.59899  -4.56431  17.06573  1.000 15.94000 ? 143 ASP A CB  1 
ATOM   1160 C CG  . ASP A 1 146 ? -1.09872  -4.67020  17.05271  1.000 20.28000 ? 143 ASP A CG  1 
ATOM   1161 O OD1 . ASP A 1 146 ? -0.49940  -4.50815  15.97242  1.000 18.95000 ? 143 ASP A OD1 1 
ATOM   1162 O OD2 . ASP A 1 146 ? -0.51286  -4.92533  18.12341  1.000 33.80000 ? 143 ASP A OD2 1 
ATOM   1163 N N   . THR A 1 147 ? -5.27888  -2.61731  16.47102  1.000 10.05000 ? 144 THR A N   1 
ATOM   1164 C CA  . THR A 1 147 ? -6.71082  -2.64562  16.72970  1.000 9.39000  ? 144 THR A CA  1 
ATOM   1165 C C   . THR A 1 147 ? -7.44762  -1.64174  15.87285  1.000 9.11000  ? 144 THR A C   1 
ATOM   1166 O O   . THR A 1 147 ? -7.17189  -0.45304  15.94398  1.000 9.75000  ? 144 THR A O   1 
ATOM   1167 C CB  . THR A 1 147 ? -6.98749  -2.33967  18.19845  1.000 12.60000 ? 144 THR A CB  1 
ATOM   1168 O OG1 . THR A 1 147 ? -6.29420  -3.29487  19.00741  1.000 13.44000 ? 144 THR A OG1 1 
ATOM   1169 C CG2 . THR A 1 147 ? -8.47449  -2.35916  18.50113  1.000 12.11000 ? 144 THR A CG2 1 
ATOM   1170 N N   . ILE A 1 148 ? -8.39216  -2.13549  15.08128  1.000 8.88000  ? 145 ILE A N   1 
ATOM   1171 C CA  . ILE A 1 148 ? -9.31483  -1.29100  14.33831  1.000 8.24000  ? 145 ILE A CA  1 
ATOM   1172 C C   . ILE A 1 148 ? -10.53371 -1.03814  15.21325  1.000 8.67000  ? 145 ILE A C   1 
ATOM   1173 O O   . ILE A 1 148 ? -11.27271 -1.97668  15.54292  1.000 9.39000  ? 145 ILE A O   1 
ATOM   1174 C CB  . ILE A 1 148 ? -9.73086  -1.94627  13.01102  1.000 8.20000  ? 145 ILE A CB  1 
ATOM   1175 C CG1 . ILE A 1 148 ? -8.51519  -2.10842  12.09470  1.000 11.10000 ? 145 ILE A CG1 1 
ATOM   1176 C CG2 . ILE A 1 148 ? -10.79771 -1.10950  12.31876  1.000 9.43000  ? 145 ILE A CG2 1 
ATOM   1177 C CD1 . ILE A 1 148 ? -8.77683  -2.99044  10.89240  1.000 11.39000 ? 145 ILE A CD1 1 
ATOM   1178 N N   . LEU A 1 149 ? -10.71482 0.21673   15.60973  1.000 8.94000  ? 146 LEU A N   1 
ATOM   1179 C CA  . LEU A 1 149 ? -11.86407 0.60333   16.42699  1.000 9.16000  ? 146 LEU A CA  1 
ATOM   1180 C C   . LEU A 1 149 ? -13.13526 0.70502   15.60222  1.000 9.74000  ? 146 LEU A C   1 
ATOM   1181 O O   . LEU A 1 149 ? -14.19777 0.25902   16.04414  1.000 11.54000 ? 146 LEU A O   1 
ATOM   1182 C CB  . LEU A 1 149 ? -11.58587 1.93910   17.11590  1.000 9.26000  ? 146 LEU A CB  1 
ATOM   1183 C CG  . LEU A 1 149 ? -10.38944 1.95862   18.05421  1.000 8.66000  ? 146 LEU A CG  1 
ATOM   1184 C CD1 . LEU A 1 149 ? -10.21500 3.36475   18.61242  1.000 14.06000 ? 146 LEU A CD1 1 
ATOM   1185 C CD2 . LEU A 1 149 ? -10.62995 0.97448   19.17819  1.000 13.56000 ? 146 LEU A CD2 1 
ATOM   1186 N N   . ASP A 1 150 ? -13.03240 1.31900   14.41838  1.000 9.06000  ? 147 ASP A N   1 
ATOM   1187 C CA  . ASP A 1 150 ? -14.17265 1.59560   13.53692  1.000 11.43000 ? 147 ASP A CA  1 
ATOM   1188 C C   . ASP A 1 150 ? -13.63985 1.71199   12.11647  1.000 8.86000  ? 147 ASP A C   1 
ATOM   1189 O O   . ASP A 1 150 ? -12.46201 2.02404   11.91784  1.000 9.30000  ? 147 ASP A O   1 
ATOM   1190 C CB  . ASP A 1 150 ? -14.89690 2.90179   13.90449  1.000 15.35000 ? 147 ASP A CB  1 
ATOM   1191 C CG  . ASP A 1 150 ? -15.32472 2.95821   15.35407  1.000 22.79000 ? 147 ASP A CG  1 
ATOM   1192 O OD1 . ASP A 1 150 ? -14.53124 3.46245   16.17560  1.000 24.04000 ? 147 ASP A OD1 1 
ATOM   1193 O OD2 . ASP A 1 150 ? -16.45031 2.50747   15.66447  1.000 20.86000 ? 147 ASP A OD2 1 
ATOM   1194 N N   . TYR A 1 151 ? -14.49191 1.48341   11.13066  1.000 9.16000  ? 148 TYR A N   1 
ATOM   1195 C CA  . TYR A 1 151 ? -14.06316 1.65079   9.75398   1.000 8.62000  ? 148 TYR A CA  1 
ATOM   1196 C C   . TYR A 1 151 ? -15.24514 1.82101   8.84857   1.000 11.22000 ? 148 TYR A C   1 
ATOM   1197 O O   . TYR A 1 151 ? -16.36793 1.42172   9.18368   1.000 13.15000 ? 148 TYR A O   1 
ATOM   1198 C CB  . TYR A 1 151 ? -13.21908 0.45332   9.27856   1.000 8.78000  ? 148 TYR A CB  1 
ATOM   1199 C CG  . TYR A 1 151 ? -14.04384 -0.72060  8.83968   1.000 12.11000 ? 148 TYR A CG  1 
ATOM   1200 C CD1 . TYR A 1 151 ? -14.57744 -1.60234  9.76342   1.000 14.75000 ? 148 TYR A CD1 1 
ATOM   1201 C CD2 . TYR A 1 151 ? -14.30080 -0.93879  7.49963   1.000 12.82000 ? 148 TYR A CD2 1 
ATOM   1202 C CE1 . TYR A 1 151 ? -15.34627 -2.67441  9.35979   1.000 19.76000 ? 148 TYR A CE1 1 
ATOM   1203 C CE2 . TYR A 1 151 ? -15.06710 -2.00583  7.08598   1.000 14.90000 ? 148 TYR A CE2 1 
ATOM   1204 C CZ  . TYR A 1 151 ? -15.58384 -2.86908  8.01766   1.000 17.00000 ? 148 TYR A CZ  1 
ATOM   1205 O OH  . TYR A 1 151 ? -16.34605 -3.93208  7.59031   1.000 23.51000 ? 148 TYR A OH  1 
ATOM   1206 N N   . THR A 1 152 ? -14.98950 2.42288   7.69748   1.000 11.17000 ? 149 THR A N   1 
ATOM   1207 C CA  . THR A 1 152 ? -15.93893 2.39229   6.59326   1.000 10.22000 ? 149 THR A CA  1 
ATOM   1208 C C   . THR A 1 152 ? -15.18546 2.01252   5.33759   1.000 10.42000 ? 149 THR A C   1 
ATOM   1209 O O   . THR A 1 152 ? -14.00251 2.32037   5.19106   1.000 10.11000 ? 149 THR A O   1 
ATOM   1210 C CB  . THR A 1 152 ? -16.65812 3.74889   6.37448   1.000 12.74000 ? 149 THR A CB  1 
ATOM   1211 O OG1 . THR A 1 152 ? -15.69956 4.75879   6.05503   1.000 15.70000 ? 149 THR A OG1 1 
ATOM   1212 C CG2 . THR A 1 152 ? -17.44361 4.16468   7.61895   1.000 15.91000 ? 149 THR A CG2 1 
ATOM   1213 N N   . LEU A 1 153 ? -15.87058 1.34963   4.42399   1.000 10.85000 ? 150 LEU A N   1 
ATOM   1214 C CA  . LEU A 1 153 ? -15.26262 0.95856   3.17279   1.000 11.50000 ? 150 LEU A CA  1 
ATOM   1215 C C   . LEU A 1 153 ? -16.35754 0.78686   2.14212   1.000 15.40000 ? 150 LEU A C   1 
ATOM   1216 O O   . LEU A 1 153 ? -17.32830 0.05173   2.36166   1.000 15.57000 ? 150 LEU A O   1 
ATOM   1217 C CB  . LEU A 1 153 ? -14.45685 -0.32604  3.34794   1.000 12.60000 ? 150 LEU A CB  1 
ATOM   1218 C CG  . LEU A 1 153 ? -13.69845 -0.86330  2.14313   1.000 11.28000 ? 150 LEU A CG  1 
ATOM   1219 C CD1 . LEU A 1 153 ? -12.62864 0.13158   1.73927   1.000 10.97000 ? 150 LEU A CD1 1 
ATOM   1220 C CD2 . LEU A 1 153 ? -13.08082 -2.21436  2.50691   1.000 12.10000 ? 150 LEU A CD2 1 
ATOM   1221 N N   . ARG A 1 154 ? -16.22214 1.48911   1.03032   1.000 11.32000 ? 151 ARG A N   1 
ATOM   1222 C CA  . ARG A 1 154 ? -17.20649 1.36896   -0.03679  1.000 14.51000 ? 151 ARG A CA  1 
ATOM   1223 C C   . ARG A 1 154 ? -16.53001 1.35921   -1.39652  1.000 11.98000 ? 151 ARG A C   1 
ATOM   1224 O O   . ARG A 1 154 ? -15.48241 1.98880   -1.60243  1.000 13.30000 ? 151 ARG A O   1 
ATOM   1225 C CB  . ARG A 1 154 ? -18.23148 2.49974   0.03465   1.000 19.00000 ? 151 ARG A CB  1 
ATOM   1226 C CG  . ARG A 1 154 ? -17.71121 3.85684   -0.36686  1.000 20.40000 ? 151 ARG A CG  1 
ATOM   1227 C CD  . ARG A 1 154 ? -18.83872 4.87288   -0.46850  1.000 33.44000 ? 151 ARG A CD  1 
ATOM   1228 N NE  . ARG A 1 154 ? -18.32828 6.19070   -0.83449  1.000 35.42000 ? 151 ARG A NE  1 
ATOM   1229 C CZ  . ARG A 1 154 ? -18.54178 6.77956   -2.00729  1.000 36.80000 ? 151 ARG A CZ  1 
ATOM   1230 N NH1 . ARG A 1 154 ? -19.26725 6.17175   -2.93742  1.000 30.57000 ? 151 ARG A NH1 1 
ATOM   1231 N NH2 . ARG A 1 154 ? -18.03003 7.98043   -2.24711  1.000 41.90000 ? 151 ARG A NH2 1 
ATOM   1232 N N   . GLU A 1 155 ? -17.11979 0.61794   -2.32432  1.000 12.74000 ? 152 GLU A N   1 
ATOM   1233 C CA  . GLU A 1 155 ? -16.64432 0.61223   -3.69390  1.000 12.49000 ? 152 GLU A CA  1 
ATOM   1234 C C   . GLU A 1 155 ? -17.09628 1.86465   -4.40086  1.000 11.43000 ? 152 GLU A C   1 
ATOM   1235 O O   . GLU A 1 155 ? -18.17543 2.39622   -4.11588  1.000 15.92000 ? 152 GLU A O   1 
ATOM   1236 C CB  . GLU A 1 155 ? -17.13960 -0.62744  -4.44122  1.000 15.61000 ? 152 GLU A CB  1 
ATOM   1237 C CG  . GLU A 1 155 ? -16.63186 -1.91379  -3.84019  1.000 18.43000 ? 152 GLU A CG  1 
ATOM   1238 C CD  . GLU A 1 155 ? -17.03489 -3.13237  -4.64725  1.000 21.46000 ? 152 GLU A CD  1 
ATOM   1239 O OE1 . GLU A 1 155 ? -17.46909 -2.96874  -5.80294  1.000 24.39000 ? 152 GLU A OE1 1 
ATOM   1240 O OE2 . GLU A 1 155 ? -16.91726 -4.25233  -4.11772  1.000 26.86000 ? 152 GLU A OE2 1 
ATOM   1241 N N   . VAL A 1 156 ? -16.25743 2.34956   -5.30724  1.000 10.46000 ? 153 VAL A N   1 
ATOM   1242 C CA  . VAL A 1 156 ? -16.57034 3.54700   -6.08546  1.000 9.99000  ? 153 VAL A CA  1 
ATOM   1243 C C   . VAL A 1 156 ? -16.26523 3.31415   -7.56368  1.000 14.69000 ? 153 VAL A C   1 
ATOM   1244 O O   . VAL A 1 156 ? -15.50370 2.40788   -7.91776  1.000 13.82000 ? 153 VAL A O   1 
ATOM   1245 C CB  . VAL A 1 156 ? -15.76572 4.77694   -5.59782  1.000 12.04000 ? 153 VAL A CB  1 
ATOM   1246 C CG1 . VAL A 1 156 ? -16.12578 5.12617   -4.15421  1.000 14.27000 ? 153 VAL A CG1 1 
ATOM   1247 C CG2 . VAL A 1 156 ? -14.27526 4.52162   -5.72457  1.000 13.23000 ? 153 VAL A CG2 1 
ATOM   1248 N N   . ASP A 1 157 ? -16.85397 4.12812   -8.43299  1.000 16.06000 ? 154 ASP A N   1 
ATOM   1249 C CA  . ASP A 1 157 ? -16.49394 4.07932   -9.84338  1.000 16.94000 ? 154 ASP A CA  1 
ATOM   1250 C C   . ASP A 1 157 ? -15.30673 4.98775   -10.12954 1.000 12.38000 ? 154 ASP A C   1 
ATOM   1251 O O   . ASP A 1 157 ? -14.50776 4.71777   -11.02999 1.000 18.87000 ? 154 ASP A O   1 
ATOM   1252 C CB  . ASP A 1 157 ? -17.68040 4.47659   -10.72134 1.000 15.91000 ? 154 ASP A CB  1 
ATOM   1253 C CG  . ASP A 1 157 ? -18.79187 3.45918   -10.68848 1.000 20.90000 ? 154 ASP A CG  1 
ATOM   1254 O OD1 . ASP A 1 157 ? -18.50547 2.26355   -10.47245 1.000 28.85000 ? 154 ASP A OD1 1 
ATOM   1255 O OD2 . ASP A 1 157 ? -19.95434 3.85629   -10.89106 1.000 32.02000 ? 154 ASP A OD2 1 
ATOM   1256 N N   . THR A 1 158 ? -15.19154 6.05814   -9.34458  1.000 15.04000 ? 155 THR A N   1 
ATOM   1257 C CA  . THR A 1 158 ? -14.11245 7.02667   -9.49538  1.000 14.35000 ? 155 THR A CA  1 
ATOM   1258 C C   . THR A 1 158 ? -13.35113 7.16674   -8.18538  1.000 12.59000 ? 155 THR A C   1 
ATOM   1259 O O   . THR A 1 158 ? -13.94695 7.46523   -7.15181  1.000 15.88000 ? 155 THR A O   1 
ATOM   1260 C CB  . THR A 1 158 ? -14.64757 8.41388   -9.90722  1.000 21.96000 ? 155 THR A CB  1 
ATOM   1261 O OG1 . THR A 1 158 ? -15.57478 8.26731   -10.98730 1.000 25.79000 ? 155 THR A OG1 1 
ATOM   1262 C CG2 . THR A 1 158 ? -13.51591 9.31172   -10.33671 1.000 23.42000 ? 155 THR A CG2 1 
ATOM   1263 N N   . VAL A 1 159 ? -12.03734 6.96222   -8.21693  1.000 13.57000 ? 156 VAL A N   1 
ATOM   1264 C CA  . VAL A 1 159 ? -11.26008 7.13383   -6.99530  1.000 15.42000 ? 156 VAL A CA  1 
ATOM   1265 C C   . VAL A 1 159 ? -11.13996 8.61740   -6.65635  1.000 20.72000 ? 156 VAL A C   1 
ATOM   1266 O O   . VAL A 1 159 ? -11.37015 9.03011   -5.51342  1.000 20.99000 ? 156 VAL A O   1 
ATOM   1267 C CB  . VAL A 1 159 ? -9.85862  6.50623   -7.10540  1.000 15.80000 ? 156 VAL A CB  1 
ATOM   1268 C CG1 . VAL A 1 159 ? -9.05581  6.78200   -5.83327  1.000 19.98000 ? 156 VAL A CG1 1 
ATOM   1269 C CG2 . VAL A 1 159 ? -9.97081  5.00907   -7.36769  1.000 19.60000 ? 156 VAL A CG2 1 
ATOM   1270 O OXT . VAL A 1 159 ? -10.82706 9.44078   -7.52700  1.000 18.71000 ? 156 VAL A OXT 1 
HETATM 1271 C C01 . 8JF B 2 .   ? -1.79789  2.47585   8.25264   1.000 12.70000 ? 201 8JF A C01 1 
HETATM 1272 C C02 . 8JF B 2 .   ? -2.65881  1.41282   8.37348   1.000 8.35000  ? 201 8JF A C02 1 
HETATM 1273 N N03 . 8JF B 2 .   ? -2.72121  0.37272   7.51882   1.000 8.54000  ? 201 8JF A N03 1 
HETATM 1274 C C04 . 8JF B 2 .   ? -1.89295  0.34970   6.46751   1.000 8.20000  ? 201 8JF A C04 1 
HETATM 1275 C C05 . 8JF B 2 .   ? -0.96599  1.38744   6.23928   1.000 10.24000 ? 201 8JF A C05 1 
HETATM 1276 C C06 . 8JF B 2 .   ? -0.93871  2.45812   7.16368   1.000 10.93000 ? 201 8JF A C06 1 
HETATM 1277 C C07 . 8JF B 2 .   ? -1.95048  -0.71239  5.58548   1.000 9.91000  ? 201 8JF A C07 1 
HETATM 1278 C C08 . 8JF B 2 .   ? -1.09028  -0.74512  4.49984   1.000 11.35000 ? 201 8JF A C08 1 
HETATM 1279 N N09 . 8JF B 2 .   ? -0.18815  0.24615   4.26201   1.000 12.68000 ? 201 8JF A N09 1 
HETATM 1280 C C10 . 8JF B 2 .   ? -0.12218  1.30041   5.11389   1.000 13.57000 ? 201 8JF A C10 1 
HETATM 1281 C C11 . 8JF B 2 .   ? 0.85128   2.35719   4.74984   1.000 17.62000 ? 201 8JF A C11 1 
HETATM 1282 N N12 . 8JF B 2 .   ? -1.21019  -1.86357  3.64128   1.000 9.82000  ? 201 8JF A N12 1 
HETATM 1283 C C13 . 8JF B 2 .   ? 2.04567   2.68017   5.44449   1.000 27.23000 ? 201 8JF A C13 1 
HETATM 1284 C C14 . 8JF B 2 .   ? 2.85676   3.73875   4.96664   1.000 21.89000 ? 201 8JF A C14 1 
HETATM 1285 C C15 . 8JF B 2 .   ? 2.48011   4.47446   3.82702   1.000 17.80000 ? 201 8JF A C15 1 
HETATM 1286 C C16 . 8JF B 2 .   ? 1.30575   4.17157   3.15290   1.000 15.56000 ? 201 8JF A C16 1 
HETATM 1287 C C17 . 8JF B 2 .   ? 0.50263   3.12971   3.61859   1.000 14.62000 ? 201 8JF A C17 1 
HETATM 1288 C C18 . 8JF B 2 .   ? 4.13756   4.11248   5.65846   1.000 25.84000 ? 201 8JF A C18 1 
HETATM 1289 C C19 . 8JF B 2 .   ? 2.48189   1.90929   6.66858   1.000 22.67000 ? 201 8JF A C19 1 
HETATM 1290 C C20 . 8JF B 2 .   ? -0.21095  -2.31583  2.78971   1.000 9.35000  ? 201 8JF A C20 1 
HETATM 1291 C C21 . 8JF B 2 .   ? -0.62342  -3.50952  1.97179   1.000 9.58000  ? 201 8JF A C21 1 
HETATM 1292 O O22 . 8JF B 2 .   ? 0.90988   -1.82738  2.69346   1.000 10.75000 ? 201 8JF A O22 1 
HETATM 1293 O O   . HOH C 3 .   ? 3.61097   18.97945  6.14046   1.000 47.68000 ? 301 HOH A O   1 
HETATM 1294 O O   . HOH C 3 .   ? -17.17948 -6.26886  -5.29043  1.000 19.89000 ? 302 HOH A O   1 
HETATM 1295 O O   . HOH C 3 .   ? -7.46129  -12.33202 7.14085   1.000 42.33000 ? 303 HOH A O   1 
HETATM 1296 O O   . HOH C 3 .   ? 5.87421   15.48961  -9.91247  1.000 21.78000 ? 304 HOH A O   1 
HETATM 1297 O O   . HOH C 3 .   ? -1.91604  -17.37215 -7.30285  1.000 32.25000 ? 305 HOH A O   1 
HETATM 1298 O O   . HOH C 3 .   ? 10.94093  -8.08039  -13.91310 1.000 38.13000 ? 306 HOH A O   1 
HETATM 1299 O O   . HOH C 3 .   ? -0.43102  -1.94937  -15.09017 1.000 29.42000 ? 307 HOH A O   1 
HETATM 1300 O O   . HOH C 3 .   ? -17.61849 -1.58012  -7.91393  1.000 25.58000 ? 308 HOH A O   1 
HETATM 1301 O O   . HOH C 3 .   ? -4.28798  14.99651  2.14759   1.000 32.06000 ? 309 HOH A O   1 
HETATM 1302 O O   . HOH C 3 .   ? 2.85449   0.03949   3.90619   1.000 21.17000 ? 310 HOH A O   1 
HETATM 1303 O O   . HOH C 3 .   ? 7.39283   10.05081  -12.56797 1.000 33.75000 ? 311 HOH A O   1 
HETATM 1304 O O   . HOH C 3 .   ? 8.77682   1.04302   -19.97156 1.000 29.69000 ? 312 HOH A O   1 
HETATM 1305 O O   . HOH C 3 .   ? 2.97731   -17.85920 -2.13894  1.000 21.24000 ? 313 HOH A O   1 
HETATM 1306 O O   . HOH C 3 .   ? 18.65824  1.75280   1.56261   1.000 21.17000 ? 314 HOH A O   1 
HETATM 1307 O O   . HOH C 3 .   ? -3.25793  5.23038   18.55941  1.000 21.13000 ? 315 HOH A O   1 
HETATM 1308 O O   . HOH C 3 .   ? -3.22263  -1.84051  18.96941  1.000 20.81000 ? 316 HOH A O   1 
HETATM 1309 O O   . HOH C 3 .   ? 6.41723   -16.00209 -8.04421  1.000 32.49000 ? 317 HOH A O   1 
HETATM 1310 O O   . HOH C 3 .   ? 14.26299  8.86939   -5.31335  1.000 31.18000 ? 318 HOH A O   1 
HETATM 1311 O O   . HOH C 3 .   ? 0.39157   -4.50664  5.51684   1.000 10.18000 ? 319 HOH A O   1 
HETATM 1312 O O   . HOH C 3 .   ? -4.32697  -7.04404  14.91134  1.000 26.58000 ? 320 HOH A O   1 
HETATM 1313 O O   . HOH C 3 .   ? 9.04411   12.36666  -8.22905  1.000 29.08000 ? 321 HOH A O   1 
HETATM 1314 O O   . HOH C 3 .   ? -15.86913 8.63945   -5.80447  1.000 22.35000 ? 322 HOH A O   1 
HETATM 1315 O O   . HOH C 3 .   ? 2.99928   -1.95270  12.08595  1.000 34.53000 ? 323 HOH A O   1 
HETATM 1316 O O   . HOH C 3 .   ? 3.55405   -4.18521  -4.23387  1.000 14.36000 ? 324 HOH A O   1 
HETATM 1317 O O   . HOH C 3 .   ? 14.51974  -2.53681  -1.28641  1.000 19.00000 ? 325 HOH A O   1 
HETATM 1318 O O   . HOH C 3 .   ? 13.37583  -13.82723 1.83459   1.000 26.11000 ? 326 HOH A O   1 
HETATM 1319 O O   . HOH C 3 .   ? 0.96520   11.46138  8.79145   1.000 19.18000 ? 327 HOH A O   1 
HETATM 1320 O O   . HOH C 3 .   ? -18.13344 -1.71667  4.19766   1.000 33.54000 ? 328 HOH A O   1 
HETATM 1321 O O   . HOH C 3 .   ? 2.40268   -16.86318 2.60306   1.000 29.01000 ? 329 HOH A O   1 
HETATM 1322 O O   . HOH C 3 .   ? -16.05493 7.41872   6.33850   1.000 36.18000 ? 330 HOH A O   1 
HETATM 1323 O O   . HOH C 3 .   ? -12.70388 7.39712   18.33689  1.000 34.32000 ? 331 HOH A O   1 
HETATM 1324 O O   . HOH C 3 .   ? -9.93617  9.16972   -10.07374 1.000 23.70000 ? 332 HOH A O   1 
HETATM 1325 O O   . HOH C 3 .   ? 8.71186   9.98078   0.83317   1.000 31.64000 ? 333 HOH A O   1 
HETATM 1326 O O   . HOH C 3 .   ? 10.38352  19.53134  -3.20419  1.000 29.41000 ? 334 HOH A O   1 
HETATM 1327 O O   . HOH C 3 .   ? 4.60913   9.18110   -2.20960  1.000 16.59000 ? 335 HOH A O   1 
HETATM 1328 O O   . HOH C 3 .   ? -16.52078 8.18037   0.01884   1.000 32.36000 ? 336 HOH A O   1 
HETATM 1329 O O   . HOH C 3 .   ? 13.95794  -9.73832  -1.56798  1.000 28.35000 ? 337 HOH A O   1 
HETATM 1330 O O   . HOH C 3 .   ? -20.03925 0.42765   2.31221   1.000 32.93000 ? 338 HOH A O   1 
HETATM 1331 O O   . HOH C 3 .   ? 20.34588  -7.23464  -0.27149  1.000 24.51000 ? 339 HOH A O   1 
HETATM 1332 O O   . HOH C 3 .   ? 15.82809  -3.70038  -9.96486  1.000 26.62000 ? 340 HOH A O   1 
HETATM 1333 O O   . HOH C 3 .   ? 3.05725   9.90041   -13.58007 1.000 36.78000 ? 341 HOH A O   1 
HETATM 1334 O O   . HOH C 3 .   ? 8.53270   9.78351   -9.96344  1.000 22.23000 ? 342 HOH A O   1 
HETATM 1335 O O   . HOH C 3 .   ? -15.11990 -0.25702  -8.50457  1.000 17.07000 ? 343 HOH A O   1 
HETATM 1336 O O   . HOH C 3 .   ? 18.20801  -8.29217  6.55646   1.000 28.52000 ? 344 HOH A O   1 
HETATM 1337 O O   . HOH C 3 .   ? -4.24190  -15.80786 2.52510   1.000 27.76000 ? 345 HOH A O   1 
HETATM 1338 O O   . HOH C 3 .   ? 10.47961  21.93293  -1.71772  1.000 16.00000 ? 346 HOH A O   1 
HETATM 1339 O O   . HOH C 3 .   ? 9.87737   -6.76274  -16.70242 1.000 39.10000 ? 347 HOH A O   1 
HETATM 1340 O O   . HOH C 3 .   ? 2.07905   12.96637  -12.68071 1.000 29.94000 ? 348 HOH A O   1 
HETATM 1341 O O   . HOH C 3 .   ? -0.29938  10.33932  11.00306  1.000 26.29000 ? 349 HOH A O   1 
HETATM 1342 O O   . HOH C 3 .   ? -5.32747  8.92089   -6.33071  1.000 23.74000 ? 350 HOH A O   1 
HETATM 1343 O O   . HOH C 3 .   ? 3.27756   14.05603  2.42250   1.000 18.43000 ? 351 HOH A O   1 
HETATM 1344 O O   . HOH C 3 .   ? -6.30297  -6.05726  18.75202  1.000 25.16000 ? 352 HOH A O   1 
HETATM 1345 O O   . HOH C 3 .   ? -2.55477  -10.53289 12.99211  1.000 37.92000 ? 353 HOH A O   1 
HETATM 1346 O O   . HOH C 3 .   ? -4.50224  -8.07506  7.32597   1.000 11.11000 ? 354 HOH A O   1 
HETATM 1347 O O   . HOH C 3 .   ? -8.15393  -7.83693  10.01236  1.000 22.11000 ? 355 HOH A O   1 
HETATM 1348 O O   . HOH C 3 .   ? -4.42576  10.15684  13.22042  1.000 10.65000 ? 356 HOH A O   1 
HETATM 1349 O O   . HOH C 3 .   ? 17.33130  -7.60424  -7.81997  1.000 36.30000 ? 357 HOH A O   1 
HETATM 1350 O O   . HOH C 3 .   ? -16.52970 -1.15049  15.37984  1.000 26.48000 ? 358 HOH A O   1 
HETATM 1351 O O   . HOH C 3 .   ? -18.33035 8.21861   -10.42502 1.000 31.61000 ? 359 HOH A O   1 
HETATM 1352 O O   . HOH C 3 .   ? 2.26052   -3.93226  16.05007  1.000 36.44000 ? 360 HOH A O   1 
HETATM 1353 O O   . HOH C 3 .   ? 9.10054   2.93899   -10.08252 1.000 14.52000 ? 361 HOH A O   1 
HETATM 1354 O O   . HOH C 3 .   ? -3.38232  -8.31242  10.83526  1.000 26.67000 ? 362 HOH A O   1 
HETATM 1355 O O   . HOH C 3 .   ? -19.10437 -3.88737  -8.94401  1.000 35.70000 ? 363 HOH A O   1 
HETATM 1356 O O   . HOH C 3 .   ? -8.44423  -2.44240  -8.30315  1.000 25.15000 ? 364 HOH A O   1 
HETATM 1357 O O   . HOH C 3 .   ? 18.63574  3.54522   4.40205   1.000 31.42000 ? 365 HOH A O   1 
HETATM 1358 O O   . HOH C 3 .   ? 7.17495   2.27507   3.63347   1.000 21.50000 ? 366 HOH A O   1 
HETATM 1359 O O   . HOH C 3 .   ? 1.39393   -14.11386 -12.24921 1.000 22.32000 ? 367 HOH A O   1 
HETATM 1360 O O   . HOH C 3 .   ? -1.26036  14.97018  -7.59994  1.000 25.72000 ? 368 HOH A O   1 
HETATM 1361 O O   . HOH C 3 .   ? 4.63999   -13.83678 7.24152   1.000 27.40000 ? 369 HOH A O   1 
HETATM 1362 O O   . HOH C 3 .   ? 13.32537  -9.35416  6.90551   1.000 21.28000 ? 370 HOH A O   1 
HETATM 1363 O O   . HOH C 3 .   ? -5.20837  6.37868   -6.04350  1.000 20.15000 ? 371 HOH A O   1 
HETATM 1364 O O   . HOH C 3 .   ? -15.38614 4.88774   3.14442   1.000 19.35000 ? 372 HOH A O   1 
HETATM 1365 O O   . HOH C 3 .   ? -3.31507  -18.55026 -5.39889  1.000 31.92000 ? 373 HOH A O   1 
HETATM 1366 O O   . HOH C 3 .   ? -0.47498  5.13766   17.72432  1.000 31.49000 ? 374 HOH A O   1 
HETATM 1367 O O   . HOH C 3 .   ? 0.56074   5.19501   -15.98050 1.000 40.41000 ? 375 HOH A O   1 
HETATM 1368 O O   . HOH C 3 .   ? -6.36903  -13.66731 -0.64038  1.000 29.78000 ? 376 HOH A O   1 
HETATM 1369 O O   . HOH C 3 .   ? -11.07344 -11.16037 -3.91216  1.000 21.62000 ? 377 HOH A O   1 
HETATM 1370 O O   . HOH C 3 .   ? 5.73324   -17.04583 -1.26845  1.000 34.02000 ? 378 HOH A O   1 
HETATM 1371 O O   . HOH C 3 .   ? 0.59440   -8.15800  12.13338  1.000 28.10000 ? 379 HOH A O   1 
HETATM 1372 O O   . HOH C 3 .   ? -2.99546  -8.23383  -12.63404 1.000 30.41000 ? 380 HOH A O   1 
HETATM 1373 O O   . HOH C 3 .   ? 18.18951  -8.19905  -3.80041  1.000 26.93000 ? 381 HOH A O   1 
HETATM 1374 O O   . HOH C 3 .   ? 7.69118   8.49115   3.64066   1.000 21.44000 ? 382 HOH A O   1 
HETATM 1375 O O   . HOH C 3 .   ? -11.67814 7.71302   2.00752   1.000 30.87000 ? 383 HOH A O   1 
HETATM 1376 O O   . HOH C 3 .   ? 0.44060   -0.91579  18.93403  1.000 24.02000 ? 384 HOH A O   1 
HETATM 1377 O O   . HOH C 3 .   ? 11.89793  9.24123   0.40137   1.000 33.78000 ? 385 HOH A O   1 
HETATM 1378 O O   . HOH C 3 .   ? -19.58303 -0.86108  -1.63102  1.000 17.88000 ? 386 HOH A O   1 
HETATM 1379 O O   . HOH C 3 .   ? 8.99736   17.54413  0.39220   1.000 21.24000 ? 387 HOH A O   1 
HETATM 1380 O O   . HOH C 3 .   ? -1.14558  12.39520  -9.64090  1.000 18.84000 ? 388 HOH A O   1 
HETATM 1381 O O   . HOH C 3 .   ? -10.54144 6.27618   -10.77246 1.000 21.61000 ? 389 HOH A O   1 
HETATM 1382 O O   . HOH C 3 .   ? -1.44410  -15.05257 7.26546   1.000 25.81000 ? 390 HOH A O   1 
HETATM 1383 O O   . HOH C 3 .   ? -9.27260  -11.20511 3.54501   1.000 37.86000 ? 391 HOH A O   1 
HETATM 1384 O O   . HOH C 3 .   ? 13.38401  -5.90697  -16.59695 1.000 31.38000 ? 392 HOH A O   1 
HETATM 1385 O O   . HOH C 3 .   ? -3.36666  6.61104   -12.61176 1.000 38.49000 ? 393 HOH A O   1 
HETATM 1386 O O   . HOH C 3 .   ? 5.21331   1.19646   2.49979   1.000 26.55000 ? 394 HOH A O   1 
HETATM 1387 O O   . HOH C 3 .   ? -18.57527 0.56227   5.52779   1.000 23.13000 ? 395 HOH A O   1 
HETATM 1388 O O   . HOH C 3 .   ? -8.43205  13.67586  -2.06820  1.000 39.05000 ? 396 HOH A O   1 
HETATM 1389 O O   . HOH C 3 .   ? 0.20631   12.95839  14.11497  1.000 21.45000 ? 397 HOH A O   1 
HETATM 1390 O O   . HOH C 3 .   ? 4.47070   7.92477   8.71607   1.000 35.57000 ? 398 HOH A O   1 
HETATM 1391 O O   . HOH C 3 .   ? 7.56211   5.00704   4.01917   1.000 29.72000 ? 399 HOH A O   1 
HETATM 1392 O O   . HOH C 3 .   ? -2.55352  -4.64430  -11.40308 1.000 30.12000 ? 400 HOH A O   1 
HETATM 1393 O O   . HOH C 3 .   ? -15.68533 -3.43717  -12.00871 1.000 32.64000 ? 401 HOH A O   1 
HETATM 1394 O O   . HOH C 3 .   ? -16.67406 -0.40910  12.22134  1.000 27.25000 ? 402 HOH A O   1 
HETATM 1395 O O   . HOH C 3 .   ? -11.85658 -13.98422 -7.40070  1.000 27.83000 ? 403 HOH A O   1 
HETATM 1396 O O   . HOH C 3 .   ? -20.83703 7.89304   -0.11252  1.000 36.09000 ? 404 HOH A O   1 
HETATM 1397 O O   . HOH C 3 .   ? -2.95668  9.19938   -11.09965 1.000 39.10000 ? 405 HOH A O   1 
HETATM 1398 O O   . HOH C 3 .   ? 11.57398  17.26272  -2.43851  1.000 31.72000 ? 406 HOH A O   1 
HETATM 1399 O O   . HOH C 3 .   ? -4.56938  -10.45369 -10.19077 1.000 29.79000 ? 407 HOH A O   1 
HETATM 1400 O O   . HOH C 3 .   ? -13.47509 -4.38912  -12.66391 1.000 30.39000 ? 408 HOH A O   1 
HETATM 1401 O O   . HOH C 3 .   ? 15.30759  -0.83649  -3.10901  1.000 29.72000 ? 409 HOH A O   1 
HETATM 1402 O O   . HOH C 3 .   ? -2.75352  -3.33476  -13.61682 1.000 37.91000 ? 410 HOH A O   1 
HETATM 1403 O O   . HOH C 3 .   ? -7.17902  -3.22330  22.06078  1.000 28.65000 ? 411 HOH A O   1 
HETATM 1404 O O   . HOH C 3 .   ? 5.19502   -16.92071 -4.88201  1.000 36.23000 ? 412 HOH A O   1 
HETATM 1405 O O   . HOH C 3 .   ? -18.88043 0.78687   -7.67192  1.000 36.83000 ? 413 HOH A O   1 
HETATM 1406 O O   . HOH C 3 .   ? -7.79724  10.46261  -7.12161  1.000 32.49000 ? 414 HOH A O   1 
HETATM 1407 O O   . HOH C 3 .   ? 16.21239  1.36500   0.30689   1.000 31.60000 ? 415 HOH A O   1 
HETATM 1408 O O   . HOH C 3 .   ? -15.76830 1.31698   -12.40920 1.000 32.73000 ? 416 HOH A O   1 
HETATM 1409 O O   . HOH C 3 .   ? 9.84014   -8.97883  -11.79673 1.000 34.12000 ? 417 HOH A O   1 
HETATM 1410 O O   . HOH C 3 .   ? 6.34716   7.20908   5.08216   1.000 37.83000 ? 418 HOH A O   1 
HETATM 1411 O O   . HOH C 3 .   ? -14.95604 -1.27618  -11.27896 1.000 35.44000 ? 419 HOH A O   1 
HETATM 1412 O O   . HOH C 3 .   ? -12.15599 11.97430  10.82768  1.000 29.76000 ? 420 HOH A O   1 
HETATM 1413 O O   . HOH C 3 .   ? -8.21288  -11.60461 0.13447   1.000 35.59000 ? 421 HOH A O   1 
HETATM 1414 O O   . HOH C 3 .   ? -9.86511  -12.83027 -5.66690  1.000 24.35000 ? 422 HOH A O   1 
HETATM 1415 O O   . HOH C 3 .   ? 17.83316  -10.66644 -2.56514  1.000 28.29000 ? 423 HOH A O   1 
HETATM 1416 O O   . HOH C 3 .   ? -3.28774  10.28890  -8.84054  1.000 29.84000 ? 424 HOH A O   1 
HETATM 1417 O O   . HOH C 3 .   ? 2.06976   13.70778  9.45546   1.000 34.30000 ? 425 HOH A O   1 
HETATM 1418 O O   . HOH C 3 .   ? -0.62255  18.63135  13.93087  1.000 34.17000 ? 426 HOH A O   1 
HETATM 1419 O O   . HOH C 3 .   ? -4.94818  -4.80810  -11.05721 1.000 39.39000 ? 427 HOH A O   1 
HETATM 1420 O O   . HOH C 3 .   ? 9.05929   6.53623   -16.43180 1.000 27.33000 ? 428 HOH A O   1 
HETATM 1421 O O   . HOH C 3 .   ? -20.91970 2.05985   4.47254   1.000 39.97000 ? 429 HOH A O   1 
# 
loop_
_pdbx_poly_seq_scheme.asym_id 
_pdbx_poly_seq_scheme.entity_id 
_pdbx_poly_seq_scheme.seq_id 
_pdbx_poly_seq_scheme.mon_id 
_pdbx_poly_seq_scheme.ndb_seq_num 
_pdbx_poly_seq_scheme.pdb_seq_num 
_pdbx_poly_seq_scheme.auth_seq_num 
_pdbx_poly_seq_scheme.pdb_mon_id 
_pdbx_poly_seq_scheme.auth_mon_id 
_pdbx_poly_seq_scheme.pdb_strand_id 
_pdbx_poly_seq_scheme.pdb_ins_code 
_pdbx_poly_seq_scheme.hetero 
A 1 1   GLY 1   -2  ?   ?   ?   A . n 
A 1 2   SER 2   -1  ?   ?   ?   A . n 
A 1 3   HIS 3   0   ?   ?   ?   A . n 
A 1 4   MET 4   1   ?   ?   ?   A . n 
A 1 5   GLY 5   2   ?   ?   ?   A . n 
A 1 6   ALA 6   3   3   ALA ALA A . n 
A 1 7   SER 7   4   4   SER SER A . n 
A 1 8   ARG 8   5   5   ARG ARG A . n 
A 1 9   LEU 9   6   6   LEU LEU A . n 
A 1 10  TYR 10  7   7   TYR TYR A . n 
A 1 11  THR 11  8   8   THR THR A . n 
A 1 12  LEU 12  9   9   LEU LEU A . n 
A 1 13  VAL 13  10  10  VAL VAL A . n 
A 1 14  LEU 14  11  11  LEU LEU A . n 
A 1 15  VAL 15  12  12  VAL VAL A . n 
A 1 16  LEU 16  13  13  LEU LEU A . n 
A 1 17  GLN 17  14  14  GLN GLN A . n 
A 1 18  PRO 18  15  15  PRO PRO A . n 
A 1 19  GLN 19  16  16  GLN GLN A . n 
A 1 20  ARG 20  17  17  ARG ARG A . n 
A 1 21  VAL 21  18  18  VAL VAL A . n 
A 1 22  LEU 22  19  19  LEU LEU A . n 
A 1 23  LEU 23  20  20  LEU LEU A . n 
A 1 24  GLY 24  21  21  GLY GLY A . n 
A 1 25  MET 25  22  22  MET MET A . n 
A 1 26  LYS 26  23  23  LYS LYS A . n 
A 1 27  LYS 27  24  24  LYS LYS A . n 
A 1 28  ARG 28  25  25  ARG ARG A . n 
A 1 29  GLY 29  26  26  GLY GLY A . n 
A 1 30  PHE 30  27  27  PHE PHE A . n 
A 1 31  GLY 31  28  28  GLY GLY A . n 
A 1 32  ALA 32  29  29  ALA ALA A . n 
A 1 33  GLY 33  30  30  GLY GLY A . n 
A 1 34  ARG 34  31  31  ARG ARG A . n 
A 1 35  TRP 35  32  32  TRP TRP A . n 
A 1 36  ASN 36  33  33  ASN ASN A . n 
A 1 37  GLY 37  34  34  GLY GLY A . n 
A 1 38  PHE 38  35  35  PHE PHE A . n 
A 1 39  GLY 39  36  36  GLY GLY A . n 
A 1 40  GLY 40  37  37  GLY GLY A . n 
A 1 41  LYS 41  38  38  LYS LYS A . n 
A 1 42  VAL 42  39  39  VAL VAL A . n 
A 1 43  GLN 43  40  40  GLN GLN A . n 
A 1 44  GLU 44  41  41  GLU GLU A . n 
A 1 45  GLY 45  42  42  GLY GLY A . n 
A 1 46  GLU 46  43  43  GLU GLU A . n 
A 1 47  THR 47  44  44  THR THR A . n 
A 1 48  ILE 48  45  45  ILE ILE A . n 
A 1 49  GLU 49  46  46  GLU GLU A . n 
A 1 50  ASP 50  47  47  ASP ASP A . n 
A 1 51  GLY 51  48  48  GLY GLY A . n 
A 1 52  ALA 52  49  49  ALA ALA A . n 
A 1 53  ARG 53  50  50  ARG ARG A . n 
A 1 54  ARG 54  51  51  ARG ARG A . n 
A 1 55  GLU 55  52  52  GLU GLU A . n 
A 1 56  LEU 56  53  53  LEU LEU A . n 
A 1 57  GLN 57  54  54  GLN GLN A . n 
A 1 58  GLU 58  55  55  GLU GLU A . n 
A 1 59  GLU 59  56  56  GLU GLU A . n 
A 1 60  SER 60  57  57  SER SER A . n 
A 1 61  GLY 61  58  58  GLY GLY A . n 
A 1 62  LEU 62  59  59  LEU LEU A . n 
A 1 63  THR 63  60  60  THR THR A . n 
A 1 64  VAL 64  61  61  VAL VAL A . n 
A 1 65  ASP 65  62  62  ASP ASP A . n 
A 1 66  ALA 66  63  63  ALA ALA A . n 
A 1 67  LEU 67  64  64  LEU LEU A . n 
A 1 68  HIS 68  65  65  HIS HIS A . n 
A 1 69  LYS 69  66  66  LYS LYS A . n 
A 1 70  VAL 70  67  67  VAL VAL A . n 
A 1 71  GLY 71  68  68  GLY GLY A . n 
A 1 72  GLN 72  69  69  GLN GLN A . n 
A 1 73  ILE 73  70  70  ILE ILE A . n 
A 1 74  VAL 74  71  71  VAL VAL A . n 
A 1 75  PHE 75  72  72  PHE PHE A . n 
A 1 76  GLU 76  73  73  GLU GLU A . n 
A 1 77  PHE 77  74  74  PHE PHE A . n 
A 1 78  VAL 78  75  75  VAL VAL A . n 
A 1 79  GLY 79  76  76  GLY GLY A . n 
A 1 80  GLU 80  77  77  GLU GLU A . n 
A 1 81  PRO 81  78  78  PRO PRO A . n 
A 1 82  GLU 82  79  79  GLU GLU A . n 
A 1 83  LEU 83  80  80  LEU LEU A . n 
A 1 84  MET 84  81  81  MET MET A . n 
A 1 85  ASP 85  82  82  ASP ASP A . n 
A 1 86  VAL 86  83  83  VAL VAL A . n 
A 1 87  HIS 87  84  84  HIS HIS A . n 
A 1 88  VAL 88  85  85  VAL VAL A . n 
A 1 89  PHE 89  86  86  PHE PHE A . n 
A 1 90  CYS 90  87  87  CYS CYS A . n 
A 1 91  THR 91  88  88  THR THR A . n 
A 1 92  ASP 92  89  89  ASP ASP A . n 
A 1 93  SER 93  90  90  SER SER A . n 
A 1 94  ILE 94  91  91  ILE ILE A . n 
A 1 95  GLN 95  92  92  GLN GLN A . n 
A 1 96  GLY 96  93  93  GLY GLY A . n 
A 1 97  THR 97  94  94  THR THR A . n 
A 1 98  PRO 98  95  95  PRO PRO A . n 
A 1 99  VAL 99  96  96  VAL VAL A . n 
A 1 100 GLU 100 97  97  GLU GLU A . n 
A 1 101 SER 101 98  98  SER SER A . n 
A 1 102 ASP 102 99  99  ASP ASP A . n 
A 1 103 GLU 103 100 100 GLU GLU A . n 
A 1 104 MET 104 101 101 MET MET A . n 
A 1 105 ARG 105 102 102 ARG ARG A . n 
A 1 106 PRO 106 103 103 PRO PRO A . n 
A 1 107 CYS 107 104 104 CYS CYS A . n 
A 1 108 TRP 108 105 105 TRP TRP A . n 
A 1 109 PHE 109 106 106 PHE PHE A . n 
A 1 110 GLN 110 107 107 GLN GLN A . n 
A 1 111 LEU 111 108 108 LEU LEU A . n 
A 1 112 ASP 112 109 109 ASP ASP A . n 
A 1 113 GLN 113 110 110 GLN GLN A . n 
A 1 114 ILE 114 111 111 ILE ILE A . n 
A 1 115 PRO 115 112 112 PRO PRO A . n 
A 1 116 PHE 116 113 113 PHE PHE A . n 
A 1 117 LYS 117 114 114 LYS LYS A . n 
A 1 118 ASP 118 115 115 ASP ASP A . n 
A 1 119 MET 119 116 116 MET MET A . n 
A 1 120 TRP 120 117 117 TRP TRP A . n 
A 1 121 PRO 121 118 118 PRO PRO A . n 
A 1 122 ASP 122 119 119 ASP ASP A . n 
A 1 123 ASP 123 120 120 ASP ASP A . n 
A 1 124 SER 124 121 121 SER SER A . n 
A 1 125 TYR 125 122 122 TYR TYR A . n 
A 1 126 TRP 126 123 123 TRP TRP A . n 
A 1 127 PHE 127 124 124 PHE PHE A . n 
A 1 128 PRO 128 125 125 PRO PRO A . n 
A 1 129 LEU 129 126 126 LEU LEU A . n 
A 1 130 LEU 130 127 127 LEU LEU A . n 
A 1 131 LEU 131 128 128 LEU LEU A . n 
A 1 132 GLN 132 129 129 GLN GLN A . n 
A 1 133 LYS 133 130 130 LYS LYS A . n 
A 1 134 LYS 134 131 131 LYS LYS A . n 
A 1 135 LYS 135 132 132 LYS LYS A . n 
A 1 136 PHE 136 133 133 PHE PHE A . n 
A 1 137 HIS 137 134 134 HIS HIS A . n 
A 1 138 GLY 138 135 135 GLY GLY A . n 
A 1 139 TYR 139 136 136 TYR TYR A . n 
A 1 140 PHE 140 137 137 PHE PHE A . n 
A 1 141 LYS 141 138 138 LYS LYS A . n 
A 1 142 PHE 142 139 139 PHE PHE A . n 
A 1 143 GLN 143 140 140 GLN GLN A . n 
A 1 144 GLY 144 141 141 GLY GLY A . n 
A 1 145 GLN 145 142 142 GLN GLN A . n 
A 1 146 ASP 146 143 143 ASP ASP A . n 
A 1 147 THR 147 144 144 THR THR A . n 
A 1 148 ILE 148 145 145 ILE ILE A . n 
A 1 149 LEU 149 146 146 LEU LEU A . n 
A 1 150 ASP 150 147 147 ASP ASP A . n 
A 1 151 TYR 151 148 148 TYR TYR A . n 
A 1 152 THR 152 149 149 THR THR A . n 
A 1 153 LEU 153 150 150 LEU LEU A . n 
A 1 154 ARG 154 151 151 ARG ARG A . n 
A 1 155 GLU 155 152 152 GLU GLU A . n 
A 1 156 VAL 156 153 153 VAL VAL A . n 
A 1 157 ASP 157 154 154 ASP ASP A . n 
A 1 158 THR 158 155 155 THR THR A . n 
A 1 159 VAL 159 156 156 VAL VAL A . n 
# 
loop_
_pdbx_nonpoly_scheme.asym_id 
_pdbx_nonpoly_scheme.entity_id 
_pdbx_nonpoly_scheme.mon_id 
_pdbx_nonpoly_scheme.ndb_seq_num 
_pdbx_nonpoly_scheme.pdb_seq_num 
_pdbx_nonpoly_scheme.auth_seq_num 
_pdbx_nonpoly_scheme.pdb_mon_id 
_pdbx_nonpoly_scheme.auth_mon_id 
_pdbx_nonpoly_scheme.pdb_strand_id 
_pdbx_nonpoly_scheme.pdb_ins_code 
B 2 8JF 1   201 1   8JF 8JF A . 
C 3 HOH 1   301 114 HOH HOH A . 
C 3 HOH 2   302 129 HOH HOH A . 
C 3 HOH 3   303 60  HOH HOH A . 
C 3 HOH 4   304 27  HOH HOH A . 
C 3 HOH 5   305 75  HOH HOH A . 
C 3 HOH 6   306 128 HOH HOH A . 
C 3 HOH 7   307 96  HOH HOH A . 
C 3 HOH 8   308 58  HOH HOH A . 
C 3 HOH 9   309 79  HOH HOH A . 
C 3 HOH 10  310 29  HOH HOH A . 
C 3 HOH 11  311 83  HOH HOH A . 
C 3 HOH 12  312 62  HOH HOH A . 
C 3 HOH 13  313 9   HOH HOH A . 
C 3 HOH 14  314 17  HOH HOH A . 
C 3 HOH 15  315 18  HOH HOH A . 
C 3 HOH 16  316 15  HOH HOH A . 
C 3 HOH 17  317 76  HOH HOH A . 
C 3 HOH 18  318 124 HOH HOH A . 
C 3 HOH 19  319 1   HOH HOH A . 
C 3 HOH 20  320 86  HOH HOH A . 
C 3 HOH 21  321 36  HOH HOH A . 
C 3 HOH 22  322 8   HOH HOH A . 
C 3 HOH 23  323 85  HOH HOH A . 
C 3 HOH 24  324 4   HOH HOH A . 
C 3 HOH 25  325 25  HOH HOH A . 
C 3 HOH 26  326 50  HOH HOH A . 
C 3 HOH 27  327 12  HOH HOH A . 
C 3 HOH 28  328 93  HOH HOH A . 
C 3 HOH 29  329 81  HOH HOH A . 
C 3 HOH 30  330 110 HOH HOH A . 
C 3 HOH 31  331 59  HOH HOH A . 
C 3 HOH 32  332 42  HOH HOH A . 
C 3 HOH 33  333 66  HOH HOH A . 
C 3 HOH 34  334 64  HOH HOH A . 
C 3 HOH 35  335 11  HOH HOH A . 
C 3 HOH 36  336 56  HOH HOH A . 
C 3 HOH 37  337 51  HOH HOH A . 
C 3 HOH 38  338 74  HOH HOH A . 
C 3 HOH 39  339 39  HOH HOH A . 
C 3 HOH 40  340 53  HOH HOH A . 
C 3 HOH 41  341 87  HOH HOH A . 
C 3 HOH 42  342 24  HOH HOH A . 
C 3 HOH 43  343 13  HOH HOH A . 
C 3 HOH 44  344 94  HOH HOH A . 
C 3 HOH 45  345 67  HOH HOH A . 
C 3 HOH 46  346 6   HOH HOH A . 
C 3 HOH 47  347 115 HOH HOH A . 
C 3 HOH 48  348 82  HOH HOH A . 
C 3 HOH 49  349 31  HOH HOH A . 
C 3 HOH 50  350 40  HOH HOH A . 
C 3 HOH 51  351 10  HOH HOH A . 
C 3 HOH 52  352 37  HOH HOH A . 
C 3 HOH 53  353 123 HOH HOH A . 
C 3 HOH 54  354 2   HOH HOH A . 
C 3 HOH 55  355 23  HOH HOH A . 
C 3 HOH 56  356 3   HOH HOH A . 
C 3 HOH 57  357 84  HOH HOH A . 
C 3 HOH 58  358 55  HOH HOH A . 
C 3 HOH 59  359 92  HOH HOH A . 
C 3 HOH 60  360 100 HOH HOH A . 
C 3 HOH 61  361 5   HOH HOH A . 
C 3 HOH 62  362 47  HOH HOH A . 
C 3 HOH 63  363 104 HOH HOH A . 
C 3 HOH 64  364 98  HOH HOH A . 
C 3 HOH 65  365 43  HOH HOH A . 
C 3 HOH 66  366 44  HOH HOH A . 
C 3 HOH 67  367 32  HOH HOH A . 
C 3 HOH 68  368 73  HOH HOH A . 
C 3 HOH 69  369 38  HOH HOH A . 
C 3 HOH 70  370 30  HOH HOH A . 
C 3 HOH 71  371 26  HOH HOH A . 
C 3 HOH 72  372 34  HOH HOH A . 
C 3 HOH 73  373 71  HOH HOH A . 
C 3 HOH 74  374 107 HOH HOH A . 
C 3 HOH 75  375 106 HOH HOH A . 
C 3 HOH 76  376 78  HOH HOH A . 
C 3 HOH 77  377 16  HOH HOH A . 
C 3 HOH 78  378 108 HOH HOH A . 
C 3 HOH 79  379 35  HOH HOH A . 
C 3 HOH 80  380 97  HOH HOH A . 
C 3 HOH 81  381 46  HOH HOH A . 
C 3 HOH 82  382 19  HOH HOH A . 
C 3 HOH 83  383 116 HOH HOH A . 
C 3 HOH 84  384 41  HOH HOH A . 
C 3 HOH 85  385 113 HOH HOH A . 
C 3 HOH 86  386 7   HOH HOH A . 
C 3 HOH 87  387 20  HOH HOH A . 
C 3 HOH 88  388 28  HOH HOH A . 
C 3 HOH 89  389 14  HOH HOH A . 
C 3 HOH 90  390 45  HOH HOH A . 
C 3 HOH 91  391 54  HOH HOH A . 
C 3 HOH 92  392 80  HOH HOH A . 
C 3 HOH 93  393 102 HOH HOH A . 
C 3 HOH 94  394 95  HOH HOH A . 
C 3 HOH 95  395 21  HOH HOH A . 
C 3 HOH 96  396 117 HOH HOH A . 
C 3 HOH 97  397 22  HOH HOH A . 
C 3 HOH 98  398 69  HOH HOH A . 
C 3 HOH 99  399 118 HOH HOH A . 
C 3 HOH 100 400 52  HOH HOH A . 
C 3 HOH 101 401 57  HOH HOH A . 
C 3 HOH 102 402 33  HOH HOH A . 
C 3 HOH 103 403 88  HOH HOH A . 
C 3 HOH 104 404 111 HOH HOH A . 
C 3 HOH 105 405 126 HOH HOH A . 
C 3 HOH 106 406 63  HOH HOH A . 
C 3 HOH 107 407 91  HOH HOH A . 
C 3 HOH 108 408 90  HOH HOH A . 
C 3 HOH 109 409 48  HOH HOH A . 
C 3 HOH 110 410 119 HOH HOH A . 
C 3 HOH 111 411 77  HOH HOH A . 
C 3 HOH 112 412 103 HOH HOH A . 
C 3 HOH 113 413 109 HOH HOH A . 
C 3 HOH 114 414 125 HOH HOH A . 
C 3 HOH 115 415 89  HOH HOH A . 
C 3 HOH 116 416 101 HOH HOH A . 
C 3 HOH 117 417 127 HOH HOH A . 
C 3 HOH 118 418 105 HOH HOH A . 
C 3 HOH 119 419 99  HOH HOH A . 
C 3 HOH 120 420 61  HOH HOH A . 
C 3 HOH 121 421 120 HOH HOH A . 
C 3 HOH 122 422 49  HOH HOH A . 
C 3 HOH 123 423 65  HOH HOH A . 
C 3 HOH 124 424 72  HOH HOH A . 
C 3 HOH 125 425 70  HOH HOH A . 
C 3 HOH 126 426 112 HOH HOH A . 
C 3 HOH 127 427 122 HOH HOH A . 
C 3 HOH 128 428 68  HOH HOH A . 
C 3 HOH 129 429 121 HOH HOH A . 
# 
_pdbx_struct_assembly.id                   1 
_pdbx_struct_assembly.details              author_and_software_defined_assembly 
_pdbx_struct_assembly.method_details       PISA 
_pdbx_struct_assembly.oligomeric_details   monomeric 
_pdbx_struct_assembly.oligomeric_count     1 
# 
_pdbx_struct_assembly_gen.assembly_id       1 
_pdbx_struct_assembly_gen.oper_expression   1 
_pdbx_struct_assembly_gen.asym_id_list      A,B,C 
# 
loop_
_pdbx_struct_assembly_prop.biol_id 
_pdbx_struct_assembly_prop.type 
_pdbx_struct_assembly_prop.value 
_pdbx_struct_assembly_prop.details 
1 'ABSA (A^2)' 0    ? 
1 MORE         0    ? 
1 'SSA (A^2)'  7900 ? 
# 
_pdbx_struct_oper_list.id                   1 
_pdbx_struct_oper_list.type                 'identity operation' 
_pdbx_struct_oper_list.name                 1_555 
_pdbx_struct_oper_list.symmetry_operation   x,y,z 
_pdbx_struct_oper_list.matrix[1][1]         1.0000000000 
_pdbx_struct_oper_list.matrix[1][2]         0.0000000000 
_pdbx_struct_oper_list.matrix[1][3]         0.0000000000 
_pdbx_struct_oper_list.vector[1]            0.0000000000 
_pdbx_struct_oper_list.matrix[2][1]         0.0000000000 
_pdbx_struct_oper_list.matrix[2][2]         1.0000000000 
_pdbx_struct_oper_list.matrix[2][3]         0.0000000000 
_pdbx_struct_oper_list.vector[2]            0.0000000000 
_pdbx_struct_oper_list.matrix[3][1]         0.0000000000 
_pdbx_struct_oper_list.matrix[3][2]         0.0000000000 
_pdbx_struct_oper_list.matrix[3][3]         1.0000000000 
_pdbx_struct_oper_list.vector[3]            0.0000000000 
# 
loop_
_pdbx_audit_revision_history.ordinal 
_pdbx_audit_revision_history.data_content_type 
_pdbx_audit_revision_history.major_revision 
_pdbx_audit_revision_history.minor_revision 
_pdbx_audit_revision_history.revision_date 
1 'Structure model' 1 0 2020-04-01 
2 'Structure model' 1 1 2023-10-11 
# 
_pdbx_audit_revision_details.ordinal             1 
_pdbx_audit_revision_details.revision_ordinal    1 
_pdbx_audit_revision_details.data_content_type   'Structure model' 
_pdbx_audit_revision_details.provider            repository 
_pdbx_audit_revision_details.type                'Initial release' 
_pdbx_audit_revision_details.description         ? 
_pdbx_audit_revision_details.details             ? 
# 
loop_
_pdbx_audit_revision_group.ordinal 
_pdbx_audit_revision_group.revision_ordinal 
_pdbx_audit_revision_group.data_content_type 
_pdbx_audit_revision_group.group 
1 2 'Structure model' 'Data collection'        
2 2 'Structure model' 'Database references'    
3 2 'Structure model' 'Refinement description' 
# 
loop_
_pdbx_audit_revision_category.ordinal 
_pdbx_audit_revision_category.revision_ordinal 
_pdbx_audit_revision_category.data_content_type 
_pdbx_audit_revision_category.category 
1 2 'Structure model' chem_comp_atom                
2 2 'Structure model' chem_comp_bond                
3 2 'Structure model' database_2                    
4 2 'Structure model' pdbx_initial_refinement_model 
# 
loop_
_pdbx_audit_revision_item.ordinal 
_pdbx_audit_revision_item.revision_ordinal 
_pdbx_audit_revision_item.data_content_type 
_pdbx_audit_revision_item.item 
1 2 'Structure model' '_database_2.pdbx_DOI'                
2 2 'Structure model' '_database_2.pdbx_database_accession' 
# 
loop_
_space_group_symop.id 
_space_group_symop.operation_xyz 
1 x,y,z           
2 x,-y,-z         
3 -x,y+1/2,-z+1/2 
4 -x,-y+1/2,z+1/2 
# 
loop_
_software.citation_id 
_software.classification 
_software.compiler_name 
_software.compiler_version 
_software.contact_author 
_software.contact_author_email 
_software.date 
_software.description 
_software.dependencies 
_software.hardware 
_software.language 
_software.location 
_software.mods 
_software.name 
_software.os 
_software.os_version 
_software.type 
_software.version 
_software.pdbx_ordinal 
? refinement       ? ? ? ? ? ? ? ? ? ? ? PHENIX   ? ? ? 1.9_1692 1 
? 'data reduction' ? ? ? ? ? ? ? ? ? ? ? HKL-2000 ? ? ? .        2 
? 'data scaling'   ? ? ? ? ? ? ? ? ? ? ? HKL-2000 ? ? ? .        3 
? phasing          ? ? ? ? ? ? ? ? ? ? ? PHENIX   ? ? ? .        4 
# 
_pdbx_entry_details.entry_id                 6US3 
_pdbx_entry_details.has_ligand_of_interest   Y 
_pdbx_entry_details.compound_details         ? 
_pdbx_entry_details.source_details           ? 
_pdbx_entry_details.nonpolymer_details       ? 
_pdbx_entry_details.sequence_details         ? 
# 
_pdbx_validate_torsion.id              1 
_pdbx_validate_torsion.PDB_model_num   1 
_pdbx_validate_torsion.auth_comp_id    ASP 
_pdbx_validate_torsion.auth_asym_id    A 
_pdbx_validate_torsion.auth_seq_id     62 
_pdbx_validate_torsion.PDB_ins_code    ? 
_pdbx_validate_torsion.label_alt_id    ? 
_pdbx_validate_torsion.phi             -107.54 
_pdbx_validate_torsion.psi             -82.72 
# 
loop_
_pdbx_unobs_or_zero_occ_residues.id 
_pdbx_unobs_or_zero_occ_residues.PDB_model_num 
_pdbx_unobs_or_zero_occ_residues.polymer_flag 
_pdbx_unobs_or_zero_occ_residues.occupancy_flag 
_pdbx_unobs_or_zero_occ_residues.auth_asym_id 
_pdbx_unobs_or_zero_occ_residues.auth_comp_id 
_pdbx_unobs_or_zero_occ_residues.auth_seq_id 
_pdbx_unobs_or_zero_occ_residues.PDB_ins_code 
_pdbx_unobs_or_zero_occ_residues.label_asym_id 
_pdbx_unobs_or_zero_occ_residues.label_comp_id 
_pdbx_unobs_or_zero_occ_residues.label_seq_id 
1 1 Y 1 A GLY -2 ? A GLY 1 
2 1 Y 1 A SER -1 ? A SER 2 
3 1 Y 1 A HIS 0  ? A HIS 3 
4 1 Y 1 A MET 1  ? A MET 4 
5 1 Y 1 A GLY 2  ? A GLY 5 
# 
loop_
_chem_comp_atom.comp_id 
_chem_comp_atom.atom_id 
_chem_comp_atom.type_symbol 
_chem_comp_atom.pdbx_aromatic_flag 
_chem_comp_atom.pdbx_stereo_config 
_chem_comp_atom.pdbx_ordinal 
8JF C01  C Y N 1   
8JF C02  C Y N 2   
8JF N03  N Y N 3   
8JF C04  C Y N 4   
8JF C05  C Y N 5   
8JF C06  C Y N 6   
8JF C07  C Y N 7   
8JF C08  C Y N 8   
8JF N09  N Y N 9   
8JF C10  C Y N 10  
8JF C11  C Y N 11  
8JF N12  N N N 12  
8JF C13  C Y N 13  
8JF C14  C Y N 14  
8JF C15  C Y N 15  
8JF C16  C Y N 16  
8JF C17  C Y N 17  
8JF C18  C N N 18  
8JF C19  C N N 19  
8JF C20  C N N 20  
8JF C21  C N N 21  
8JF O22  O N N 22  
8JF H1   H N N 23  
8JF H2   H N N 24  
8JF H3   H N N 25  
8JF H4   H N N 26  
8JF H5   H N N 27  
8JF H6   H N N 28  
8JF H7   H N N 29  
8JF H8   H N N 30  
8JF H9   H N N 31  
8JF H10  H N N 32  
8JF H11  H N N 33  
8JF H12  H N N 34  
8JF H13  H N N 35  
8JF H14  H N N 36  
8JF H15  H N N 37  
8JF H16  H N N 38  
8JF H17  H N N 39  
ALA N    N N N 40  
ALA CA   C N S 41  
ALA C    C N N 42  
ALA O    O N N 43  
ALA CB   C N N 44  
ALA OXT  O N N 45  
ALA H    H N N 46  
ALA H2   H N N 47  
ALA HA   H N N 48  
ALA HB1  H N N 49  
ALA HB2  H N N 50  
ALA HB3  H N N 51  
ALA HXT  H N N 52  
ARG N    N N N 53  
ARG CA   C N S 54  
ARG C    C N N 55  
ARG O    O N N 56  
ARG CB   C N N 57  
ARG CG   C N N 58  
ARG CD   C N N 59  
ARG NE   N N N 60  
ARG CZ   C N N 61  
ARG NH1  N N N 62  
ARG NH2  N N N 63  
ARG OXT  O N N 64  
ARG H    H N N 65  
ARG H2   H N N 66  
ARG HA   H N N 67  
ARG HB2  H N N 68  
ARG HB3  H N N 69  
ARG HG2  H N N 70  
ARG HG3  H N N 71  
ARG HD2  H N N 72  
ARG HD3  H N N 73  
ARG HE   H N N 74  
ARG HH11 H N N 75  
ARG HH12 H N N 76  
ARG HH21 H N N 77  
ARG HH22 H N N 78  
ARG HXT  H N N 79  
ASN N    N N N 80  
ASN CA   C N S 81  
ASN C    C N N 82  
ASN O    O N N 83  
ASN CB   C N N 84  
ASN CG   C N N 85  
ASN OD1  O N N 86  
ASN ND2  N N N 87  
ASN OXT  O N N 88  
ASN H    H N N 89  
ASN H2   H N N 90  
ASN HA   H N N 91  
ASN HB2  H N N 92  
ASN HB3  H N N 93  
ASN HD21 H N N 94  
ASN HD22 H N N 95  
ASN HXT  H N N 96  
ASP N    N N N 97  
ASP CA   C N S 98  
ASP C    C N N 99  
ASP O    O N N 100 
ASP CB   C N N 101 
ASP CG   C N N 102 
ASP OD1  O N N 103 
ASP OD2  O N N 104 
ASP OXT  O N N 105 
ASP H    H N N 106 
ASP H2   H N N 107 
ASP HA   H N N 108 
ASP HB2  H N N 109 
ASP HB3  H N N 110 
ASP HD2  H N N 111 
ASP HXT  H N N 112 
CYS N    N N N 113 
CYS CA   C N R 114 
CYS C    C N N 115 
CYS O    O N N 116 
CYS CB   C N N 117 
CYS SG   S N N 118 
CYS OXT  O N N 119 
CYS H    H N N 120 
CYS H2   H N N 121 
CYS HA   H N N 122 
CYS HB2  H N N 123 
CYS HB3  H N N 124 
CYS HG   H N N 125 
CYS HXT  H N N 126 
GLN N    N N N 127 
GLN CA   C N S 128 
GLN C    C N N 129 
GLN O    O N N 130 
GLN CB   C N N 131 
GLN CG   C N N 132 
GLN CD   C N N 133 
GLN OE1  O N N 134 
GLN NE2  N N N 135 
GLN OXT  O N N 136 
GLN H    H N N 137 
GLN H2   H N N 138 
GLN HA   H N N 139 
GLN HB2  H N N 140 
GLN HB3  H N N 141 
GLN HG2  H N N 142 
GLN HG3  H N N 143 
GLN HE21 H N N 144 
GLN HE22 H N N 145 
GLN HXT  H N N 146 
GLU N    N N N 147 
GLU CA   C N S 148 
GLU C    C N N 149 
GLU O    O N N 150 
GLU CB   C N N 151 
GLU CG   C N N 152 
GLU CD   C N N 153 
GLU OE1  O N N 154 
GLU OE2  O N N 155 
GLU OXT  O N N 156 
GLU H    H N N 157 
GLU H2   H N N 158 
GLU HA   H N N 159 
GLU HB2  H N N 160 
GLU HB3  H N N 161 
GLU HG2  H N N 162 
GLU HG3  H N N 163 
GLU HE2  H N N 164 
GLU HXT  H N N 165 
GLY N    N N N 166 
GLY CA   C N N 167 
GLY C    C N N 168 
GLY O    O N N 169 
GLY OXT  O N N 170 
GLY H    H N N 171 
GLY H2   H N N 172 
GLY HA2  H N N 173 
GLY HA3  H N N 174 
GLY HXT  H N N 175 
HIS N    N N N 176 
HIS CA   C N S 177 
HIS C    C N N 178 
HIS O    O N N 179 
HIS CB   C N N 180 
HIS CG   C Y N 181 
HIS ND1  N Y N 182 
HIS CD2  C Y N 183 
HIS CE1  C Y N 184 
HIS NE2  N Y N 185 
HIS OXT  O N N 186 
HIS H    H N N 187 
HIS H2   H N N 188 
HIS HA   H N N 189 
HIS HB2  H N N 190 
HIS HB3  H N N 191 
HIS HD1  H N N 192 
HIS HD2  H N N 193 
HIS HE1  H N N 194 
HIS HE2  H N N 195 
HIS HXT  H N N 196 
HOH O    O N N 197 
HOH H1   H N N 198 
HOH H2   H N N 199 
ILE N    N N N 200 
ILE CA   C N S 201 
ILE C    C N N 202 
ILE O    O N N 203 
ILE CB   C N S 204 
ILE CG1  C N N 205 
ILE CG2  C N N 206 
ILE CD1  C N N 207 
ILE OXT  O N N 208 
ILE H    H N N 209 
ILE H2   H N N 210 
ILE HA   H N N 211 
ILE HB   H N N 212 
ILE HG12 H N N 213 
ILE HG13 H N N 214 
ILE HG21 H N N 215 
ILE HG22 H N N 216 
ILE HG23 H N N 217 
ILE HD11 H N N 218 
ILE HD12 H N N 219 
ILE HD13 H N N 220 
ILE HXT  H N N 221 
LEU N    N N N 222 
LEU CA   C N S 223 
LEU C    C N N 224 
LEU O    O N N 225 
LEU CB   C N N 226 
LEU CG   C N N 227 
LEU CD1  C N N 228 
LEU CD2  C N N 229 
LEU OXT  O N N 230 
LEU H    H N N 231 
LEU H2   H N N 232 
LEU HA   H N N 233 
LEU HB2  H N N 234 
LEU HB3  H N N 235 
LEU HG   H N N 236 
LEU HD11 H N N 237 
LEU HD12 H N N 238 
LEU HD13 H N N 239 
LEU HD21 H N N 240 
LEU HD22 H N N 241 
LEU HD23 H N N 242 
LEU HXT  H N N 243 
LYS N    N N N 244 
LYS CA   C N S 245 
LYS C    C N N 246 
LYS O    O N N 247 
LYS CB   C N N 248 
LYS CG   C N N 249 
LYS CD   C N N 250 
LYS CE   C N N 251 
LYS NZ   N N N 252 
LYS OXT  O N N 253 
LYS H    H N N 254 
LYS H2   H N N 255 
LYS HA   H N N 256 
LYS HB2  H N N 257 
LYS HB3  H N N 258 
LYS HG2  H N N 259 
LYS HG3  H N N 260 
LYS HD2  H N N 261 
LYS HD3  H N N 262 
LYS HE2  H N N 263 
LYS HE3  H N N 264 
LYS HZ1  H N N 265 
LYS HZ2  H N N 266 
LYS HZ3  H N N 267 
LYS HXT  H N N 268 
MET N    N N N 269 
MET CA   C N S 270 
MET C    C N N 271 
MET O    O N N 272 
MET CB   C N N 273 
MET CG   C N N 274 
MET SD   S N N 275 
MET CE   C N N 276 
MET OXT  O N N 277 
MET H    H N N 278 
MET H2   H N N 279 
MET HA   H N N 280 
MET HB2  H N N 281 
MET HB3  H N N 282 
MET HG2  H N N 283 
MET HG3  H N N 284 
MET HE1  H N N 285 
MET HE2  H N N 286 
MET HE3  H N N 287 
MET HXT  H N N 288 
PHE N    N N N 289 
PHE CA   C N S 290 
PHE C    C N N 291 
PHE O    O N N 292 
PHE CB   C N N 293 
PHE CG   C Y N 294 
PHE CD1  C Y N 295 
PHE CD2  C Y N 296 
PHE CE1  C Y N 297 
PHE CE2  C Y N 298 
PHE CZ   C Y N 299 
PHE OXT  O N N 300 
PHE H    H N N 301 
PHE H2   H N N 302 
PHE HA   H N N 303 
PHE HB2  H N N 304 
PHE HB3  H N N 305 
PHE HD1  H N N 306 
PHE HD2  H N N 307 
PHE HE1  H N N 308 
PHE HE2  H N N 309 
PHE HZ   H N N 310 
PHE HXT  H N N 311 
PRO N    N N N 312 
PRO CA   C N S 313 
PRO C    C N N 314 
PRO O    O N N 315 
PRO CB   C N N 316 
PRO CG   C N N 317 
PRO CD   C N N 318 
PRO OXT  O N N 319 
PRO H    H N N 320 
PRO HA   H N N 321 
PRO HB2  H N N 322 
PRO HB3  H N N 323 
PRO HG2  H N N 324 
PRO HG3  H N N 325 
PRO HD2  H N N 326 
PRO HD3  H N N 327 
PRO HXT  H N N 328 
SER N    N N N 329 
SER CA   C N S 330 
SER C    C N N 331 
SER O    O N N 332 
SER CB   C N N 333 
SER OG   O N N 334 
SER OXT  O N N 335 
SER H    H N N 336 
SER H2   H N N 337 
SER HA   H N N 338 
SER HB2  H N N 339 
SER HB3  H N N 340 
SER HG   H N N 341 
SER HXT  H N N 342 
THR N    N N N 343 
THR CA   C N S 344 
THR C    C N N 345 
THR O    O N N 346 
THR CB   C N R 347 
THR OG1  O N N 348 
THR CG2  C N N 349 
THR OXT  O N N 350 
THR H    H N N 351 
THR H2   H N N 352 
THR HA   H N N 353 
THR HB   H N N 354 
THR HG1  H N N 355 
THR HG21 H N N 356 
THR HG22 H N N 357 
THR HG23 H N N 358 
THR HXT  H N N 359 
TRP N    N N N 360 
TRP CA   C N S 361 
TRP C    C N N 362 
TRP O    O N N 363 
TRP CB   C N N 364 
TRP CG   C Y N 365 
TRP CD1  C Y N 366 
TRP CD2  C Y N 367 
TRP NE1  N Y N 368 
TRP CE2  C Y N 369 
TRP CE3  C Y N 370 
TRP CZ2  C Y N 371 
TRP CZ3  C Y N 372 
TRP CH2  C Y N 373 
TRP OXT  O N N 374 
TRP H    H N N 375 
TRP H2   H N N 376 
TRP HA   H N N 377 
TRP HB2  H N N 378 
TRP HB3  H N N 379 
TRP HD1  H N N 380 
TRP HE1  H N N 381 
TRP HE3  H N N 382 
TRP HZ2  H N N 383 
TRP HZ3  H N N 384 
TRP HH2  H N N 385 
TRP HXT  H N N 386 
TYR N    N N N 387 
TYR CA   C N S 388 
TYR C    C N N 389 
TYR O    O N N 390 
TYR CB   C N N 391 
TYR CG   C Y N 392 
TYR CD1  C Y N 393 
TYR CD2  C Y N 394 
TYR CE1  C Y N 395 
TYR CE2  C Y N 396 
TYR CZ   C Y N 397 
TYR OH   O N N 398 
TYR OXT  O N N 399 
TYR H    H N N 400 
TYR H2   H N N 401 
TYR HA   H N N 402 
TYR HB2  H N N 403 
TYR HB3  H N N 404 
TYR HD1  H N N 405 
TYR HD2  H N N 406 
TYR HE1  H N N 407 
TYR HE2  H N N 408 
TYR HH   H N N 409 
TYR HXT  H N N 410 
VAL N    N N N 411 
VAL CA   C N S 412 
VAL C    C N N 413 
VAL O    O N N 414 
VAL CB   C N N 415 
VAL CG1  C N N 416 
VAL CG2  C N N 417 
VAL OXT  O N N 418 
VAL H    H N N 419 
VAL H2   H N N 420 
VAL HA   H N N 421 
VAL HB   H N N 422 
VAL HG11 H N N 423 
VAL HG12 H N N 424 
VAL HG13 H N N 425 
VAL HG21 H N N 426 
VAL HG22 H N N 427 
VAL HG23 H N N 428 
VAL HXT  H N N 429 
# 
loop_
_chem_comp_bond.comp_id 
_chem_comp_bond.atom_id_1 
_chem_comp_bond.atom_id_2 
_chem_comp_bond.value_order 
_chem_comp_bond.pdbx_aromatic_flag 
_chem_comp_bond.pdbx_stereo_config 
_chem_comp_bond.pdbx_ordinal 
8JF C01 C02  doub Y N 1   
8JF C01 C06  sing Y N 2   
8JF C02 N03  sing Y N 3   
8JF C06 C05  doub Y N 4   
8JF C16 C15  doub Y N 5   
8JF C16 C17  sing Y N 6   
8JF C15 C14  sing Y N 7   
8JF C17 C11  doub Y N 8   
8JF N03 C04  doub Y N 9   
8JF C05 C04  sing Y N 10  
8JF C05 C10  sing Y N 11  
8JF C14 C18  sing N N 12  
8JF C14 C13  doub Y N 13  
8JF C11 C13  sing Y N 14  
8JF C11 C10  sing N N 15  
8JF C04 C07  sing Y N 16  
8JF C13 C19  sing N N 17  
8JF C10 N09  doub Y N 18  
8JF C07 C08  doub Y N 19  
8JF N09 C08  sing Y N 20  
8JF C08 N12  sing N N 21  
8JF N12 C20  sing N N 22  
8JF C20 O22  doub N N 23  
8JF C20 C21  sing N N 24  
8JF C01 H1   sing N N 25  
8JF C02 H2   sing N N 26  
8JF C06 H3   sing N N 27  
8JF C07 H4   sing N N 28  
8JF N12 H5   sing N N 29  
8JF C15 H6   sing N N 30  
8JF C16 H7   sing N N 31  
8JF C17 H8   sing N N 32  
8JF C18 H9   sing N N 33  
8JF C18 H10  sing N N 34  
8JF C18 H11  sing N N 35  
8JF C19 H12  sing N N 36  
8JF C19 H13  sing N N 37  
8JF C19 H14  sing N N 38  
8JF C21 H15  sing N N 39  
8JF C21 H16  sing N N 40  
8JF C21 H17  sing N N 41  
ALA N   CA   sing N N 42  
ALA N   H    sing N N 43  
ALA N   H2   sing N N 44  
ALA CA  C    sing N N 45  
ALA CA  CB   sing N N 46  
ALA CA  HA   sing N N 47  
ALA C   O    doub N N 48  
ALA C   OXT  sing N N 49  
ALA CB  HB1  sing N N 50  
ALA CB  HB2  sing N N 51  
ALA CB  HB3  sing N N 52  
ALA OXT HXT  sing N N 53  
ARG N   CA   sing N N 54  
ARG N   H    sing N N 55  
ARG N   H2   sing N N 56  
ARG CA  C    sing N N 57  
ARG CA  CB   sing N N 58  
ARG CA  HA   sing N N 59  
ARG C   O    doub N N 60  
ARG C   OXT  sing N N 61  
ARG CB  CG   sing N N 62  
ARG CB  HB2  sing N N 63  
ARG CB  HB3  sing N N 64  
ARG CG  CD   sing N N 65  
ARG CG  HG2  sing N N 66  
ARG CG  HG3  sing N N 67  
ARG CD  NE   sing N N 68  
ARG CD  HD2  sing N N 69  
ARG CD  HD3  sing N N 70  
ARG NE  CZ   sing N N 71  
ARG NE  HE   sing N N 72  
ARG CZ  NH1  sing N N 73  
ARG CZ  NH2  doub N N 74  
ARG NH1 HH11 sing N N 75  
ARG NH1 HH12 sing N N 76  
ARG NH2 HH21 sing N N 77  
ARG NH2 HH22 sing N N 78  
ARG OXT HXT  sing N N 79  
ASN N   CA   sing N N 80  
ASN N   H    sing N N 81  
ASN N   H2   sing N N 82  
ASN CA  C    sing N N 83  
ASN CA  CB   sing N N 84  
ASN CA  HA   sing N N 85  
ASN C   O    doub N N 86  
ASN C   OXT  sing N N 87  
ASN CB  CG   sing N N 88  
ASN CB  HB2  sing N N 89  
ASN CB  HB3  sing N N 90  
ASN CG  OD1  doub N N 91  
ASN CG  ND2  sing N N 92  
ASN ND2 HD21 sing N N 93  
ASN ND2 HD22 sing N N 94  
ASN OXT HXT  sing N N 95  
ASP N   CA   sing N N 96  
ASP N   H    sing N N 97  
ASP N   H2   sing N N 98  
ASP CA  C    sing N N 99  
ASP CA  CB   sing N N 100 
ASP CA  HA   sing N N 101 
ASP C   O    doub N N 102 
ASP C   OXT  sing N N 103 
ASP CB  CG   sing N N 104 
ASP CB  HB2  sing N N 105 
ASP CB  HB3  sing N N 106 
ASP CG  OD1  doub N N 107 
ASP CG  OD2  sing N N 108 
ASP OD2 HD2  sing N N 109 
ASP OXT HXT  sing N N 110 
CYS N   CA   sing N N 111 
CYS N   H    sing N N 112 
CYS N   H2   sing N N 113 
CYS CA  C    sing N N 114 
CYS CA  CB   sing N N 115 
CYS CA  HA   sing N N 116 
CYS C   O    doub N N 117 
CYS C   OXT  sing N N 118 
CYS CB  SG   sing N N 119 
CYS CB  HB2  sing N N 120 
CYS CB  HB3  sing N N 121 
CYS SG  HG   sing N N 122 
CYS OXT HXT  sing N N 123 
GLN N   CA   sing N N 124 
GLN N   H    sing N N 125 
GLN N   H2   sing N N 126 
GLN CA  C    sing N N 127 
GLN CA  CB   sing N N 128 
GLN CA  HA   sing N N 129 
GLN C   O    doub N N 130 
GLN C   OXT  sing N N 131 
GLN CB  CG   sing N N 132 
GLN CB  HB2  sing N N 133 
GLN CB  HB3  sing N N 134 
GLN CG  CD   sing N N 135 
GLN CG  HG2  sing N N 136 
GLN CG  HG3  sing N N 137 
GLN CD  OE1  doub N N 138 
GLN CD  NE2  sing N N 139 
GLN NE2 HE21 sing N N 140 
GLN NE2 HE22 sing N N 141 
GLN OXT HXT  sing N N 142 
GLU N   CA   sing N N 143 
GLU N   H    sing N N 144 
GLU N   H2   sing N N 145 
GLU CA  C    sing N N 146 
GLU CA  CB   sing N N 147 
GLU CA  HA   sing N N 148 
GLU C   O    doub N N 149 
GLU C   OXT  sing N N 150 
GLU CB  CG   sing N N 151 
GLU CB  HB2  sing N N 152 
GLU CB  HB3  sing N N 153 
GLU CG  CD   sing N N 154 
GLU CG  HG2  sing N N 155 
GLU CG  HG3  sing N N 156 
GLU CD  OE1  doub N N 157 
GLU CD  OE2  sing N N 158 
GLU OE2 HE2  sing N N 159 
GLU OXT HXT  sing N N 160 
GLY N   CA   sing N N 161 
GLY N   H    sing N N 162 
GLY N   H2   sing N N 163 
GLY CA  C    sing N N 164 
GLY CA  HA2  sing N N 165 
GLY CA  HA3  sing N N 166 
GLY C   O    doub N N 167 
GLY C   OXT  sing N N 168 
GLY OXT HXT  sing N N 169 
HIS N   CA   sing N N 170 
HIS N   H    sing N N 171 
HIS N   H2   sing N N 172 
HIS CA  C    sing N N 173 
HIS CA  CB   sing N N 174 
HIS CA  HA   sing N N 175 
HIS C   O    doub N N 176 
HIS C   OXT  sing N N 177 
HIS CB  CG   sing N N 178 
HIS CB  HB2  sing N N 179 
HIS CB  HB3  sing N N 180 
HIS CG  ND1  sing Y N 181 
HIS CG  CD2  doub Y N 182 
HIS ND1 CE1  doub Y N 183 
HIS ND1 HD1  sing N N 184 
HIS CD2 NE2  sing Y N 185 
HIS CD2 HD2  sing N N 186 
HIS CE1 NE2  sing Y N 187 
HIS CE1 HE1  sing N N 188 
HIS NE2 HE2  sing N N 189 
HIS OXT HXT  sing N N 190 
HOH O   H1   sing N N 191 
HOH O   H2   sing N N 192 
ILE N   CA   sing N N 193 
ILE N   H    sing N N 194 
ILE N   H2   sing N N 195 
ILE CA  C    sing N N 196 
ILE CA  CB   sing N N 197 
ILE CA  HA   sing N N 198 
ILE C   O    doub N N 199 
ILE C   OXT  sing N N 200 
ILE CB  CG1  sing N N 201 
ILE CB  CG2  sing N N 202 
ILE CB  HB   sing N N 203 
ILE CG1 CD1  sing N N 204 
ILE CG1 HG12 sing N N 205 
ILE CG1 HG13 sing N N 206 
ILE CG2 HG21 sing N N 207 
ILE CG2 HG22 sing N N 208 
ILE CG2 HG23 sing N N 209 
ILE CD1 HD11 sing N N 210 
ILE CD1 HD12 sing N N 211 
ILE CD1 HD13 sing N N 212 
ILE OXT HXT  sing N N 213 
LEU N   CA   sing N N 214 
LEU N   H    sing N N 215 
LEU N   H2   sing N N 216 
LEU CA  C    sing N N 217 
LEU CA  CB   sing N N 218 
LEU CA  HA   sing N N 219 
LEU C   O    doub N N 220 
LEU C   OXT  sing N N 221 
LEU CB  CG   sing N N 222 
LEU CB  HB2  sing N N 223 
LEU CB  HB3  sing N N 224 
LEU CG  CD1  sing N N 225 
LEU CG  CD2  sing N N 226 
LEU CG  HG   sing N N 227 
LEU CD1 HD11 sing N N 228 
LEU CD1 HD12 sing N N 229 
LEU CD1 HD13 sing N N 230 
LEU CD2 HD21 sing N N 231 
LEU CD2 HD22 sing N N 232 
LEU CD2 HD23 sing N N 233 
LEU OXT HXT  sing N N 234 
LYS N   CA   sing N N 235 
LYS N   H    sing N N 236 
LYS N   H2   sing N N 237 
LYS CA  C    sing N N 238 
LYS CA  CB   sing N N 239 
LYS CA  HA   sing N N 240 
LYS C   O    doub N N 241 
LYS C   OXT  sing N N 242 
LYS CB  CG   sing N N 243 
LYS CB  HB2  sing N N 244 
LYS CB  HB3  sing N N 245 
LYS CG  CD   sing N N 246 
LYS CG  HG2  sing N N 247 
LYS CG  HG3  sing N N 248 
LYS CD  CE   sing N N 249 
LYS CD  HD2  sing N N 250 
LYS CD  HD3  sing N N 251 
LYS CE  NZ   sing N N 252 
LYS CE  HE2  sing N N 253 
LYS CE  HE3  sing N N 254 
LYS NZ  HZ1  sing N N 255 
LYS NZ  HZ2  sing N N 256 
LYS NZ  HZ3  sing N N 257 
LYS OXT HXT  sing N N 258 
MET N   CA   sing N N 259 
MET N   H    sing N N 260 
MET N   H2   sing N N 261 
MET CA  C    sing N N 262 
MET CA  CB   sing N N 263 
MET CA  HA   sing N N 264 
MET C   O    doub N N 265 
MET C   OXT  sing N N 266 
MET CB  CG   sing N N 267 
MET CB  HB2  sing N N 268 
MET CB  HB3  sing N N 269 
MET CG  SD   sing N N 270 
MET CG  HG2  sing N N 271 
MET CG  HG3  sing N N 272 
MET SD  CE   sing N N 273 
MET CE  HE1  sing N N 274 
MET CE  HE2  sing N N 275 
MET CE  HE3  sing N N 276 
MET OXT HXT  sing N N 277 
PHE N   CA   sing N N 278 
PHE N   H    sing N N 279 
PHE N   H2   sing N N 280 
PHE CA  C    sing N N 281 
PHE CA  CB   sing N N 282 
PHE CA  HA   sing N N 283 
PHE C   O    doub N N 284 
PHE C   OXT  sing N N 285 
PHE CB  CG   sing N N 286 
PHE CB  HB2  sing N N 287 
PHE CB  HB3  sing N N 288 
PHE CG  CD1  doub Y N 289 
PHE CG  CD2  sing Y N 290 
PHE CD1 CE1  sing Y N 291 
PHE CD1 HD1  sing N N 292 
PHE CD2 CE2  doub Y N 293 
PHE CD2 HD2  sing N N 294 
PHE CE1 CZ   doub Y N 295 
PHE CE1 HE1  sing N N 296 
PHE CE2 CZ   sing Y N 297 
PHE CE2 HE2  sing N N 298 
PHE CZ  HZ   sing N N 299 
PHE OXT HXT  sing N N 300 
PRO N   CA   sing N N 301 
PRO N   CD   sing N N 302 
PRO N   H    sing N N 303 
PRO CA  C    sing N N 304 
PRO CA  CB   sing N N 305 
PRO CA  HA   sing N N 306 
PRO C   O    doub N N 307 
PRO C   OXT  sing N N 308 
PRO CB  CG   sing N N 309 
PRO CB  HB2  sing N N 310 
PRO CB  HB3  sing N N 311 
PRO CG  CD   sing N N 312 
PRO CG  HG2  sing N N 313 
PRO CG  HG3  sing N N 314 
PRO CD  HD2  sing N N 315 
PRO CD  HD3  sing N N 316 
PRO OXT HXT  sing N N 317 
SER N   CA   sing N N 318 
SER N   H    sing N N 319 
SER N   H2   sing N N 320 
SER CA  C    sing N N 321 
SER CA  CB   sing N N 322 
SER CA  HA   sing N N 323 
SER C   O    doub N N 324 
SER C   OXT  sing N N 325 
SER CB  OG   sing N N 326 
SER CB  HB2  sing N N 327 
SER CB  HB3  sing N N 328 
SER OG  HG   sing N N 329 
SER OXT HXT  sing N N 330 
THR N   CA   sing N N 331 
THR N   H    sing N N 332 
THR N   H2   sing N N 333 
THR CA  C    sing N N 334 
THR CA  CB   sing N N 335 
THR CA  HA   sing N N 336 
THR C   O    doub N N 337 
THR C   OXT  sing N N 338 
THR CB  OG1  sing N N 339 
THR CB  CG2  sing N N 340 
THR CB  HB   sing N N 341 
THR OG1 HG1  sing N N 342 
THR CG2 HG21 sing N N 343 
THR CG2 HG22 sing N N 344 
THR CG2 HG23 sing N N 345 
THR OXT HXT  sing N N 346 
TRP N   CA   sing N N 347 
TRP N   H    sing N N 348 
TRP N   H2   sing N N 349 
TRP CA  C    sing N N 350 
TRP CA  CB   sing N N 351 
TRP CA  HA   sing N N 352 
TRP C   O    doub N N 353 
TRP C   OXT  sing N N 354 
TRP CB  CG   sing N N 355 
TRP CB  HB2  sing N N 356 
TRP CB  HB3  sing N N 357 
TRP CG  CD1  doub Y N 358 
TRP CG  CD2  sing Y N 359 
TRP CD1 NE1  sing Y N 360 
TRP CD1 HD1  sing N N 361 
TRP CD2 CE2  doub Y N 362 
TRP CD2 CE3  sing Y N 363 
TRP NE1 CE2  sing Y N 364 
TRP NE1 HE1  sing N N 365 
TRP CE2 CZ2  sing Y N 366 
TRP CE3 CZ3  doub Y N 367 
TRP CE3 HE3  sing N N 368 
TRP CZ2 CH2  doub Y N 369 
TRP CZ2 HZ2  sing N N 370 
TRP CZ3 CH2  sing Y N 371 
TRP CZ3 HZ3  sing N N 372 
TRP CH2 HH2  sing N N 373 
TRP OXT HXT  sing N N 374 
TYR N   CA   sing N N 375 
TYR N   H    sing N N 376 
TYR N   H2   sing N N 377 
TYR CA  C    sing N N 378 
TYR CA  CB   sing N N 379 
TYR CA  HA   sing N N 380 
TYR C   O    doub N N 381 
TYR C   OXT  sing N N 382 
TYR CB  CG   sing N N 383 
TYR CB  HB2  sing N N 384 
TYR CB  HB3  sing N N 385 
TYR CG  CD1  doub Y N 386 
TYR CG  CD2  sing Y N 387 
TYR CD1 CE1  sing Y N 388 
TYR CD1 HD1  sing N N 389 
TYR CD2 CE2  doub Y N 390 
TYR CD2 HD2  sing N N 391 
TYR CE1 CZ   doub Y N 392 
TYR CE1 HE1  sing N N 393 
TYR CE2 CZ   sing Y N 394 
TYR CE2 HE2  sing N N 395 
TYR CZ  OH   sing N N 396 
TYR OH  HH   sing N N 397 
TYR OXT HXT  sing N N 398 
VAL N   CA   sing N N 399 
VAL N   H    sing N N 400 
VAL N   H2   sing N N 401 
VAL CA  C    sing N N 402 
VAL CA  CB   sing N N 403 
VAL CA  HA   sing N N 404 
VAL C   O    doub N N 405 
VAL C   OXT  sing N N 406 
VAL CB  CG1  sing N N 407 
VAL CB  CG2  sing N N 408 
VAL CB  HB   sing N N 409 
VAL CG1 HG11 sing N N 410 
VAL CG1 HG12 sing N N 411 
VAL CG1 HG13 sing N N 412 
VAL CG2 HG21 sing N N 413 
VAL CG2 HG22 sing N N 414 
VAL CG2 HG23 sing N N 415 
VAL OXT HXT  sing N N 416 
# 
_pdbx_entity_instance_feature.ordinal        1 
_pdbx_entity_instance_feature.comp_id        8JF 
_pdbx_entity_instance_feature.asym_id        ? 
_pdbx_entity_instance_feature.seq_num        ? 
_pdbx_entity_instance_feature.auth_comp_id   8JF 
_pdbx_entity_instance_feature.auth_asym_id   ? 
_pdbx_entity_instance_feature.auth_seq_num   ? 
_pdbx_entity_instance_feature.feature_type   'SUBJECT OF INVESTIGATION' 
_pdbx_entity_instance_feature.details        ? 
# 
loop_
_pdbx_entity_nonpoly.entity_id 
_pdbx_entity_nonpoly.name 
_pdbx_entity_nonpoly.comp_id 
2 'N-[5-(2,3-dimethylphenyl)-1,6-naphthyridin-7-yl]acetamide' 8JF 
3 water                                                       HOH 
# 
_pdbx_initial_refinement_model.id               1 
_pdbx_initial_refinement_model.entity_id_list   ? 
_pdbx_initial_refinement_model.type             'experimental model' 
_pdbx_initial_refinement_model.source_name      PDB 
_pdbx_initial_refinement_model.accession_code   3ZR0 
_pdbx_initial_refinement_model.details          ? 
# 
_pdbx_struct_assembly_auth_evidence.id                     1 
_pdbx_struct_assembly_auth_evidence.assembly_id            1 
_pdbx_struct_assembly_auth_evidence.experimental_support   none 
_pdbx_struct_assembly_auth_evidence.details                ? 
# 
_space_group.name_H-M_alt     'P 2 21 21' 
_space_group.name_Hall        'P 2 2ab (z,x,y)' 
_space_group.IT_number        18 
_space_group.crystal_system   orthorhombic 
_space_group.id               1 
# 
